data_3VRS
# 
_entry.id   3VRS 
# 
_audit_conform.dict_name       mmcif_pdbx.dic 
_audit_conform.dict_version    5.379 
_audit_conform.dict_location   http://mmcif.pdb.org/dictionaries/ascii/mmcif_pdbx.dic 
# 
loop_
_database_2.database_id 
_database_2.database_code 
_database_2.pdbx_database_accession 
_database_2.pdbx_DOI 
PDB   3VRS         pdb_00003vrs 10.2210/pdb3vrs/pdb 
NDB   NA1734       ?            ?                   
RCSB  RCSB095420   ?            ?                   
WWPDB D_1000095420 ?            ?                   
# 
loop_
_pdbx_database_related.db_name 
_pdbx_database_related.db_id 
_pdbx_database_related.details 
_pdbx_database_related.content_type 
PDB 4EN5 . unspecified 
PDB 4ENA . unspecified 
PDB 4ENB . unspecified 
PDB 4ENC . unspecified 
# 
_pdbx_database_status.status_code                     REL 
_pdbx_database_status.entry_id                        3VRS 
_pdbx_database_status.recvd_initial_deposition_date   2012-04-13 
_pdbx_database_status.deposit_site                    PDBJ 
_pdbx_database_status.process_site                    RCSB 
_pdbx_database_status.status_code_sf                  REL 
_pdbx_database_status.status_code_mr                  ? 
_pdbx_database_status.SG_entry                        ? 
_pdbx_database_status.status_code_cs                  ? 
_pdbx_database_status.methods_development_category    ? 
_pdbx_database_status.pdb_format_compatible           Y 
_pdbx_database_status.status_code_nmr_data            ? 
# 
loop_
_audit_author.name 
_audit_author.pdbx_ordinal 
'Ren, A.M.'         1 
'Rajashankar, K.R.' 2 
'Patel, D.J.'       3 
# 
_citation.id                        primary 
_citation.title                     'Fluoride ion encapsulation by Mg2+ ions and phosphates in a fluoride riboswitch.' 
_citation.journal_abbrev            Nature 
_citation.journal_volume            486 
_citation.page_first                85 
_citation.page_last                 89 
_citation.year                      2012 
_citation.journal_id_ASTM           NATUAS 
_citation.country                   UK 
_citation.journal_id_ISSN           0028-0836 
_citation.journal_id_CSD            0006 
_citation.book_publisher            ? 
_citation.pdbx_database_id_PubMed   22678284 
_citation.pdbx_database_id_DOI      10.1038/nature11152 
# 
loop_
_citation_author.citation_id 
_citation_author.name 
_citation_author.ordinal 
_citation_author.identifier_ORCID 
primary 'Ren, A.'           1 ? 
primary 'Rajashankar, K.R.' 2 ? 
primary 'Patel, D.J.'       3 ? 
# 
_cell.entry_id           3VRS 
_cell.length_a           57.846 
_cell.length_b           77.203 
_cell.length_c           42.094 
_cell.angle_alpha        90.00 
_cell.angle_beta         90.00 
_cell.angle_gamma        90.00 
_cell.Z_PDB              4 
_cell.pdbx_unique_axis   ? 
_cell.length_a_esd       ? 
_cell.length_b_esd       ? 
_cell.length_c_esd       ? 
_cell.angle_alpha_esd    ? 
_cell.angle_beta_esd     ? 
_cell.angle_gamma_esd    ? 
# 
_symmetry.entry_id                         3VRS 
_symmetry.space_group_name_H-M             'P 21 21 2' 
_symmetry.pdbx_full_space_group_name_H-M   ? 
_symmetry.cell_setting                     ? 
_symmetry.Int_Tables_number                18 
_symmetry.space_group_name_Hall            ? 
# 
loop_
_entity.id 
_entity.type 
_entity.src_method 
_entity.pdbx_description 
_entity.formula_weight 
_entity.pdbx_number_of_molecules 
_entity.pdbx_ec 
_entity.pdbx_mutation 
_entity.pdbx_fragment 
_entity.details 
1 polymer     syn 'Fluoride riboswitch' 16777.037 1  ? ? ? ? 
2 non-polymer syn 'MANGANESE (II) ION'  54.938    9  ? ? ? ? 
3 non-polymer syn 'POTASSIUM ION'       39.098    1  ? ? ? ? 
4 non-polymer syn 'FLUORIDE ION'        18.998    1  ? ? ? ? 
5 water       nat water                 18.015    19 ? ? ? ? 
# 
_entity_poly.entity_id                      1 
_entity_poly.type                           polyribonucleotide 
_entity_poly.nstd_linkage                   no 
_entity_poly.nstd_monomer                   no 
_entity_poly.pdbx_seq_one_letter_code       GGGCGAUGAGGCCCGCCCAAACUGCCCUGAAAAGGGCUGAUGGCCUCUACUG 
_entity_poly.pdbx_seq_one_letter_code_can   GGGCGAUGAGGCCCGCCCAAACUGCCCUGAAAAGGGCUGAUGGCCUCUACUG 
_entity_poly.pdbx_strand_id                 A 
_entity_poly.pdbx_target_identifier         ? 
# 
loop_
_entity_poly_seq.entity_id 
_entity_poly_seq.num 
_entity_poly_seq.mon_id 
_entity_poly_seq.hetero 
1 1  G n 
1 2  G n 
1 3  G n 
1 4  C n 
1 5  G n 
1 6  A n 
1 7  U n 
1 8  G n 
1 9  A n 
1 10 G n 
1 11 G n 
1 12 C n 
1 13 C n 
1 14 C n 
1 15 G n 
1 16 C n 
1 17 C n 
1 18 C n 
1 19 A n 
1 20 A n 
1 21 A n 
1 22 C n 
1 23 U n 
1 24 G n 
1 25 C n 
1 26 C n 
1 27 C n 
1 28 U n 
1 29 G n 
1 30 A n 
1 31 A n 
1 32 A n 
1 33 A n 
1 34 G n 
1 35 G n 
1 36 G n 
1 37 C n 
1 38 U n 
1 39 G n 
1 40 A n 
1 41 U n 
1 42 G n 
1 43 G n 
1 44 C n 
1 45 C n 
1 46 U n 
1 47 C n 
1 48 U n 
1 49 A n 
1 50 C n 
1 51 U n 
1 52 G n 
# 
_pdbx_entity_src_syn.entity_id              1 
_pdbx_entity_src_syn.pdbx_src_id            1 
_pdbx_entity_src_syn.pdbx_alt_source_flag   sample 
_pdbx_entity_src_syn.pdbx_beg_seq_num       ? 
_pdbx_entity_src_syn.pdbx_end_seq_num       ? 
_pdbx_entity_src_syn.organism_scientific    'Thermotoga petrophila' 
_pdbx_entity_src_syn.organism_common_name   ? 
_pdbx_entity_src_syn.ncbi_taxonomy_id       93929 
_pdbx_entity_src_syn.details                'RNA was prepared by in vitro transcription with T7 RNA polymerase.' 
# 
_struct_ref.id                         1 
_struct_ref.db_name                    PDB 
_struct_ref.db_code                    3VRS 
_struct_ref.pdbx_db_accession          3VRS 
_struct_ref.entity_id                  1 
_struct_ref.pdbx_align_begin           1 
_struct_ref.pdbx_seq_one_letter_code   GGGCGAUGAGGCCCGCCCAAACUGCCCUGAAAAGGGCUGAUGGCCUCUACUG 
_struct_ref.pdbx_db_isoform            ? 
# 
_struct_ref_seq.align_id                      1 
_struct_ref_seq.ref_id                        1 
_struct_ref_seq.pdbx_PDB_id_code              3VRS 
_struct_ref_seq.pdbx_strand_id                A 
_struct_ref_seq.seq_align_beg                 1 
_struct_ref_seq.pdbx_seq_align_beg_ins_code   ? 
_struct_ref_seq.seq_align_end                 52 
_struct_ref_seq.pdbx_seq_align_end_ins_code   ? 
_struct_ref_seq.pdbx_db_accession             3VRS 
_struct_ref_seq.db_align_beg                  1 
_struct_ref_seq.pdbx_db_align_beg_ins_code    ? 
_struct_ref_seq.db_align_end                  52 
_struct_ref_seq.pdbx_db_align_end_ins_code    ? 
_struct_ref_seq.pdbx_auth_seq_align_beg       1 
_struct_ref_seq.pdbx_auth_seq_align_end       52 
# 
loop_
_chem_comp.id 
_chem_comp.type 
_chem_comp.mon_nstd_flag 
_chem_comp.name 
_chem_comp.pdbx_synonyms 
_chem_comp.formula 
_chem_comp.formula_weight 
A   'RNA linking' y "ADENOSINE-5'-MONOPHOSPHATE" ? 'C10 H14 N5 O7 P' 347.221 
C   'RNA linking' y "CYTIDINE-5'-MONOPHOSPHATE"  ? 'C9 H14 N3 O8 P'  323.197 
F   non-polymer   . 'FLUORIDE ION'               ? 'F -1'            18.998  
G   'RNA linking' y "GUANOSINE-5'-MONOPHOSPHATE" ? 'C10 H14 N5 O8 P' 363.221 
HOH non-polymer   . WATER                        ? 'H2 O'            18.015  
K   non-polymer   . 'POTASSIUM ION'              ? 'K 1'             39.098  
MN  non-polymer   . 'MANGANESE (II) ION'         ? 'Mn 2'            54.938  
U   'RNA linking' y "URIDINE-5'-MONOPHOSPHATE"   ? 'C9 H13 N2 O9 P'  324.181 
# 
_exptl.entry_id          3VRS 
_exptl.method            'X-RAY DIFFRACTION' 
_exptl.crystals_number   ? 
# 
_exptl_crystal.id                    1 
_exptl_crystal.density_meas          ? 
_exptl_crystal.density_Matthews      2.80 
_exptl_crystal.density_percent_sol   56.09 
_exptl_crystal.description           ? 
_exptl_crystal.F_000                 ? 
_exptl_crystal.preparation           ? 
# 
_exptl_crystal_grow.crystal_id      1 
_exptl_crystal_grow.method          'VAPOR DIFFUSION' 
_exptl_crystal_grow.temp            293 
_exptl_crystal_grow.temp_details    ? 
_exptl_crystal_grow.pH              7.0 
_exptl_crystal_grow.pdbx_details    
;0.1 M sodium cacodylate, pH 7.0, 20 mM spermine, 160 mM potassium chloride, 50 mM manganese chloride, 20% MPD, VAPOR DIFFUSION, temperature 293K
;
_exptl_crystal_grow.pdbx_pH_range   ? 
# 
_diffrn.id                     1 
_diffrn.ambient_temp           100 
_diffrn.ambient_temp_details   ? 
_diffrn.crystal_id             1 
# 
_diffrn_detector.diffrn_id              1 
_diffrn_detector.detector               CCD 
_diffrn_detector.type                   'ADSC QUANTUM 315' 
_diffrn_detector.pdbx_collection_date   ? 
_diffrn_detector.details                ? 
# 
_diffrn_radiation.diffrn_id                        1 
_diffrn_radiation.wavelength_id                    1 
_diffrn_radiation.pdbx_monochromatic_or_laue_m_l   M 
_diffrn_radiation.monochromator                    'double crystal Si(111)' 
_diffrn_radiation.pdbx_diffrn_protocol             'SINGLE WAVELENGTH' 
_diffrn_radiation.pdbx_scattering_type             x-ray 
# 
_diffrn_radiation_wavelength.id           1 
_diffrn_radiation_wavelength.wavelength   1.7712 
_diffrn_radiation_wavelength.wt           1.0 
# 
_diffrn_source.diffrn_id                   1 
_diffrn_source.source                      SYNCHROTRON 
_diffrn_source.type                        'APS BEAMLINE 24-ID-C' 
_diffrn_source.pdbx_synchrotron_site       APS 
_diffrn_source.pdbx_synchrotron_beamline   24-ID-C 
_diffrn_source.pdbx_wavelength             ? 
_diffrn_source.pdbx_wavelength_list        1.7712 
# 
_reflns.entry_id                     3VRS 
_reflns.observed_criterion_sigma_I   ? 
_reflns.observed_criterion_sigma_F   ? 
_reflns.d_resolution_low             20 
_reflns.d_resolution_high            2.6 
_reflns.number_obs                   6020 
_reflns.number_all                   6168 
_reflns.percent_possible_obs         ? 
_reflns.pdbx_Rmerge_I_obs            0.081 
_reflns.pdbx_Rsym_value              0.074 
_reflns.pdbx_netI_over_sigmaI        11.0 
_reflns.B_iso_Wilson_estimate        ? 
_reflns.pdbx_redundancy              3.4 
_reflns.R_free_details               ? 
_reflns.limit_h_max                  ? 
_reflns.limit_h_min                  ? 
_reflns.limit_k_max                  ? 
_reflns.limit_k_min                  ? 
_reflns.limit_l_max                  ? 
_reflns.limit_l_min                  ? 
_reflns.observed_criterion_F_max     ? 
_reflns.observed_criterion_F_min     ? 
_reflns.pdbx_chi_squared             ? 
_reflns.pdbx_scaling_rejects         ? 
_reflns.pdbx_ordinal                 1 
_reflns.pdbx_diffrn_id               1 
# 
_refine.entry_id                                 3VRS 
_refine.ls_number_reflns_obs                     6020 
_refine.ls_number_reflns_all                     ? 
_refine.pdbx_ls_sigma_I                          ? 
_refine.pdbx_ls_sigma_F                          1.36 
_refine.pdbx_data_cutoff_high_absF               ? 
_refine.pdbx_data_cutoff_low_absF                ? 
_refine.pdbx_data_cutoff_high_rms_absF           ? 
_refine.ls_d_res_low                             19.779 
_refine.ls_d_res_high                            2.603 
_refine.ls_percent_reflns_obs                    92.85 
_refine.ls_R_factor_obs                          0.2238 
_refine.ls_R_factor_all                          ? 
_refine.ls_R_factor_R_work                       0.2195 
_refine.ls_R_factor_R_free                       0.2617 
_refine.ls_R_factor_R_free_error                 ? 
_refine.ls_R_factor_R_free_error_details         ? 
_refine.ls_percent_reflns_R_free                 10.15 
_refine.ls_number_reflns_R_free                  275 
_refine.ls_number_parameters                     ? 
_refine.ls_number_restraints                     ? 
_refine.occupancy_min                            ? 
_refine.occupancy_max                            ? 
_refine.correlation_coeff_Fo_to_Fc               ? 
_refine.correlation_coeff_Fo_to_Fc_free          ? 
_refine.B_iso_mean                               ? 
_refine.aniso_B[1][1]                            4.9229 
_refine.aniso_B[2][2]                            -9.6741 
_refine.aniso_B[3][3]                            4.7512 
_refine.aniso_B[1][2]                            -0.0000 
_refine.aniso_B[1][3]                            0.0000 
_refine.aniso_B[2][3]                            -0.0000 
_refine.solvent_model_details                    'FLAT BULK SOLVENT MODEL' 
_refine.solvent_model_param_ksol                 0.350 
_refine.solvent_model_param_bsol                 44.111 
_refine.pdbx_solvent_vdw_probe_radii             1.11 
_refine.pdbx_solvent_ion_probe_radii             ? 
_refine.pdbx_solvent_shrinkage_radii             0.90 
_refine.pdbx_ls_cross_valid_method               ? 
_refine.details                                  ? 
_refine.pdbx_starting_model                      'PDB ENTRY 4ENB' 
_refine.pdbx_method_to_determine_struct          'MOLECULAR REPLACEMENT' 
_refine.pdbx_isotropic_thermal_model             ? 
_refine.pdbx_stereochemistry_target_values       ML 
_refine.pdbx_stereochem_target_val_spec_case     ? 
_refine.pdbx_R_Free_selection_details            ? 
_refine.pdbx_overall_ESU_R                       ? 
_refine.pdbx_overall_ESU_R_Free                  ? 
_refine.overall_SU_ML                            0.60 
_refine.pdbx_overall_phase_error                 29.48 
_refine.overall_SU_B                             ? 
_refine.overall_SU_R_Cruickshank_DPI             ? 
_refine.ls_redundancy_reflns_obs                 ? 
_refine.B_iso_min                                ? 
_refine.B_iso_max                                ? 
_refine.overall_SU_R_free                        ? 
_refine.ls_wR_factor_R_free                      ? 
_refine.ls_wR_factor_R_work                      ? 
_refine.overall_FOM_free_R_set                   ? 
_refine.overall_FOM_work_R_set                   ? 
_refine.pdbx_diffrn_id                           1 
_refine.pdbx_refine_id                           'X-RAY DIFFRACTION' 
_refine.pdbx_TLS_residual_ADP_flag               ? 
_refine.pdbx_overall_SU_R_free_Cruickshank_DPI   ? 
_refine.pdbx_overall_SU_R_Blow_DPI               ? 
_refine.pdbx_overall_SU_R_free_Blow_DPI          ? 
# 
_refine_hist.pdbx_refine_id                   'X-RAY DIFFRACTION' 
_refine_hist.cycle_id                         LAST 
_refine_hist.pdbx_number_atoms_protein        0 
_refine_hist.pdbx_number_atoms_nucleic_acid   1109 
_refine_hist.pdbx_number_atoms_ligand         11 
_refine_hist.number_atoms_solvent             19 
_refine_hist.number_atoms_total               1139 
_refine_hist.d_res_high                       2.603 
_refine_hist.d_res_low                        19.779 
# 
loop_
_refine_ls_restr.type 
_refine_ls_restr.dev_ideal 
_refine_ls_restr.dev_ideal_target 
_refine_ls_restr.weight 
_refine_ls_restr.number 
_refine_ls_restr.pdbx_restraint_function 
_refine_ls_restr.pdbx_refine_id 
f_bond_d           0.028  ? ? 1272 ? 'X-RAY DIFFRACTION' 
f_angle_d          0.884  ? ? 1994 ? 'X-RAY DIFFRACTION' 
f_dihedral_angle_d 13.398 ? ? 619  ? 'X-RAY DIFFRACTION' 
f_chiral_restr     0.062  ? ? 259  ? 'X-RAY DIFFRACTION' 
f_plane_restr      0.009  ? ? 52   ? 'X-RAY DIFFRACTION' 
# 
loop_
_refine_ls_shell.pdbx_total_number_of_bins_used 
_refine_ls_shell.d_res_high 
_refine_ls_shell.d_res_low 
_refine_ls_shell.number_reflns_R_work 
_refine_ls_shell.R_factor_R_work 
_refine_ls_shell.percent_reflns_obs 
_refine_ls_shell.R_factor_R_free 
_refine_ls_shell.R_factor_R_free_error 
_refine_ls_shell.percent_reflns_R_free 
_refine_ls_shell.number_reflns_R_free 
_refine_ls_shell.number_reflns_all 
_refine_ls_shell.R_factor_all 
_refine_ls_shell.number_reflns_obs 
_refine_ls_shell.redundancy_reflns_obs 
_refine_ls_shell.pdbx_refine_id 
. 2.603  2.7207  1152 0.5081 92.0 0.5446 . . 126 . . . . 'X-RAY DIFFRACTION' 
. 2.7207 2.8637  1152 0.4632 91.0 0.5095 . . 133 . . . . 'X-RAY DIFFRACTION' 
. 2.8637 3.0426  1171 0.3497 93.0 0.4146 . . 126 . . . . 'X-RAY DIFFRACTION' 
. 3.0426 3.2765  1168 0.2383 93.0 0.2856 . . 133 . . . . 'X-RAY DIFFRACTION' 
. 3.2765 3.6044  1146 0.2381 92.0 0.2493 . . 131 . . . . 'X-RAY DIFFRACTION' 
. 3.6044 4.1219  1170 0.2157 94.0 0.2876 . . 142 . . . . 'X-RAY DIFFRACTION' 
. 4.1219 5.1777  1177 0.1645 94.0 0.1893 . . 136 . . . . 'X-RAY DIFFRACTION' 
. 5.1777 19.7791 1173 0.1676 93.0 0.2144 . . 125 . . . . 'X-RAY DIFFRACTION' 
# 
_struct.entry_id                  3VRS 
_struct.title                     'Crystal structure of fluoride riboswitch, soaked in Mn2+' 
_struct.pdbx_model_details        ? 
_struct.pdbx_CASP_flag            ? 
_struct.pdbx_model_type_details   ? 
# 
_struct_keywords.entry_id        3VRS 
_struct_keywords.pdbx_keywords   RNA 
_struct_keywords.text            'pseudoknot, RNA' 
# 
loop_
_struct_asym.id 
_struct_asym.pdbx_blank_PDB_chainid_flag 
_struct_asym.pdbx_modified 
_struct_asym.entity_id 
_struct_asym.details 
A N N 1 ? 
B N N 2 ? 
C N N 2 ? 
D N N 2 ? 
E N N 2 ? 
F N N 2 ? 
G N N 2 ? 
H N N 2 ? 
I N N 2 ? 
J N N 2 ? 
K N N 3 ? 
L N N 4 ? 
M N N 5 ? 
# 
_struct_biol.id        1 
_struct_biol.details   ? 
# 
loop_
_struct_conn.id 
_struct_conn.conn_type_id 
_struct_conn.pdbx_leaving_atom_flag 
_struct_conn.pdbx_PDB_id 
_struct_conn.ptnr1_label_asym_id 
_struct_conn.ptnr1_label_comp_id 
_struct_conn.ptnr1_label_seq_id 
_struct_conn.ptnr1_label_atom_id 
_struct_conn.pdbx_ptnr1_label_alt_id 
_struct_conn.pdbx_ptnr1_PDB_ins_code 
_struct_conn.pdbx_ptnr1_standard_comp_id 
_struct_conn.ptnr1_symmetry 
_struct_conn.ptnr2_label_asym_id 
_struct_conn.ptnr2_label_comp_id 
_struct_conn.ptnr2_label_seq_id 
_struct_conn.ptnr2_label_atom_id 
_struct_conn.pdbx_ptnr2_label_alt_id 
_struct_conn.pdbx_ptnr2_PDB_ins_code 
_struct_conn.ptnr1_auth_asym_id 
_struct_conn.ptnr1_auth_comp_id 
_struct_conn.ptnr1_auth_seq_id 
_struct_conn.ptnr2_auth_asym_id 
_struct_conn.ptnr2_auth_comp_id 
_struct_conn.ptnr2_auth_seq_id 
_struct_conn.ptnr2_symmetry 
_struct_conn.pdbx_ptnr3_label_atom_id 
_struct_conn.pdbx_ptnr3_label_seq_id 
_struct_conn.pdbx_ptnr3_label_comp_id 
_struct_conn.pdbx_ptnr3_label_asym_id 
_struct_conn.pdbx_ptnr3_label_alt_id 
_struct_conn.pdbx_ptnr3_PDB_ins_code 
_struct_conn.details 
_struct_conn.pdbx_dist_value 
_struct_conn.pdbx_value_order 
_struct_conn.pdbx_role 
metalc1  metalc ? ? A G  2  N7    ? ? ? 1_555 E MN  .  MN ? ? A G  2   A MN  104 1_555 ? ? ? ? ? ? ?                       2.388 ? 
? 
metalc2  metalc ? ? A G  5  OP1   ? ? ? 1_555 K K   .  K  ? ? A G  5   A K   110 1_555 ? ? ? ? ? ? ?                       2.610 ? 
? 
metalc3  metalc ? ? A A  6  OP2   ? ? ? 1_555 B MN  .  MN ? ? A A  6   A MN  101 1_555 ? ? ? ? ? ? ?                       2.055 ? 
? 
metalc4  metalc ? ? A A  6  OP1   ? ? ? 1_555 C MN  .  MN ? ? A A  6   A MN  102 1_555 ? ? ? ? ? ? ?                       2.093 ? 
? 
metalc5  metalc ? ? A A  6  OP1   ? ? ? 1_555 K K   .  K  ? ? A A  6   A K   110 1_555 ? ? ? ? ? ? ?                       3.106 ? 
? 
metalc6  metalc ? ? A A  6  "O3'" ? ? ? 1_555 K K   .  K  ? ? A A  6   A K   110 1_555 ? ? ? ? ? ? ?                       3.227 ? 
? 
metalc7  metalc ? ? A U  7  OP2   ? ? ? 1_555 B MN  .  MN ? ? A U  7   A MN  101 1_555 ? ? ? ? ? ? ?                       1.936 ? 
? 
metalc8  metalc ? ? A U  7  OP1   ? ? ? 1_555 D MN  .  MN ? ? A U  7   A MN  103 1_555 ? ? ? ? ? ? ?                       2.016 ? 
? 
metalc9  metalc ? ? A U  7  OP1   ? ? ? 1_555 K K   .  K  ? ? A U  7   A K   110 1_555 ? ? ? ? ? ? ?                       2.660 ? 
? 
metalc10 metalc ? ? A G  8  OP2   ? ? ? 1_555 D MN  .  MN ? ? A G  8   A MN  103 1_555 ? ? ? ? ? ? ?                       1.947 ? 
? 
metalc11 metalc ? ? A G  24 N7    ? ? ? 1_555 G MN  .  MN ? ? A G  24  A MN  106 1_555 ? ? ? ? ? ? ?                       2.658 ? 
? 
metalc12 metalc ? ? A G  29 OP2   ? ? ? 1_555 J MN  .  MN ? ? A G  29  A MN  109 1_555 ? ? ? ? ? ? ?                       2.705 ? 
? 
metalc13 metalc ? ? A G  35 N7    ? ? ? 1_555 H MN  .  MN ? ? A G  35  A MN  107 1_555 ? ? ? ? ? ? ?                       2.582 ? 
? 
metalc14 metalc ? ? A A  40 OP2   ? ? ? 1_555 F MN  .  MN ? ? A A  40  A MN  105 1_555 ? ? ? ? ? ? ?                       2.067 ? 
? 
metalc15 metalc ? ? A U  41 OP1   ? ? ? 1_555 B MN  .  MN ? ? A U  41  A MN  101 1_555 ? ? ? ? ? ? ?                       2.114 ? 
? 
metalc16 metalc ? ? A G  42 OP2   ? ? ? 1_555 B MN  .  MN ? ? A G  42  A MN  101 1_555 ? ? ? ? ? ? ?                       2.173 ? 
? 
metalc17 metalc ? ? A G  42 OP1   ? ? ? 1_555 C MN  .  MN ? ? A G  42  A MN  102 1_555 ? ? ? ? ? ? ?                       2.190 ? 
? 
metalc18 metalc ? ? B MN .  MN    ? ? ? 1_555 L F   .  F  ? ? A MN 101 A F   111 1_555 ? ? ? ? ? ? ?                       2.167 ? 
? 
metalc19 metalc ? ? B MN .  MN    ? ? ? 1_555 M HOH .  O  ? ? A MN 101 A HOH 204 1_555 ? ? ? ? ? ? ?                       2.213 ? 
? 
metalc20 metalc ? ? C MN .  MN    ? ? ? 1_555 L F   .  F  ? ? A MN 102 A F   111 1_555 ? ? ? ? ? ? ?                       2.128 ? 
? 
metalc21 metalc ? ? C MN .  MN    ? ? ? 1_555 M HOH .  O  ? ? A MN 102 A HOH 202 1_555 ? ? ? ? ? ? ?                       2.172 ? 
? 
metalc22 metalc ? ? C MN .  MN    ? ? ? 1_555 M HOH .  O  ? ? A MN 102 A HOH 211 1_555 ? ? ? ? ? ? ?                       2.323 ? 
? 
metalc23 metalc ? ? C MN .  MN    ? ? ? 1_555 M HOH .  O  ? ? A MN 102 A HOH 213 1_555 ? ? ? ? ? ? ?                       2.156 ? 
? 
metalc24 metalc ? ? D MN .  MN    ? ? ? 1_555 L F   .  F  ? ? A MN 103 A F   111 1_555 ? ? ? ? ? ? ?                       2.259 ? 
? 
metalc25 metalc ? ? D MN .  MN    ? ? ? 1_555 M HOH .  O  ? ? A MN 103 A HOH 201 1_555 ? ? ? ? ? ? ?                       2.204 ? 
? 
metalc26 metalc ? ? D MN .  MN    ? ? ? 1_555 M HOH .  O  ? ? A MN 103 A HOH 203 1_555 ? ? ? ? ? ? ?                       2.219 ? 
? 
metalc27 metalc ? ? D MN .  MN    ? ? ? 1_555 M HOH .  O  ? ? A MN 103 A HOH 211 1_555 ? ? ? ? ? ? ?                       2.273 ? 
? 
metalc28 metalc ? ? E MN .  MN    ? ? ? 1_555 M HOH .  O  ? ? A MN 104 A HOH 215 1_555 ? ? ? ? ? ? ?                       2.258 ? 
? 
metalc29 metalc ? ? E MN .  MN    ? ? ? 1_555 M HOH .  O  ? ? A MN 104 A HOH 218 1_555 ? ? ? ? ? ? ?                       2.304 ? 
? 
metalc30 metalc ? ? F MN .  MN    ? ? ? 1_555 M HOH .  O  ? ? A MN 105 A HOH 205 1_555 ? ? ? ? ? ? ?                       2.255 ? 
? 
metalc31 metalc ? ? F MN .  MN    ? ? ? 1_555 M HOH .  O  ? ? A MN 105 A HOH 206 1_555 ? ? ? ? ? ? ?                       2.266 ? 
? 
metalc32 metalc ? ? F MN .  MN    ? ? ? 1_555 M HOH .  O  ? ? A MN 105 A HOH 209 1_555 ? ? ? ? ? ? ?                       2.239 ? 
? 
metalc33 metalc ? ? F MN .  MN    ? ? ? 1_555 M HOH .  O  ? ? A MN 105 A HOH 210 1_555 ? ? ? ? ? ? ?                       2.213 ? 
? 
metalc34 metalc ? ? K K  .  K     ? ? ? 1_555 M HOH .  O  ? ? A K  110 A HOH 211 1_555 ? ? ? ? ? ? ?                       2.774 ? 
? 
hydrog1  hydrog ? ? A G  2  N1    ? ? ? 1_555 A C   17 N3 ? ? A G  2   A C   17  1_555 ? ? ? ? ? ? WATSON-CRICK            ?     ? 
? 
hydrog2  hydrog ? ? A G  2  N2    ? ? ? 1_555 A C   17 O2 ? ? A G  2   A C   17  1_555 ? ? ? ? ? ? WATSON-CRICK            ?     ? 
? 
hydrog3  hydrog ? ? A G  2  O6    ? ? ? 1_555 A C   17 N4 ? ? A G  2   A C   17  1_555 ? ? ? ? ? ? WATSON-CRICK            ?     ? 
? 
hydrog4  hydrog ? ? A G  3  N1    ? ? ? 1_555 A C   16 N3 ? ? A G  3   A C   16  1_555 ? ? ? ? ? ? WATSON-CRICK            ?     ? 
? 
hydrog5  hydrog ? ? A G  3  N2    ? ? ? 1_555 A C   16 O2 ? ? A G  3   A C   16  1_555 ? ? ? ? ? ? WATSON-CRICK            ?     ? 
? 
hydrog6  hydrog ? ? A G  3  O6    ? ? ? 1_555 A C   16 N4 ? ? A G  3   A C   16  1_555 ? ? ? ? ? ? WATSON-CRICK            ?     ? 
? 
hydrog7  hydrog ? ? A G  3  N2    ? ? ? 1_555 A A   21 N3 ? ? A G  3   A A   21  1_555 ? ? ? ? ? ? 'G-A MISPAIR'           ?     ? 
? 
hydrog8  hydrog ? ? A C  4  N3    ? ? ? 1_555 A G   15 N1 ? ? A C  4   A G   15  1_555 ? ? ? ? ? ? WATSON-CRICK            ?     ? 
? 
hydrog9  hydrog ? ? A C  4  N4    ? ? ? 1_555 A G   15 O6 ? ? A C  4   A G   15  1_555 ? ? ? ? ? ? WATSON-CRICK            ?     ? 
? 
hydrog10 hydrog ? ? A C  4  O2    ? ? ? 1_555 A G   15 N2 ? ? A C  4   A G   15  1_555 ? ? ? ? ? ? WATSON-CRICK            ?     ? 
? 
hydrog11 hydrog ? ? A G  5  N1    ? ? ? 1_555 A C   14 N3 ? ? A G  5   A C   14  1_555 ? ? ? ? ? ? WATSON-CRICK            ?     ? 
? 
hydrog12 hydrog ? ? A G  5  N2    ? ? ? 1_555 A C   14 O2 ? ? A G  5   A C   14  1_555 ? ? ? ? ? ? WATSON-CRICK            ?     ? 
? 
hydrog13 hydrog ? ? A G  5  O6    ? ? ? 1_555 A C   14 N4 ? ? A G  5   A C   14  1_555 ? ? ? ? ? ? WATSON-CRICK            ?     ? 
? 
hydrog14 hydrog ? ? A A  6  N1    ? ? ? 1_555 A U   38 N3 ? ? A A  6   A U   38  1_555 ? ? ? ? ? ? 'REVERSED WATSON-CRICK' ?     ? 
? 
hydrog15 hydrog ? ? A A  6  N6    ? ? ? 1_555 A U   38 O2 ? ? A A  6   A U   38  1_555 ? ? ? ? ? ? 'REVERSED WATSON-CRICK' ?     ? 
? 
hydrog16 hydrog ? ? A G  8  N1    ? ? ? 1_555 A C   47 N3 ? ? A G  8   A C   47  1_555 ? ? ? ? ? ? WATSON-CRICK            ?     ? 
? 
hydrog17 hydrog ? ? A G  8  N2    ? ? ? 1_555 A C   47 O2 ? ? A G  8   A C   47  1_555 ? ? ? ? ? ? WATSON-CRICK            ?     ? 
? 
hydrog18 hydrog ? ? A G  8  O6    ? ? ? 1_555 A C   47 N4 ? ? A G  8   A C   47  1_555 ? ? ? ? ? ? WATSON-CRICK            ?     ? 
? 
hydrog19 hydrog ? ? A A  9  N1    ? ? ? 1_555 A U   46 N3 ? ? A A  9   A U   46  1_555 ? ? ? ? ? ? WATSON-CRICK            ?     ? 
? 
hydrog20 hydrog ? ? A A  9  N6    ? ? ? 1_555 A U   46 O4 ? ? A A  9   A U   46  1_555 ? ? ? ? ? ? WATSON-CRICK            ?     ? 
? 
hydrog21 hydrog ? ? A G  10 N1    ? ? ? 1_555 A C   45 N3 ? ? A G  10  A C   45  1_555 ? ? ? ? ? ? 'G-C PAIR'              ?     ? 
? 
hydrog22 hydrog ? ? A G  11 N1    ? ? ? 1_555 A C   44 N3 ? ? A G  11  A C   44  1_555 ? ? ? ? ? ? WATSON-CRICK            ?     ? 
? 
hydrog23 hydrog ? ? A G  11 N2    ? ? ? 1_555 A C   44 O2 ? ? A G  11  A C   44  1_555 ? ? ? ? ? ? WATSON-CRICK            ?     ? 
? 
hydrog24 hydrog ? ? A G  11 O6    ? ? ? 1_555 A C   44 N4 ? ? A G  11  A C   44  1_555 ? ? ? ? ? ? WATSON-CRICK            ?     ? 
? 
hydrog25 hydrog ? ? A C  12 N3    ? ? ? 1_555 A G   43 N1 ? ? A C  12  A G   43  1_555 ? ? ? ? ? ? WATSON-CRICK            ?     ? 
? 
hydrog26 hydrog ? ? A C  12 N4    ? ? ? 1_555 A G   43 O6 ? ? A C  12  A G   43  1_555 ? ? ? ? ? ? WATSON-CRICK            ?     ? 
? 
hydrog27 hydrog ? ? A C  12 O2    ? ? ? 1_555 A G   43 N2 ? ? A C  12  A G   43  1_555 ? ? ? ? ? ? WATSON-CRICK            ?     ? 
? 
hydrog28 hydrog ? ? A C  13 N3    ? ? ? 1_555 A G   42 N1 ? ? A C  13  A G   42  1_555 ? ? ? ? ? ? WATSON-CRICK            ?     ? 
? 
hydrog29 hydrog ? ? A C  13 N4    ? ? ? 1_555 A G   42 O6 ? ? A C  13  A G   42  1_555 ? ? ? ? ? ? WATSON-CRICK            ?     ? 
? 
hydrog30 hydrog ? ? A C  13 O2    ? ? ? 1_555 A G   42 N2 ? ? A C  13  A G   42  1_555 ? ? ? ? ? ? WATSON-CRICK            ?     ? 
? 
hydrog31 hydrog ? ? A G  24 N1    ? ? ? 1_555 A C   37 N3 ? ? A G  24  A C   37  1_555 ? ? ? ? ? ? WATSON-CRICK            ?     ? 
? 
hydrog32 hydrog ? ? A G  24 N2    ? ? ? 1_555 A C   37 O2 ? ? A G  24  A C   37  1_555 ? ? ? ? ? ? WATSON-CRICK            ?     ? 
? 
hydrog33 hydrog ? ? A G  24 O6    ? ? ? 1_555 A C   37 N4 ? ? A G  24  A C   37  1_555 ? ? ? ? ? ? WATSON-CRICK            ?     ? 
? 
hydrog34 hydrog ? ? A C  25 N3    ? ? ? 1_555 A G   36 N1 ? ? A C  25  A G   36  1_555 ? ? ? ? ? ? WATSON-CRICK            ?     ? 
? 
hydrog35 hydrog ? ? A C  25 N4    ? ? ? 1_555 A G   36 O6 ? ? A C  25  A G   36  1_555 ? ? ? ? ? ? WATSON-CRICK            ?     ? 
? 
hydrog36 hydrog ? ? A C  25 O2    ? ? ? 1_555 A G   36 N2 ? ? A C  25  A G   36  1_555 ? ? ? ? ? ? WATSON-CRICK            ?     ? 
? 
hydrog37 hydrog ? ? A C  26 N3    ? ? ? 1_555 A G   35 N1 ? ? A C  26  A G   35  1_555 ? ? ? ? ? ? WATSON-CRICK            ?     ? 
? 
hydrog38 hydrog ? ? A C  26 N4    ? ? ? 1_555 A G   35 O6 ? ? A C  26  A G   35  1_555 ? ? ? ? ? ? WATSON-CRICK            ?     ? 
? 
hydrog39 hydrog ? ? A C  26 O2    ? ? ? 1_555 A G   35 N2 ? ? A C  26  A G   35  1_555 ? ? ? ? ? ? WATSON-CRICK            ?     ? 
? 
hydrog40 hydrog ? ? A C  27 N3    ? ? ? 1_555 A G   34 N1 ? ? A C  27  A G   34  1_555 ? ? ? ? ? ? WATSON-CRICK            ?     ? 
? 
hydrog41 hydrog ? ? A C  27 N4    ? ? ? 1_555 A G   34 O6 ? ? A C  27  A G   34  1_555 ? ? ? ? ? ? WATSON-CRICK            ?     ? 
? 
hydrog42 hydrog ? ? A C  27 O2    ? ? ? 1_555 A G   34 N2 ? ? A C  27  A G   34  1_555 ? ? ? ? ? ? WATSON-CRICK            ?     ? 
? 
hydrog43 hydrog ? ? A U  28 N3    ? ? ? 1_555 A A   33 N1 ? ? A U  28  A A   33  1_555 ? ? ? ? ? ? WATSON-CRICK            ?     ? 
? 
hydrog44 hydrog ? ? A U  28 O4    ? ? ? 1_555 A A   33 N6 ? ? A U  28  A A   33  1_555 ? ? ? ? ? ? WATSON-CRICK            ?     ? 
? 
hydrog45 hydrog ? ? A G  29 N2    ? ? ? 1_555 A A   32 N7 ? ? A G  29  A A   32  1_555 ? ? ? ? ? ? 'G-A MISPAIR'           ?     ? 
? 
hydrog46 hydrog ? ? A A  40 N6    ? ? ? 1_555 A U   48 O2 ? ? A A  40  A U   48  1_555 ? ? ? ? ? ? 'REVERSED HOOGSTEEN'    ?     ? 
? 
hydrog47 hydrog ? ? A A  40 N7    ? ? ? 1_555 A U   48 N3 ? ? A A  40  A U   48  1_555 ? ? ? ? ? ? 'REVERSED HOOGSTEEN'    ?     ? 
? 
# 
loop_
_struct_conn_type.id 
_struct_conn_type.criteria 
_struct_conn_type.reference 
metalc ? ? 
hydrog ? ? 
# 
loop_
_struct_site.id 
_struct_site.pdbx_evidence_code 
_struct_site.pdbx_auth_asym_id 
_struct_site.pdbx_auth_comp_id 
_struct_site.pdbx_auth_seq_id 
_struct_site.pdbx_auth_ins_code 
_struct_site.pdbx_num_residues 
_struct_site.details 
AC1 Software A MN 101 ? 7  'BINDING SITE FOR RESIDUE MN A 101' 
AC2 Software A MN 102 ? 8  'BINDING SITE FOR RESIDUE MN A 102' 
AC3 Software A MN 103 ? 7  'BINDING SITE FOR RESIDUE MN A 103' 
AC4 Software A MN 104 ? 3  'BINDING SITE FOR RESIDUE MN A 104' 
AC5 Software A MN 105 ? 5  'BINDING SITE FOR RESIDUE MN A 105' 
AC6 Software A MN 106 ? 1  'BINDING SITE FOR RESIDUE MN A 106' 
AC7 Software A MN 107 ? 1  'BINDING SITE FOR RESIDUE MN A 107' 
AC8 Software A MN 108 ? 1  'BINDING SITE FOR RESIDUE MN A 108' 
AC9 Software A MN 109 ? 2  'BINDING SITE FOR RESIDUE MN A 109' 
BC1 Software A K  110 ? 4  'BINDING SITE FOR RESIDUE K A 110'  
BC2 Software A F  111 ? 11 'BINDING SITE FOR RESIDUE F A 111'  
# 
loop_
_struct_site_gen.id 
_struct_site_gen.site_id 
_struct_site_gen.pdbx_num_res 
_struct_site_gen.label_comp_id 
_struct_site_gen.label_asym_id 
_struct_site_gen.label_seq_id 
_struct_site_gen.pdbx_auth_ins_code 
_struct_site_gen.auth_comp_id 
_struct_site_gen.auth_asym_id 
_struct_site_gen.auth_seq_id 
_struct_site_gen.label_atom_id 
_struct_site_gen.label_alt_id 
_struct_site_gen.symmetry 
_struct_site_gen.details 
1  AC1 7  A   A 6  ? A   A 6   . ? 1_555 ? 
2  AC1 7  U   A 7  ? U   A 7   . ? 1_555 ? 
3  AC1 7  U   A 41 ? U   A 41  . ? 1_555 ? 
4  AC1 7  G   A 42 ? G   A 42  . ? 1_555 ? 
5  AC1 7  MN  C .  ? MN  A 102 . ? 1_555 ? 
6  AC1 7  F   L .  ? F   A 111 . ? 1_555 ? 
7  AC1 7  HOH M .  ? HOH A 204 . ? 1_555 ? 
8  AC2 8  A   A 6  ? A   A 6   . ? 1_555 ? 
9  AC2 8  G   A 42 ? G   A 42  . ? 1_555 ? 
10 AC2 8  MN  B .  ? MN  A 101 . ? 1_555 ? 
11 AC2 8  MN  D .  ? MN  A 103 . ? 1_555 ? 
12 AC2 8  F   L .  ? F   A 111 . ? 1_555 ? 
13 AC2 8  HOH M .  ? HOH A 202 . ? 1_555 ? 
14 AC2 8  HOH M .  ? HOH A 211 . ? 1_555 ? 
15 AC2 8  HOH M .  ? HOH A 213 . ? 1_555 ? 
16 AC3 7  U   A 7  ? U   A 7   . ? 1_555 ? 
17 AC3 7  G   A 8  ? G   A 8   . ? 1_555 ? 
18 AC3 7  MN  C .  ? MN  A 102 . ? 1_555 ? 
19 AC3 7  F   L .  ? F   A 111 . ? 1_555 ? 
20 AC3 7  HOH M .  ? HOH A 201 . ? 1_555 ? 
21 AC3 7  HOH M .  ? HOH A 203 . ? 1_555 ? 
22 AC3 7  HOH M .  ? HOH A 211 . ? 1_555 ? 
23 AC4 3  G   A 2  ? G   A 2   . ? 1_555 ? 
24 AC4 3  HOH M .  ? HOH A 215 . ? 1_555 ? 
25 AC4 3  HOH M .  ? HOH A 218 . ? 1_555 ? 
26 AC5 5  A   A 40 ? A   A 40  . ? 1_555 ? 
27 AC5 5  HOH M .  ? HOH A 205 . ? 1_555 ? 
28 AC5 5  HOH M .  ? HOH A 206 . ? 1_555 ? 
29 AC5 5  HOH M .  ? HOH A 209 . ? 1_555 ? 
30 AC5 5  HOH M .  ? HOH A 210 . ? 1_555 ? 
31 AC6 1  G   A 24 ? G   A 24  . ? 1_555 ? 
32 AC7 1  G   A 35 ? G   A 35  . ? 1_555 ? 
33 AC8 1  G   A 29 ? G   A 29  . ? 1_555 ? 
34 AC9 2  G   A 29 ? G   A 29  . ? 1_555 ? 
35 AC9 2  A   A 30 ? A   A 30  . ? 1_555 ? 
36 BC1 4  G   A 5  ? G   A 5   . ? 1_555 ? 
37 BC1 4  A   A 6  ? A   A 6   . ? 1_555 ? 
38 BC1 4  U   A 7  ? U   A 7   . ? 1_555 ? 
39 BC1 4  HOH M .  ? HOH A 211 . ? 1_555 ? 
40 BC2 11 A   A 6  ? A   A 6   . ? 1_555 ? 
41 BC2 11 U   A 7  ? U   A 7   . ? 1_555 ? 
42 BC2 11 U   A 41 ? U   A 41  . ? 1_555 ? 
43 BC2 11 G   A 42 ? G   A 42  . ? 1_555 ? 
44 BC2 11 MN  B .  ? MN  A 101 . ? 1_555 ? 
45 BC2 11 MN  C .  ? MN  A 102 . ? 1_555 ? 
46 BC2 11 MN  D .  ? MN  A 103 . ? 1_555 ? 
47 BC2 11 HOH M .  ? HOH A 201 . ? 1_555 ? 
48 BC2 11 HOH M .  ? HOH A 203 . ? 1_555 ? 
49 BC2 11 HOH M .  ? HOH A 211 . ? 1_555 ? 
50 BC2 11 HOH M .  ? HOH A 213 . ? 1_555 ? 
# 
_atom_sites.entry_id                    3VRS 
_atom_sites.fract_transf_matrix[1][1]   -0.00511065 
_atom_sites.fract_transf_matrix[1][2]   0.01570486 
_atom_sites.fract_transf_matrix[1][3]   0.00510675 
_atom_sites.fract_transf_matrix[2][1]   -0.01201131 
_atom_sites.fract_transf_matrix[2][2]   -0.00257225 
_atom_sites.fract_transf_matrix[2][3]   -0.00411001 
_atom_sites.fract_transf_matrix[3][1]   -0.00545434 
_atom_sites.fract_transf_matrix[3][2]   -0.00873601 
_atom_sites.fract_transf_matrix[3][3]   0.02140747 
_atom_sites.fract_transf_vector[1]      -0.218108 
_atom_sites.fract_transf_vector[2]      -0.257805 
_atom_sites.fract_transf_vector[3]      0.239562 
# 
loop_
_atom_type.symbol 
C  
F  
K  
MN 
N  
O  
P  
# 
loop_
_atom_site.group_PDB 
_atom_site.id 
_atom_site.type_symbol 
_atom_site.label_atom_id 
_atom_site.label_alt_id 
_atom_site.label_comp_id 
_atom_site.label_asym_id 
_atom_site.label_entity_id 
_atom_site.label_seq_id 
_atom_site.pdbx_PDB_ins_code 
_atom_site.Cartn_x 
_atom_site.Cartn_y 
_atom_site.Cartn_z 
_atom_site.occupancy 
_atom_site.B_iso_or_equiv 
_atom_site.pdbx_formal_charge 
_atom_site.auth_seq_id 
_atom_site.auth_comp_id 
_atom_site.auth_asym_id 
_atom_site.auth_atom_id 
_atom_site.pdbx_PDB_model_num 
ATOM   1    C  "C5'" . G   A 1 1  ? 19.700  -9.937  10.122  1.00 77.50  ? 1   G   A "C5'" 1 
ATOM   2    C  "C4'" . G   A 1 1  ? 20.518  -10.008 8.851   1.00 82.07  ? 1   G   A "C4'" 1 
ATOM   3    O  "O4'" . G   A 1 1  ? 21.925  -9.969  9.196   1.00 83.37  ? 1   G   A "O4'" 1 
ATOM   4    C  "C3'" . G   A 1 1  ? 20.348  -11.278 8.016   1.00 78.49  ? 1   G   A "C3'" 1 
ATOM   5    O  "O3'" . G   A 1 1  ? 19.252  -11.202 7.094   1.00 77.41  ? 1   G   A "O3'" 1 
ATOM   6    C  "C2'" . G   A 1 1  ? 21.713  -11.434 7.330   1.00 81.76  ? 1   G   A "C2'" 1 
ATOM   7    O  "O2'" . G   A 1 1  ? 21.812  -10.590 6.178   1.00 85.69  ? 1   G   A "O2'" 1 
ATOM   8    C  "C1'" . G   A 1 1  ? 22.663  -10.871 8.393   1.00 79.25  ? 1   G   A "C1'" 1 
ATOM   9    N  N9    . G   A 1 1  ? 23.224  -11.867 9.326   1.00 71.47  ? 1   G   A N9    1 
ATOM   10   C  C8    . G   A 1 1  ? 22.704  -13.050 9.804   1.00 72.36  ? 1   G   A C8    1 
ATOM   11   N  N7    . G   A 1 1  ? 23.506  -13.640 10.662  1.00 71.71  ? 1   G   A N7    1 
ATOM   12   C  C5    . G   A 1 1  ? 24.598  -12.773 10.757  1.00 70.11  ? 1   G   A C5    1 
ATOM   13   C  C6    . G   A 1 1  ? 25.798  -12.837 11.521  1.00 69.51  ? 1   G   A C6    1 
ATOM   14   O  O6    . G   A 1 1  ? 26.165  -13.725 12.303  1.00 75.49  ? 1   G   A O6    1 
ATOM   15   N  N1    . G   A 1 1  ? 26.624  -11.738 11.317  1.00 61.01  ? 1   G   A N1    1 
ATOM   16   C  C2    . G   A 1 1  ? 26.336  -10.706 10.467  1.00 65.10  ? 1   G   A C2    1 
ATOM   17   N  N2    . G   A 1 1  ? 27.257  -9.735  10.388  1.00 65.18  ? 1   G   A N2    1 
ATOM   18   N  N3    . G   A 1 1  ? 25.237  -10.629 9.739   1.00 65.52  ? 1   G   A N3    1 
ATOM   19   C  C4    . G   A 1 1  ? 24.427  -11.683 9.941   1.00 67.59  ? 1   G   A C4    1 
ATOM   20   P  P     . G   A 1 2  ? 18.731  -9.774  6.524   1.00 80.46  ? 2   G   A P     1 
ATOM   21   O  OP1   . G   A 1 2  ? 19.919  -8.942  6.210   1.00 77.66  ? 2   G   A OP1   1 
ATOM   22   O  OP2   . G   A 1 2  ? 17.724  -9.254  7.492   1.00 75.25  ? 2   G   A OP2   1 
ATOM   23   O  "O5'" . G   A 1 2  ? 18.010  -10.183 5.176   1.00 73.44  ? 2   G   A "O5'" 1 
ATOM   24   C  "C5'" . G   A 1 2  ? 18.653  -11.014 4.237   1.00 67.26  ? 2   G   A "C5'" 1 
ATOM   25   C  "C4'" . G   A 1 2  ? 17.648  -11.809 3.462   1.00 67.39  ? 2   G   A "C4'" 1 
ATOM   26   O  "O4'" . G   A 1 2  ? 17.244  -12.969 4.237   1.00 72.02  ? 2   G   A "O4'" 1 
ATOM   27   C  "C3'" . G   A 1 2  ? 16.337  -11.104 3.172   1.00 65.47  ? 2   G   A "C3'" 1 
ATOM   28   O  "O3'" . G   A 1 2  ? 16.416  -10.192 2.096   1.00 64.82  ? 2   G   A "O3'" 1 
ATOM   29   C  "C2'" . G   A 1 2  ? 15.395  -12.269 2.928   1.00 66.97  ? 2   G   A "C2'" 1 
ATOM   30   O  "O2'" . G   A 1 2  ? 15.632  -12.848 1.650   1.00 57.86  ? 2   G   A "O2'" 1 
ATOM   31   C  "C1'" . G   A 1 2  ? 15.877  -13.245 4.007   1.00 68.57  ? 2   G   A "C1'" 1 
ATOM   32   N  N9    . G   A 1 2  ? 15.146  -13.057 5.279   1.00 65.08  ? 2   G   A N9    1 
ATOM   33   C  C8    . G   A 1 2  ? 15.604  -12.502 6.453   1.00 67.66  ? 2   G   A C8    1 
ATOM   34   N  N7    . G   A 1 2  ? 14.697  -12.462 7.394   1.00 67.04  ? 2   G   A N7    1 
ATOM   35   C  C5    . G   A 1 2  ? 13.570  -13.009 6.795   1.00 64.33  ? 2   G   A C5    1 
ATOM   36   C  C6    . G   A 1 2  ? 12.273  -13.238 7.306   1.00 63.39  ? 2   G   A C6    1 
ATOM   37   O  O6    . G   A 1 2  ? 11.829  -12.984 8.431   1.00 66.40  ? 2   G   A O6    1 
ATOM   38   N  N1    . G   A 1 2  ? 11.453  -13.829 6.363   1.00 59.67  ? 2   G   A N1    1 
ATOM   39   C  C2    . G   A 1 2  ? 11.823  -14.149 5.093   1.00 61.87  ? 2   G   A C2    1 
ATOM   40   N  N2    . G   A 1 2  ? 10.885  -14.709 4.318   1.00 63.78  ? 2   G   A N2    1 
ATOM   41   N  N3    . G   A 1 2  ? 13.022  -13.939 4.600   1.00 61.25  ? 2   G   A N3    1 
ATOM   42   C  C4    . G   A 1 2  ? 13.836  -13.378 5.501   1.00 61.90  ? 2   G   A C4    1 
ATOM   43   P  P     . G   A 1 3  ? 15.573  -8.823  2.148   1.00 65.76  ? 3   G   A P     1 
ATOM   44   O  OP1   . G   A 1 3  ? 16.057  -7.974  1.031   1.00 65.70  ? 3   G   A OP1   1 
ATOM   45   O  OP2   . G   A 1 3  ? 15.660  -8.299  3.526   1.00 67.06  ? 3   G   A OP2   1 
ATOM   46   O  "O5'" . G   A 1 3  ? 14.088  -9.315  1.857   1.00 62.85  ? 3   G   A "O5'" 1 
ATOM   47   C  "C5'" . G   A 1 3  ? 13.725  -9.778  0.572   1.00 58.58  ? 3   G   A "C5'" 1 
ATOM   48   C  "C4'" . G   A 1 3  ? 12.430  -10.534 0.599   1.00 59.67  ? 3   G   A "C4'" 1 
ATOM   49   O  "O4'" . G   A 1 3  ? 12.464  -11.530 1.656   1.00 63.59  ? 3   G   A "O4'" 1 
ATOM   50   C  "C3'" . G   A 1 3  ? 11.181  -9.725  0.905   1.00 59.06  ? 3   G   A "C3'" 1 
ATOM   51   O  "O3'" . G   A 1 3  ? 10.708  -9.001  -0.213  1.00 58.65  ? 3   G   A "O3'" 1 
ATOM   52   C  "C2'" . G   A 1 3  ? 10.223  -10.812 1.376   1.00 61.21  ? 3   G   A "C2'" 1 
ATOM   53   O  "O2'" . G   A 1 3  ? 9.765   -11.590 0.274   1.00 58.23  ? 3   G   A "O2'" 1 
ATOM   54   C  "C1'" . G   A 1 3  ? 11.168  -11.674 2.212   1.00 63.76  ? 3   G   A "C1'" 1 
ATOM   55   N  N9    . G   A 1 3  ? 11.216  -11.221 3.615   1.00 62.14  ? 3   G   A N9    1 
ATOM   56   C  C8    . G   A 1 3  ? 12.270  -10.623 4.249   1.00 59.86  ? 3   G   A C8    1 
ATOM   57   N  N7    . G   A 1 3  ? 12.008  -10.321 5.488   1.00 60.09  ? 3   G   A N7    1 
ATOM   58   C  C5    . G   A 1 3  ? 10.705  -10.740 5.679   1.00 61.32  ? 3   G   A C5    1 
ATOM   59   C  C6    . G   A 1 3  ? 9.878   -10.671 6.826   1.00 63.70  ? 3   G   A C6    1 
ATOM   60   O  O6    . G   A 1 3  ? 10.143  -10.211 7.948   1.00 66.30  ? 3   G   A O6    1 
ATOM   61   N  N1    . G   A 1 3  ? 8.621   -11.210 6.567   1.00 63.16  ? 3   G   A N1    1 
ATOM   62   C  C2    . G   A 1 3  ? 8.212   -11.743 5.382   1.00 60.08  ? 3   G   A C2    1 
ATOM   63   N  N2    . G   A 1 3  ? 6.961   -12.201 5.363   1.00 64.04  ? 3   G   A N2    1 
ATOM   64   N  N3    . G   A 1 3  ? 8.964   -11.813 4.305   1.00 58.32  ? 3   G   A N3    1 
ATOM   65   C  C4    . G   A 1 3  ? 10.192  -11.297 4.527   1.00 61.78  ? 3   G   A C4    1 
ATOM   66   P  P     . C   A 1 4  ? 10.283  -7.453  -0.076  1.00 61.80  ? 4   C   A P     1 
ATOM   67   O  OP1   . C   A 1 4  ? 10.208  -6.910  -1.460  1.00 50.52  ? 4   C   A OP1   1 
ATOM   68   O  OP2   . C   A 1 4  ? 11.218  -6.819  0.890   1.00 57.01  ? 4   C   A OP2   1 
ATOM   69   O  "O5'" . C   A 1 4  ? 8.815   -7.532  0.561   1.00 53.93  ? 4   C   A "O5'" 1 
ATOM   70   C  "C5'" . C   A 1 4  ? 7.773   -8.235  -0.104  1.00 53.02  ? 4   C   A "C5'" 1 
ATOM   71   C  "C4'" . C   A 1 4  ? 6.609   -8.528  0.812   1.00 58.29  ? 4   C   A "C4'" 1 
ATOM   72   O  "O4'" . C   A 1 4  ? 7.033   -9.382  1.911   1.00 63.22  ? 4   C   A "O4'" 1 
ATOM   73   C  "C3'" . C   A 1 4  ? 5.988   -7.337  1.511   1.00 58.83  ? 4   C   A "C3'" 1 
ATOM   74   O  "O3'" . C   A 1 4  ? 5.132   -6.589  0.675   1.00 60.42  ? 4   C   A "O3'" 1 
ATOM   75   C  "C2'" . C   A 1 4  ? 5.277   -7.987  2.689   1.00 58.29  ? 4   C   A "C2'" 1 
ATOM   76   O  "O2'" . C   A 1 4  ? 4.077   -8.623  2.271   1.00 60.13  ? 4   C   A "O2'" 1 
ATOM   77   C  "C1'" . C   A 1 4  ? 6.287   -9.069  3.073   1.00 60.70  ? 4   C   A "C1'" 1 
ATOM   78   N  N1    . C   A 1 4  ? 7.211   -8.591  4.105   1.00 59.94  ? 4   C   A N1    1 
ATOM   79   C  C2    . C   A 1 4  ? 6.704   -8.432  5.393   1.00 58.64  ? 4   C   A C2    1 
ATOM   80   O  O2    . C   A 1 4  ? 5.534   -8.723  5.625   1.00 60.56  ? 4   C   A O2    1 
ATOM   81   N  N3    . C   A 1 4  ? 7.508   -7.964  6.357   1.00 61.93  ? 4   C   A N3    1 
ATOM   82   C  C4    . C   A 1 4  ? 8.770   -7.648  6.068   1.00 63.59  ? 4   C   A C4    1 
ATOM   83   N  N4    . C   A 1 4  ? 9.511   -7.196  7.075   1.00 66.87  ? 4   C   A N4    1 
ATOM   84   C  C5    . C   A 1 4  ? 9.332   -7.785  4.754   1.00 59.82  ? 4   C   A C5    1 
ATOM   85   C  C6    . C   A 1 4  ? 8.511   -8.257  3.799   1.00 61.19  ? 4   C   A C6    1 
ATOM   86   P  P     . G   A 1 5  ? 5.046   -5.000  0.838   1.00 53.22  ? 5   G   A P     1 
ATOM   87   O  OP1   . G   A 1 5  ? 4.429   -4.475  -0.397  1.00 64.84  ? 5   G   A OP1   1 
ATOM   88   O  OP2   . G   A 1 5  ? 6.399   -4.526  1.223   1.00 54.51  ? 5   G   A OP2   1 
ATOM   89   O  "O5'" . G   A 1 5  ? 4.043   -4.819  2.053   1.00 54.06  ? 5   G   A "O5'" 1 
ATOM   90   C  "C5'" . G   A 1 5  ? 2.670   -5.134  1.916   1.00 54.49  ? 5   G   A "C5'" 1 
ATOM   91   C  "C4'" . G   A 1 5  ? 1.955   -4.968  3.227   1.00 60.05  ? 5   G   A "C4'" 1 
ATOM   92   O  "O4'" . G   A 1 5  ? 2.535   -5.873  4.214   1.00 62.88  ? 5   G   A "O4'" 1 
ATOM   93   C  "C3'" . G   A 1 5  ? 2.075   -3.595  3.875   1.00 59.59  ? 5   G   A "C3'" 1 
ATOM   94   O  "O3'" . G   A 1 5  ? 1.159   -2.643  3.351   1.00 57.86  ? 5   G   A "O3'" 1 
ATOM   95   C  "C2'" . G   A 1 5  ? 1.844   -3.909  5.352   1.00 59.81  ? 5   G   A "C2'" 1 
ATOM   96   O  "O2'" . G   A 1 5  ? 0.464   -4.078  5.602   1.00 62.51  ? 5   G   A "O2'" 1 
ATOM   97   C  "C1'" . G   A 1 5  ? 2.527   -5.272  5.493   1.00 59.35  ? 5   G   A "C1'" 1 
ATOM   98   N  N9    . G   A 1 5  ? 3.923   -5.155  5.974   1.00 61.00  ? 5   G   A N9    1 
ATOM   99   C  C8    . G   A 1 5  ? 5.045   -5.269  5.197   1.00 59.63  ? 5   G   A C8    1 
ATOM   100  N  N7    . G   A 1 5  ? 6.162   -5.113  5.861   1.00 63.54  ? 5   G   A N7    1 
ATOM   101  C  C5    . G   A 1 5  ? 5.773   -4.885  7.173   1.00 70.37  ? 5   G   A C5    1 
ATOM   102  C  C6    . G   A 1 5  ? 6.558   -4.650  8.352   1.00 71.51  ? 5   G   A C6    1 
ATOM   103  O  O6    . G   A 1 5  ? 7.784   -4.585  8.466   1.00 72.50  ? 5   G   A O6    1 
ATOM   104  N  N1    . G   A 1 5  ? 5.782   -4.465  9.486   1.00 70.60  ? 5   G   A N1    1 
ATOM   105  C  C2    . G   A 1 5  ? 4.413   -4.509  9.480   1.00 71.70  ? 5   G   A C2    1 
ATOM   106  N  N2    . G   A 1 5  ? 3.839   -4.295  10.663  1.00 73.57  ? 5   G   A N2    1 
ATOM   107  N  N3    . G   A 1 5  ? 3.664   -4.730  8.403   1.00 72.45  ? 5   G   A N3    1 
ATOM   108  C  C4    . G   A 1 5  ? 4.390   -4.910  7.266   1.00 69.52  ? 5   G   A C4    1 
ATOM   109  P  P     . A   A 1 6  ? 1.430   -1.892  1.944   1.00 47.32  ? 6   A   A P     1 
ATOM   110  O  OP1   . A   A 1 6  ? 2.855   -1.997  1.631   1.00 49.38  ? 6   A   A OP1   1 
ATOM   111  O  OP2   . A   A 1 6  ? 0.833   -0.551  2.049   1.00 47.99  ? 6   A   A OP2   1 
ATOM   112  O  "O5'" . A   A 1 6  ? 0.603   -2.787  0.928   1.00 57.69  ? 6   A   A "O5'" 1 
ATOM   113  C  "C5'" . A   A 1 6  ? -0.790  -2.595  0.742   1.00 54.42  ? 6   A   A "C5'" 1 
ATOM   114  C  "C4'" . A   A 1 6  ? -1.077  -2.140  -0.655  1.00 53.69  ? 6   A   A "C4'" 1 
ATOM   115  O  "O4'" . A   A 1 6  ? -2.510  -2.111  -0.887  1.00 54.58  ? 6   A   A "O4'" 1 
ATOM   116  C  "C3'" . A   A 1 6  ? -0.608  -0.733  -0.989  1.00 52.73  ? 6   A   A "C3'" 1 
ATOM   117  O  "O3'" . A   A 1 6  ? 0.770   -0.673  -1.330  1.00 50.31  ? 6   A   A "O3'" 1 
ATOM   118  C  "C2'" . A   A 1 6  ? -1.538  -0.342  -2.119  1.00 51.10  ? 6   A   A "C2'" 1 
ATOM   119  O  "O2'" . A   A 1 6  ? -1.152  -0.988  -3.317  1.00 50.55  ? 6   A   A "O2'" 1 
ATOM   120  C  "C1'" . A   A 1 6  ? -2.848  -0.959  -1.627  1.00 53.93  ? 6   A   A "C1'" 1 
ATOM   121  N  N9    . A   A 1 6  ? -3.551  -0.034  -0.725  1.00 55.52  ? 6   A   A N9    1 
ATOM   122  C  C8    . A   A 1 6  ? -3.730  -0.148  0.637   1.00 54.00  ? 6   A   A C8    1 
ATOM   123  N  N7    . A   A 1 6  ? -4.357  0.872   1.175   1.00 54.99  ? 6   A   A N7    1 
ATOM   124  C  C5    . A   A 1 6  ? -4.580  1.726   0.093   1.00 56.32  ? 6   A   A C5    1 
ATOM   125  C  C6    . A   A 1 6  ? -5.185  2.994   -0.017  1.00 54.74  ? 6   A   A C6    1 
ATOM   126  N  N6    . A   A 1 6  ? -5.716  3.628   1.029   1.00 51.15  ? 6   A   A N6    1 
ATOM   127  N  N1    . A   A 1 6  ? -5.235  3.582   -1.244  1.00 53.35  ? 6   A   A N1    1 
ATOM   128  C  C2    . A   A 1 6  ? -4.719  2.924   -2.283  1.00 51.25  ? 6   A   A C2    1 
ATOM   129  N  N3    . A   A 1 6  ? -4.117  1.739   -2.316  1.00 52.04  ? 6   A   A N3    1 
ATOM   130  C  C4    . A   A 1 6  ? -4.083  1.184   -1.086  1.00 56.64  ? 6   A   A C4    1 
ATOM   131  P  P     . U   A 1 7  ? 1.576   0.709   -1.178  1.00 44.20  ? 7   U   A P     1 
ATOM   132  O  OP1   . U   A 1 7  ? 3.011   0.390   -1.224  1.00 42.55  ? 7   U   A OP1   1 
ATOM   133  O  OP2   . U   A 1 7  ? 1.038   1.411   0.007   1.00 51.21  ? 7   U   A OP2   1 
ATOM   134  O  "O5'" . U   A 1 7  ? 1.154   1.495   -2.475  1.00 51.81  ? 7   U   A "O5'" 1 
ATOM   135  C  "C5'" . U   A 1 7  ? 1.437   0.984   -3.751  1.00 47.47  ? 7   U   A "C5'" 1 
ATOM   136  C  "C4'" . U   A 1 7  ? 2.198   1.988   -4.546  1.00 50.26  ? 7   U   A "C4'" 1 
ATOM   137  O  "O4'" . U   A 1 7  ? 1.364   3.142   -4.804  1.00 54.71  ? 7   U   A "O4'" 1 
ATOM   138  C  "C3'" . U   A 1 7  ? 3.431   2.544   -3.873  1.00 45.09  ? 7   U   A "C3'" 1 
ATOM   139  O  "O3'" . U   A 1 7  ? 4.540   1.672   -4.043  1.00 48.66  ? 7   U   A "O3'" 1 
ATOM   140  C  "C2'" . U   A 1 7  ? 3.600   3.910   -4.554  1.00 47.27  ? 7   U   A "C2'" 1 
ATOM   141  O  "O2'" . U   A 1 7  ? 4.267   3.760   -5.795  1.00 48.27  ? 7   U   A "O2'" 1 
ATOM   142  C  "C1'" . U   A 1 7  ? 2.154   4.307   -4.855  1.00 47.76  ? 7   U   A "C1'" 1 
ATOM   143  N  N1    . U   A 1 7  ? 1.579   5.307   -3.903  1.00 51.72  ? 7   U   A N1    1 
ATOM   144  C  C2    . U   A 1 7  ? 1.339   6.575   -4.418  1.00 50.30  ? 7   U   A C2    1 
ATOM   145  O  O2    . U   A 1 7  ? 1.653   6.854   -5.553  1.00 53.44  ? 7   U   A O2    1 
ATOM   146  N  N3    . U   A 1 7  ? 0.752   7.503   -3.592  1.00 48.73  ? 7   U   A N3    1 
ATOM   147  C  C4    . U   A 1 7  ? 0.368   7.287   -2.280  1.00 53.61  ? 7   U   A C4    1 
ATOM   148  O  O4    . U   A 1 7  ? -0.149  8.209   -1.617  1.00 52.30  ? 7   U   A O4    1 
ATOM   149  C  C5    . U   A 1 7  ? 0.635   5.948   -1.818  1.00 51.72  ? 7   U   A C5    1 
ATOM   150  C  C6    . U   A 1 7  ? 1.187   5.019   -2.615  1.00 49.85  ? 7   U   A C6    1 
ATOM   151  P  P     . G   A 1 8  ? 5.850   1.765   -3.103  1.00 50.93  ? 8   G   A P     1 
ATOM   152  O  OP1   . G   A 1 8  ? 6.583   0.471   -3.248  1.00 50.04  ? 8   G   A OP1   1 
ATOM   153  O  OP2   . G   A 1 8  ? 5.400   2.187   -1.760  1.00 52.21  ? 8   G   A OP2   1 
ATOM   154  O  "O5'" . G   A 1 8  ? 6.687   2.924   -3.773  1.00 55.79  ? 8   G   A "O5'" 1 
ATOM   155  C  "C5'" . G   A 1 8  ? 7.423   2.692   -4.955  1.00 50.34  ? 8   G   A "C5'" 1 
ATOM   156  C  "C4'" . G   A 1 8  ? 8.642   3.557   -4.987  1.00 53.32  ? 8   G   A "C4'" 1 
ATOM   157  O  "O4'" . G   A 1 8  ? 8.250   4.956   -4.882  1.00 54.28  ? 8   G   A "O4'" 1 
ATOM   158  C  "C3'" . G   A 1 8  ? 9.607   3.374   -3.834  1.00 51.44  ? 8   G   A "C3'" 1 
ATOM   159  O  "O3'" . G   A 1 8  ? 10.440  2.239   -3.983  1.00 55.38  ? 8   G   A "O3'" 1 
ATOM   160  C  "C2'" . G   A 1 8  ? 10.356  4.696   -3.854  1.00 52.04  ? 8   G   A "C2'" 1 
ATOM   161  O  "O2'" . G   A 1 8  ? 11.238  4.733   -4.960  1.00 52.59  ? 8   G   A "O2'" 1 
ATOM   162  C  "C1'" . G   A 1 8  ? 9.212   5.665   -4.135  1.00 51.37  ? 8   G   A "C1'" 1 
ATOM   163  N  N9    . G   A 1 8  ? 8.573   6.134   -2.893  1.00 52.98  ? 8   G   A N9    1 
ATOM   164  C  C8    . G   A 1 8  ? 7.349   5.761   -2.390  1.00 52.79  ? 8   G   A C8    1 
ATOM   165  N  N7    . G   A 1 8  ? 7.050   6.339   -1.253  1.00 50.70  ? 8   G   A N7    1 
ATOM   166  C  C5    . G   A 1 8  ? 8.147   7.141   -0.983  1.00 53.75  ? 8   G   A C5    1 
ATOM   167  C  C6    . G   A 1 8  ? 8.412   8.011   0.110   1.00 56.67  ? 8   G   A C6    1 
ATOM   168  O  O6    . G   A 1 8  ? 7.697   8.251   1.092   1.00 57.57  ? 8   G   A O6    1 
ATOM   169  N  N1    . G   A 1 8  ? 9.648   8.636   -0.017  1.00 57.38  ? 8   G   A N1    1 
ATOM   170  C  C2    . G   A 1 8  ? 10.519  8.433   -1.066  1.00 59.49  ? 8   G   A C2    1 
ATOM   171  N  N2    . G   A 1 8  ? 11.683  9.098   -1.044  1.00 61.19  ? 8   G   A N2    1 
ATOM   172  N  N3    . G   A 1 8  ? 10.283  7.628   -2.092  1.00 58.47  ? 8   G   A N3    1 
ATOM   173  C  C4    . G   A 1 8  ? 9.087   7.022   -1.987  1.00 55.51  ? 8   G   A C4    1 
ATOM   174  P  P     . A   A 1 9  ? 11.044  1.490   -2.685  1.00 60.75  ? 9   A   A P     1 
ATOM   175  O  OP1   . A   A 1 9  ? 12.004  0.455   -3.178  1.00 52.99  ? 9   A   A OP1   1 
ATOM   176  O  OP2   . A   A 1 9  ? 9.882   1.065   -1.860  1.00 58.97  ? 9   A   A OP2   1 
ATOM   177  O  "O5'" . A   A 1 9  ? 11.842  2.638   -1.936  1.00 48.02  ? 9   A   A "O5'" 1 
ATOM   178  C  "C5'" . A   A 1 9  ? 13.226  2.520   -1.723  1.00 50.98  ? 9   A   A "C5'" 1 
ATOM   179  C  "C4'" . A   A 1 9  ? 13.835  3.817   -1.271  1.00 57.73  ? 9   A   A "C4'" 1 
ATOM   180  O  "O4'" . A   A 1 9  ? 12.855  4.891   -1.314  1.00 60.73  ? 9   A   A "O4'" 1 
ATOM   181  C  "C3'" . A   A 1 9  ? 14.319  3.851   0.157   1.00 61.83  ? 9   A   A "C3'" 1 
ATOM   182  O  "O3'" . A   A 1 9  ? 15.529  3.164   0.337   1.00 60.20  ? 9   A   A "O3'" 1 
ATOM   183  C  "C2'" . A   A 1 9  ? 14.409  5.345   0.425   1.00 62.98  ? 9   A   A "C2'" 1 
ATOM   184  O  "O2'" . A   A 1 9  ? 15.542  5.901   -0.217  1.00 61.94  ? 9   A   A "O2'" 1 
ATOM   185  C  "C1'" . A   A 1 9  ? 13.157  5.840   -0.301  1.00 61.64  ? 9   A   A "C1'" 1 
ATOM   186  N  N9    . A   A 1 9  ? 12.005  5.944   0.616   1.00 60.71  ? 9   A   A N9    1 
ATOM   187  C  C8    . A   A 1 9  ? 10.833  5.248   0.583   1.00 57.76  ? 9   A   A C8    1 
ATOM   188  N  N7    . A   A 1 9  ? 10.002  5.565   1.544   1.00 60.86  ? 9   A   A N7    1 
ATOM   189  C  C5    . A   A 1 9  ? 10.669  6.536   2.276   1.00 66.19  ? 9   A   A C5    1 
ATOM   190  C  C6    . A   A 1 9  ? 10.320  7.285   3.431   1.00 67.09  ? 9   A   A C6    1 
ATOM   191  N  N6    . A   A 1 9  ? 9.169   7.167   4.086   1.00 63.27  ? 9   A   A N6    1 
ATOM   192  N  N1    . A   A 1 9  ? 11.220  8.181   3.901   1.00 71.60  ? 9   A   A N1    1 
ATOM   193  C  C2    . A   A 1 9  ? 12.392  8.310   3.248   1.00 70.87  ? 9   A   A C2    1 
ATOM   194  N  N3    . A   A 1 9  ? 12.837  7.669   2.159   1.00 68.08  ? 9   A   A N3    1 
ATOM   195  C  C4    . A   A 1 9  ? 11.914  6.780   1.709   1.00 66.55  ? 9   A   A C4    1 
ATOM   196  P  P     . G   A 1 10 ? 15.641  2.041   1.462   1.00 60.82  ? 10  G   A P     1 
ATOM   197  O  OP1   . G   A 1 10 ? 16.611  1.035   0.968   1.00 64.72  ? 10  G   A OP1   1 
ATOM   198  O  OP2   . G   A 1 10 ? 14.269  1.600   1.789   1.00 57.92  ? 10  G   A OP2   1 
ATOM   199  O  "O5'" . G   A 1 10 ? 16.257  2.848   2.690   1.00 65.41  ? 10  G   A "O5'" 1 
ATOM   200  C  "C5'" . G   A 1 10 ? 17.395  3.677   2.511   1.00 66.87  ? 10  G   A "C5'" 1 
ATOM   201  C  "C4'" . G   A 1 10 ? 17.565  4.646   3.654   1.00 69.73  ? 10  G   A "C4'" 1 
ATOM   202  O  "O4'" . G   A 1 10 ? 16.610  5.734   3.528   1.00 73.33  ? 10  G   A "O4'" 1 
ATOM   203  C  "C3'" . G   A 1 10 ? 17.299  4.101   5.048   1.00 72.39  ? 10  G   A "C3'" 1 
ATOM   204  O  "O3'" . G   A 1 10 ? 18.374  3.339   5.567   1.00 72.32  ? 10  G   A "O3'" 1 
ATOM   205  C  "C2'" . G   A 1 10 ? 17.018  5.373   5.831   1.00 73.50  ? 10  G   A "C2'" 1 
ATOM   206  O  "O2'" . G   A 1 10 ? 18.220  6.082   6.074   1.00 73.85  ? 10  G   A "O2'" 1 
ATOM   207  C  "C1'" . G   A 1 10 ? 16.193  6.157   4.813   1.00 72.56  ? 10  G   A "C1'" 1 
ATOM   208  N  N9    . G   A 1 10 ? 14.754  5.865   4.960   1.00 75.69  ? 10  G   A N9    1 
ATOM   209  C  C8    . G   A 1 10 ? 13.962  5.000   4.235   1.00 72.46  ? 10  G   A C8    1 
ATOM   210  N  N7    . G   A 1 10 ? 12.727  4.938   4.668   1.00 72.32  ? 10  G   A N7    1 
ATOM   211  C  C5    . G   A 1 10 ? 12.704  5.803   5.752   1.00 75.84  ? 10  G   A C5    1 
ATOM   212  C  C6    . G   A 1 10 ? 11.643  6.158   6.626   1.00 77.64  ? 10  G   A C6    1 
ATOM   213  O  O6    . G   A 1 10 ? 10.476  5.759   6.605   1.00 80.25  ? 10  G   A O6    1 
ATOM   214  N  N1    . G   A 1 10 ? 12.058  7.069   7.593   1.00 80.63  ? 10  G   A N1    1 
ATOM   215  C  C2    . G   A 1 10 ? 13.341  7.575   7.698   1.00 82.66  ? 10  G   A C2    1 
ATOM   216  N  N2    . G   A 1 10 ? 13.577  8.445   8.685   1.00 84.37  ? 10  G   A N2    1 
ATOM   217  N  N3    . G   A 1 10 ? 14.342  7.262   6.891   1.00 80.74  ? 10  G   A N3    1 
ATOM   218  C  C4    . G   A 1 10 ? 13.948  6.375   5.947   1.00 79.45  ? 10  G   A C4    1 
ATOM   219  P  P     . G   A 1 11 ? 18.081  2.078   6.523   1.00 77.23  ? 11  G   A P     1 
ATOM   220  O  OP1   . G   A 1 11 ? 19.317  1.259   6.564   1.00 73.70  ? 11  G   A OP1   1 
ATOM   221  O  OP2   . G   A 1 11 ? 16.825  1.444   6.046   1.00 73.12  ? 11  G   A OP2   1 
ATOM   222  O  "O5'" . G   A 1 11 ? 17.836  2.762   7.940   1.00 83.84  ? 11  G   A "O5'" 1 
ATOM   223  C  "C5'" . G   A 1 11 ? 18.818  3.610   8.521   1.00 84.39  ? 11  G   A "C5'" 1 
ATOM   224  C  "C4'" . G   A 1 11 ? 18.343  4.189   9.831   1.00 84.17  ? 11  G   A "C4'" 1 
ATOM   225  O  "O4'" . G   A 1 11 ? 17.372  5.240   9.581   1.00 83.88  ? 11  G   A "O4'" 1 
ATOM   226  C  "C3'" . G   A 1 11 ? 17.622  3.224   10.761  1.00 82.84  ? 11  G   A "C3'" 1 
ATOM   227  O  "O3'" . G   A 1 11 ? 18.511  2.425   11.517  1.00 78.74  ? 11  G   A "O3'" 1 
ATOM   228  C  "C2'" . G   A 1 11 ? 16.774  4.154   11.611  1.00 87.69  ? 11  G   A "C2'" 1 
ATOM   229  O  "O2'" . G   A 1 11 ? 17.566  4.761   12.621  1.00 85.48  ? 11  G   A "O2'" 1 
ATOM   230  C  "C1'" . G   A 1 11 ? 16.379  5.227   10.587  1.00 88.17  ? 11  G   A "C1'" 1 
ATOM   231  N  N9    . G   A 1 11 ? 15.080  4.931   9.953   1.00 87.17  ? 11  G   A N9    1 
ATOM   232  C  C8    . G   A 1 11 ? 14.894  4.490   8.667   1.00 84.98  ? 11  G   A C8    1 
ATOM   233  N  N7    . G   A 1 11 ? 13.639  4.286   8.360   1.00 85.09  ? 11  G   A N7    1 
ATOM   234  C  C5    . G   A 1 11 ? 12.943  4.610   9.513   1.00 88.94  ? 11  G   A C5    1 
ATOM   235  C  C6    . G   A 1 11 ? 11.544  4.579   9.778   1.00 88.85  ? 11  G   A C6    1 
ATOM   236  O  O6    . G   A 1 11 ? 10.611  4.257   9.030   1.00 88.06  ? 11  G   A O6    1 
ATOM   237  N  N1    . G   A 1 11 ? 11.272  4.978   11.081  1.00 91.62  ? 11  G   A N1    1 
ATOM   238  C  C2    . G   A 1 11 ? 12.214  5.359   12.002  1.00 90.36  ? 11  G   A C2    1 
ATOM   239  N  N2    . G   A 1 11 ? 11.737  5.703   13.203  1.00 88.67  ? 11  G   A N2    1 
ATOM   240  N  N3    . G   A 1 11 ? 13.519  5.393   11.770  1.00 90.11  ? 11  G   A N3    1 
ATOM   241  C  C4    . G   A 1 11 ? 13.818  5.012   10.510  1.00 89.11  ? 11  G   A C4    1 
ATOM   242  P  P     . C   A 1 12 ? 18.058  0.968   12.025  1.00 88.33  ? 12  C   A P     1 
ATOM   243  O  OP1   . C   A 1 12 ? 19.233  0.349   12.691  1.00 85.71  ? 12  C   A OP1   1 
ATOM   244  O  OP2   . C   A 1 12 ? 17.454  0.270   10.868  1.00 83.64  ? 12  C   A OP2   1 
ATOM   245  O  "O5'" . C   A 1 12 ? 16.932  1.303   13.108  1.00 87.06  ? 12  C   A "O5'" 1 
ATOM   246  C  "C5'" . C   A 1 12 ? 17.278  1.790   14.396  1.00 85.14  ? 12  C   A "C5'" 1 
ATOM   247  C  "C4'" . C   A 1 12 ? 16.064  1.935   15.278  1.00 87.82  ? 12  C   A "C4'" 1 
ATOM   248  O  "O4'" . C   A 1 12 ? 15.144  2.890   14.690  1.00 86.76  ? 12  C   A "O4'" 1 
ATOM   249  C  "C3'" . C   A 1 12 ? 15.223  0.681   15.469  1.00 84.72  ? 12  C   A "C3'" 1 
ATOM   250  O  "O3'" . C   A 1 12 ? 15.739  -0.188  16.457  1.00 80.87  ? 12  C   A "O3'" 1 
ATOM   251  C  "C2'" . C   A 1 12 ? 13.854  1.246   15.814  1.00 85.37  ? 12  C   A "C2'" 1 
ATOM   252  O  "O2'" . C   A 1 12 ? 13.801  1.645   17.170  1.00 84.58  ? 12  C   A "O2'" 1 
ATOM   253  C  "C1'" . C   A 1 12 ? 13.812  2.495   14.943  1.00 88.17  ? 12  C   A "C1'" 1 
ATOM   254  N  N1    . C   A 1 12 ? 13.146  2.241   13.651  1.00 92.77  ? 12  C   A N1    1 
ATOM   255  C  C2    . C   A 1 12 ? 11.756  2.028   13.617  1.00 90.46  ? 12  C   A C2    1 
ATOM   256  O  O2    . C   A 1 12 ? 11.096  2.039   14.670  1.00 91.46  ? 12  C   A O2    1 
ATOM   257  N  N3    . C   A 1 12 ? 11.159  1.797   12.424  1.00 91.34  ? 12  C   A N3    1 
ATOM   258  C  C4    . C   A 1 12 ? 11.885  1.778   11.301  1.00 91.36  ? 12  C   A C4    1 
ATOM   259  N  N4    . C   A 1 12 ? 11.245  1.549   10.154  1.00 85.82  ? 12  C   A N4    1 
ATOM   260  C  C5    . C   A 1 12 ? 13.298  1.988   11.306  1.00 91.03  ? 12  C   A C5    1 
ATOM   261  C  C6    . C   A 1 12 ? 13.884  2.220   12.492  1.00 91.73  ? 12  C   A C6    1 
ATOM   262  P  P     . C   A 1 13 ? 15.363  -1.752  16.428  1.00 87.03  ? 13  C   A P     1 
ATOM   263  O  OP1   . C   A 1 13 ? 16.069  -2.394  17.562  1.00 90.65  ? 13  C   A OP1   1 
ATOM   264  O  OP2   . C   A 1 13 ? 15.639  -2.236  15.059  1.00 85.46  ? 13  C   A OP2   1 
ATOM   265  O  "O5'" . C   A 1 13 ? 13.785  -1.756  16.695  1.00 90.03  ? 13  C   A "O5'" 1 
ATOM   266  C  "C5'" . C   A 1 13 ? 13.254  -1.530  17.996  1.00 88.90  ? 13  C   A "C5'" 1 
ATOM   267  C  "C4'" . C   A 1 13 ? 11.748  -1.380  17.970  1.00 89.25  ? 13  C   A "C4'" 1 
ATOM   268  O  "O4'" . C   A 1 13 ? 11.367  -0.356  17.007  1.00 90.28  ? 13  C   A "O4'" 1 
ATOM   269  C  "C3'" . C   A 1 13 ? 10.960  -2.605  17.533  1.00 87.51  ? 13  C   A "C3'" 1 
ATOM   270  O  "O3'" . C   A 1 13 ? 10.785  -3.554  18.561  1.00 84.82  ? 13  C   A "O3'" 1 
ATOM   271  C  "C2'" . C   A 1 13 ? 9.654   -2.006  17.038  1.00 87.46  ? 13  C   A "C2'" 1 
ATOM   272  O  "O2'" . C   A 1 13 ? 8.804   -1.687  18.127  1.00 84.52  ? 13  C   A "O2'" 1 
ATOM   273  C  "C1'" . C   A 1 13 ? 10.140  -0.709  16.392  1.00 90.35  ? 13  C   A "C1'" 1 
ATOM   274  N  N1    . C   A 1 13 ? 10.363  -0.878  14.928  1.00 91.68  ? 13  C   A N1    1 
ATOM   275  C  C2    . C   A 1 13 ? 9.264   -0.822  14.058  1.00 87.54  ? 13  C   A C2    1 
ATOM   276  O  O2    . C   A 1 13 ? 8.128   -0.618  14.512  1.00 86.68  ? 13  C   A O2    1 
ATOM   277  N  N3    . C   A 1 13 ? 9.462   -0.994  12.730  1.00 87.62  ? 13  C   A N3    1 
ATOM   278  C  C4    . C   A 1 13 ? 10.680  -1.225  12.243  1.00 84.87  ? 13  C   A C4    1 
ATOM   279  N  N4    . C   A 1 13 ? 10.800  -1.378  10.928  1.00 78.41  ? 13  C   A N4    1 
ATOM   280  C  C5    . C   A 1 13 ? 11.820  -1.294  13.091  1.00 88.45  ? 13  C   A C5    1 
ATOM   281  C  C6    . C   A 1 13 ? 11.612  -1.123  14.408  1.00 91.70  ? 13  C   A C6    1 
ATOM   282  P  P     . C   A 1 14 ? 10.498  -5.091  18.187  1.00 97.26  ? 14  C   A P     1 
ATOM   283  O  OP1   . C   A 1 14 ? 10.569  -5.868  19.451  1.00 97.41  ? 14  C   A OP1   1 
ATOM   284  O  OP2   . C   A 1 14 ? 11.419  -5.448  17.078  1.00 91.33  ? 14  C   A OP2   1 
ATOM   285  O  "O5'" . C   A 1 14 ? 8.994   -5.060  17.654  1.00 87.23  ? 14  C   A "O5'" 1 
ATOM   286  C  "C5'" . C   A 1 14 ? 7.934   -4.629  18.490  1.00 85.32  ? 14  C   A "C5'" 1 
ATOM   287  C  "C4'" . C   A 1 14 ? 6.625   -4.614  17.752  1.00 84.96  ? 14  C   A "C4'" 1 
ATOM   288  O  "O4'" . C   A 1 14 ? 6.636   -3.568  16.744  1.00 86.24  ? 14  C   A "O4'" 1 
ATOM   289  C  "C3'" . C   A 1 14 ? 6.294   -5.873  16.973  1.00 82.92  ? 14  C   A "C3'" 1 
ATOM   290  O  "O3'" . C   A 1 14 ? 5.770   -6.898  17.782  1.00 81.73  ? 14  C   A "O3'" 1 
ATOM   291  C  "C2'" . C   A 1 14 ? 5.315   -5.370  15.927  1.00 82.66  ? 14  C   A "C2'" 1 
ATOM   292  O  "O2'" . C   A 1 14 ? 4.023   -5.205  16.483  1.00 80.12  ? 14  C   A "O2'" 1 
ATOM   293  C  "C1'" . C   A 1 14 ? 5.893   -3.990  15.613  1.00 87.68  ? 14  C   A "C1'" 1 
ATOM   294  N  N1    . C   A 1 14 ? 6.798   -4.038  14.440  1.00 86.94  ? 14  C   A N1    1 
ATOM   295  C  C2    . C   A 1 14 ? 6.249   -4.218  13.165  1.00 81.63  ? 14  C   A C2    1 
ATOM   296  O  O2    . C   A 1 14 ? 5.025   -4.321  13.032  1.00 79.97  ? 14  C   A O2    1 
ATOM   297  N  N3    . C   A 1 14 ? 7.071   -4.281  12.094  1.00 83.19  ? 14  C   A N3    1 
ATOM   298  C  C4    . C   A 1 14 ? 8.388   -4.170  12.261  1.00 82.59  ? 14  C   A C4    1 
ATOM   299  N  N4    . C   A 1 14 ? 9.163   -4.227  11.181  1.00 79.25  ? 14  C   A N4    1 
ATOM   300  C  C5    . C   A 1 14 ? 8.975   -3.991  13.545  1.00 86.47  ? 14  C   A C5    1 
ATOM   301  C  C6    . C   A 1 14 ? 8.150   -3.935  14.596  1.00 86.80  ? 14  C   A C6    1 
ATOM   302  P  P     . G   A 1 15 ? 6.145   -8.427  17.480  1.00 91.63  ? 15  G   A P     1 
ATOM   303  O  OP1   . G   A 1 15 ? 5.819   -9.207  18.703  1.00 89.60  ? 15  G   A OP1   1 
ATOM   304  O  OP2   . G   A 1 15 ? 7.543   -8.436  16.971  1.00 82.53  ? 15  G   A OP2   1 
ATOM   305  O  "O5'" . G   A 1 15 ? 5.135   -8.820  16.314  1.00 84.78  ? 15  G   A "O5'" 1 
ATOM   306  C  "C5'" . G   A 1 15 ? 3.735   -8.776  16.527  1.00 81.64  ? 15  G   A "C5'" 1 
ATOM   307  C  "C4'" . G   A 1 15 ? 2.990   -8.626  15.232  1.00 81.96  ? 15  G   A "C4'" 1 
ATOM   308  O  "O4'" . G   A 1 15 ? 3.450   -7.433  14.530  1.00 82.63  ? 15  G   A "O4'" 1 
ATOM   309  C  "C3'" . G   A 1 15 ? 3.178   -9.748  14.225  1.00 79.60  ? 15  G   A "C3'" 1 
ATOM   310  O  "O3'" . G   A 1 15 ? 2.360   -10.874 14.495  1.00 80.42  ? 15  G   A "O3'" 1 
ATOM   311  C  "C2'" . G   A 1 15 ? 2.849   -9.064  12.906  1.00 80.14  ? 15  G   A "C2'" 1 
ATOM   312  O  "O2'" . G   A 1 15 ? 1.444   -8.966  12.734  1.00 75.88  ? 15  G   A "O2'" 1 
ATOM   313  C  "C1'" . G   A 1 15 ? 3.422   -7.654  13.135  1.00 80.59  ? 15  G   A "C1'" 1 
ATOM   314  N  N9    . G   A 1 15 ? 4.800   -7.540  12.609  1.00 80.10  ? 15  G   A N9    1 
ATOM   315  C  C8    . G   A 1 15 ? 5.977   -7.268  13.273  1.00 80.93  ? 15  G   A C8    1 
ATOM   316  N  N7    . G   A 1 15 ? 7.038   -7.282  12.502  1.00 78.28  ? 15  G   A N7    1 
ATOM   317  C  C5    . G   A 1 15 ? 6.530   -7.610  11.244  1.00 77.31  ? 15  G   A C5    1 
ATOM   318  C  C6    . G   A 1 15 ? 7.171   -7.788  9.986   1.00 72.15  ? 15  G   A C6    1 
ATOM   319  O  O6    . G   A 1 15 ? 8.368   -7.702  9.693   1.00 69.01  ? 15  G   A O6    1 
ATOM   320  N  N1    . G   A 1 15 ? 6.263   -8.113  8.992   1.00 70.10  ? 15  G   A N1    1 
ATOM   321  C  C2    . G   A 1 15 ? 4.910   -8.240  9.160   1.00 72.28  ? 15  G   A C2    1 
ATOM   322  N  N2    . G   A 1 15 ? 4.190   -8.558  8.077   1.00 71.24  ? 15  G   A N2    1 
ATOM   323  N  N3    . G   A 1 15 ? 4.299   -8.078  10.310  1.00 74.48  ? 15  G   A N3    1 
ATOM   324  C  C4    . G   A 1 15 ? 5.158   -7.771  11.302  1.00 77.61  ? 15  G   A C4    1 
ATOM   325  P  P     . C   A 1 16 ? 2.990   -12.356 14.502  1.00 89.27  ? 16  C   A P     1 
ATOM   326  O  OP1   . C   A 1 16 ? 2.141   -13.187 15.399  1.00 91.91  ? 16  C   A OP1   1 
ATOM   327  O  OP2   . C   A 1 16 ? 4.443   -12.206 14.818  1.00 79.83  ? 16  C   A OP2   1 
ATOM   328  O  "O5'" . C   A 1 16 ? 2.808   -12.843 12.993  1.00 78.88  ? 16  C   A "O5'" 1 
ATOM   329  C  "C5'" . C   A 1 16 ? 1.570   -12.683 12.318  1.00 80.30  ? 16  C   A "C5'" 1 
ATOM   330  C  "C4'" . C   A 1 16 ? 1.761   -12.586 10.823  1.00 82.26  ? 16  C   A "C4'" 1 
ATOM   331  O  "O4'" . C   A 1 16 ? 2.502   -11.379 10.492  1.00 79.80  ? 16  C   A "O4'" 1 
ATOM   332  C  "C3'" . C   A 1 16 ? 2.565   -13.705 10.175  1.00 80.47  ? 16  C   A "C3'" 1 
ATOM   333  O  "O3'" . C   A 1 16 ? 1.786   -14.862 9.924   1.00 82.71  ? 16  C   A "O3'" 1 
ATOM   334  C  "C2'" . C   A 1 16 ? 3.091   -13.047 8.904   1.00 77.08  ? 16  C   A "C2'" 1 
ATOM   335  O  "O2'" . C   A 1 16 ? 2.093   -13.034 7.900   1.00 79.23  ? 16  C   A "O2'" 1 
ATOM   336  C  "C1'" . C   A 1 16 ? 3.321   -11.608 9.365   1.00 74.62  ? 16  C   A "C1'" 1 
ATOM   337  N  N1    . C   A 1 16 ? 4.727   -11.367 9.743   1.00 76.15  ? 16  C   A N1    1 
ATOM   338  C  C2    . C   A 1 16 ? 5.720   -11.356 8.750   1.00 72.70  ? 16  C   A C2    1 
ATOM   339  O  O2    . C   A 1 16 ? 5.445   -11.551 7.557   1.00 70.55  ? 16  C   A O2    1 
ATOM   340  N  N3    . C   A 1 16 ? 6.998   -11.138 9.100   1.00 72.29  ? 16  C   A N3    1 
ATOM   341  C  C4    . C   A 1 16 ? 7.316   -10.930 10.369  1.00 75.65  ? 16  C   A C4    1 
ATOM   342  N  N4    . C   A 1 16 ? 8.611   -10.713 10.641  1.00 74.16  ? 16  C   A N4    1 
ATOM   343  C  C5    . C   A 1 16 ? 6.324   -10.922 11.399  1.00 75.83  ? 16  C   A C5    1 
ATOM   344  C  C6    . C   A 1 16 ? 5.055   -11.143 11.049  1.00 74.62  ? 16  C   A C6    1 
ATOM   345  P  P     . C   A 1 17 ? 2.483   -16.311 9.829   1.00 90.22  ? 17  C   A P     1 
ATOM   346  O  OP1   . C   A 1 17 ? 1.380   -17.313 9.771   1.00 81.94  ? 17  C   A OP1   1 
ATOM   347  O  OP2   . C   A 1 17 ? 3.478   -16.386 10.942  1.00 82.78  ? 17  C   A OP2   1 
ATOM   348  O  "O5'" . C   A 1 17 ? 3.239   -16.270 8.432   1.00 73.02  ? 17  C   A "O5'" 1 
ATOM   349  C  "C5'" . C   A 1 17 ? 2.525   -16.399 7.222   1.00 77.32  ? 17  C   A "C5'" 1 
ATOM   350  C  "C4'" . C   A 1 17 ? 3.445   -16.332 6.040   1.00 79.12  ? 17  C   A "C4'" 1 
ATOM   351  O  "O4'" . C   A 1 17 ? 4.246   -15.130 6.116   1.00 75.71  ? 17  C   A "O4'" 1 
ATOM   352  C  "C3'" . C   A 1 17 ? 4.463   -17.452 5.937   1.00 82.39  ? 17  C   A "C3'" 1 
ATOM   353  O  "O3'" . C   A 1 17 ? 3.920   -18.620 5.348   1.00 87.61  ? 17  C   A "O3'" 1 
ATOM   354  C  "C2'" . C   A 1 17 ? 5.582   -16.823 5.117   1.00 77.28  ? 17  C   A "C2'" 1 
ATOM   355  O  "O2'" . C   A 1 17 ? 5.270   -16.863 3.735   1.00 79.25  ? 17  C   A "O2'" 1 
ATOM   356  C  "C1'" . C   A 1 17 ? 5.522   -15.368 5.569   1.00 73.81  ? 17  C   A "C1'" 1 
ATOM   357  N  N1    . C   A 1 17 ? 6.547   -15.027 6.583   1.00 73.38  ? 17  C   A N1    1 
ATOM   358  C  C2    . C   A 1 17 ? 7.909   -15.032 6.253   1.00 69.11  ? 17  C   A C2    1 
ATOM   359  O  O2    . C   A 1 17 ? 8.250   -15.396 5.112   1.00 72.49  ? 17  C   A O2    1 
ATOM   360  N  N3    . C   A 1 17 ? 8.819   -14.663 7.187   1.00 62.88  ? 17  C   A N3    1 
ATOM   361  C  C4    . C   A 1 17 ? 8.412   -14.284 8.395   1.00 66.86  ? 17  C   A C4    1 
ATOM   362  N  N4    . C   A 1 17 ? 9.319   -13.925 9.302   1.00 65.57  ? 17  C   A N4    1 
ATOM   363  C  C5    . C   A 1 17 ? 7.037   -14.252 8.748   1.00 71.55  ? 17  C   A C5    1 
ATOM   364  C  C6    . C   A 1 17 ? 6.148   -14.613 7.819   1.00 73.39  ? 17  C   A C6    1 
ATOM   365  P  P     . C   A 1 18 ? 4.312   -20.073 5.905   1.00 91.63  ? 18  C   A P     1 
ATOM   366  O  OP1   . C   A 1 18 ? 3.171   -20.971 5.594   1.00 87.43  ? 18  C   A OP1   1 
ATOM   367  O  OP2   . C   A 1 18 ? 4.733   -19.906 7.331   1.00 82.00  ? 18  C   A OP2   1 
ATOM   368  O  "O5'" . C   A 1 18 ? 5.569   -20.462 5.009   1.00 84.17  ? 18  C   A "O5'" 1 
ATOM   369  C  "C5'" . C   A 1 18 ? 5.469   -20.472 3.590   1.00 85.51  ? 18  C   A "C5'" 1 
ATOM   370  C  "C4'" . C   A 1 18 ? 6.821   -20.350 2.933   1.00 87.30  ? 18  C   A "C4'" 1 
ATOM   371  O  "O4'" . C   A 1 18 ? 7.575   -19.277 3.574   1.00 85.55  ? 18  C   A "O4'" 1 
ATOM   372  C  "C3'" . C   A 1 18 ? 7.702   -21.602 3.012   1.00 87.68  ? 18  C   A "C3'" 1 
ATOM   373  O  "O3'" . C   A 1 18 ? 8.405   -21.769 1.780   1.00 92.33  ? 18  C   A "O3'" 1 
ATOM   374  C  "C2'" . C   A 1 18 ? 8.693   -21.256 4.121   1.00 84.68  ? 18  C   A "C2'" 1 
ATOM   375  O  "O2'" . C   A 1 18 ? 9.928   -21.934 4.036   1.00 83.91  ? 18  C   A "O2'" 1 
ATOM   376  C  "C1'" . C   A 1 18 ? 8.859   -19.753 3.921   1.00 83.52  ? 18  C   A "C1'" 1 
ATOM   377  N  N1    . C   A 1 18 ? 9.341   -19.027 5.128   1.00 76.84  ? 18  C   A N1    1 
ATOM   378  C  C2    . C   A 1 18 ? 10.633  -18.458 5.087   1.00 72.74  ? 18  C   A C2    1 
ATOM   379  O  O2    . C   A 1 18 ? 11.304  -18.546 4.050   1.00 71.41  ? 18  C   A O2    1 
ATOM   380  N  N3    . C   A 1 18 ? 11.134  -17.809 6.168   1.00 68.77  ? 18  C   A N3    1 
ATOM   381  C  C4    . C   A 1 18 ? 10.390  -17.716 7.272   1.00 68.60  ? 18  C   A C4    1 
ATOM   382  N  N4    . C   A 1 18 ? 10.913  -17.061 8.311   1.00 65.53  ? 18  C   A N4    1 
ATOM   383  C  C5    . C   A 1 18 ? 9.079   -18.285 7.352   1.00 71.89  ? 18  C   A C5    1 
ATOM   384  C  C6    . C   A 1 18 ? 8.596   -18.930 6.271   1.00 76.09  ? 18  C   A C6    1 
ATOM   385  P  P     . A   A 1 19 ? 7.916   -22.875 0.716   1.00 103.32 ? 19  A   A P     1 
ATOM   386  O  OP1   . A   A 1 19 ? 8.313   -24.202 1.259   1.00 98.85  ? 19  A   A OP1   1 
ATOM   387  O  OP2   . A   A 1 19 ? 8.430   -22.460 -0.625  1.00 84.00  ? 19  A   A OP2   1 
ATOM   388  O  "O5'" . A   A 1 19 ? 6.327   -22.728 0.760   1.00 96.13  ? 19  A   A "O5'" 1 
ATOM   389  C  "C5'" . A   A 1 19 ? 5.557   -22.742 -0.439  1.00 92.21  ? 19  A   A "C5'" 1 
ATOM   390  C  "C4'" . A   A 1 19 ? 5.045   -21.364 -0.791  1.00 91.22  ? 19  A   A "C4'" 1 
ATOM   391  O  "O4'" . A   A 1 19 ? 5.993   -20.354 -0.319  1.00 90.14  ? 19  A   A "O4'" 1 
ATOM   392  C  "C3'" . A   A 1 19 ? 4.880   -21.103 -2.286  1.00 90.74  ? 19  A   A "C3'" 1 
ATOM   393  O  "O3'" . A   A 1 19 ? 3.856   -20.125 -2.480  1.00 92.80  ? 19  A   A "O3'" 1 
ATOM   394  C  "C2'" . A   A 1 19 ? 6.218   -20.482 -2.640  1.00 87.92  ? 19  A   A "C2'" 1 
ATOM   395  O  "O2'" . A   A 1 19 ? 6.225   -19.753 -3.848  1.00 90.99  ? 19  A   A "O2'" 1 
ATOM   396  C  "C1'" . A   A 1 19 ? 6.422   -19.580 -1.427  1.00 89.25  ? 19  A   A "C1'" 1 
ATOM   397  N  N9    . A   A 1 19 ? 7.810   -19.156 -1.215  1.00 89.61  ? 19  A   A N9    1 
ATOM   398  C  C8    . A   A 1 19 ? 8.712   -19.474 -0.213  1.00 88.22  ? 19  A   A C8    1 
ATOM   399  N  N7    . A   A 1 19 ? 9.890   -18.897 -0.361  1.00 84.83  ? 19  A   A N7    1 
ATOM   400  C  C5    . A   A 1 19 ? 9.747   -18.145 -1.530  1.00 84.82  ? 19  A   A C5    1 
ATOM   401  C  C6    . A   A 1 19 ? 10.626  -17.303 -2.237  1.00 80.67  ? 19  A   A C6    1 
ATOM   402  N  N6    . A   A 1 19 ? 11.878  -17.065 -1.848  1.00 84.48  ? 19  A   A N6    1 
ATOM   403  N  N1    . A   A 1 19 ? 10.171  -16.710 -3.363  1.00 78.89  ? 19  A   A N1    1 
ATOM   404  C  C2    . A   A 1 19 ? 8.906   -16.951 -3.749  1.00 83.18  ? 19  A   A C2    1 
ATOM   405  N  N3    . A   A 1 19 ? 7.976   -17.718 -3.174  1.00 80.90  ? 19  A   A N3    1 
ATOM   406  C  C4    . A   A 1 19 ? 8.468   -18.287 -2.056  1.00 85.23  ? 19  A   A C4    1 
ATOM   407  P  P     . A   A 1 20 ? 2.438   -20.548 -3.098  1.00 97.31  ? 20  A   A P     1 
ATOM   408  O  OP1   . A   A 1 20 ? 2.444   -22.030 -3.221  1.00 87.46  ? 20  A   A OP1   1 
ATOM   409  O  OP2   . A   A 1 20 ? 2.234   -19.728 -4.319  1.00 86.95  ? 20  A   A OP2   1 
ATOM   410  O  "O5'" . A   A 1 20 ? 1.407   -20.100 -1.963  1.00 91.60  ? 20  A   A "O5'" 1 
ATOM   411  C  "C5'" . A   A 1 20 ? 1.306   -18.739 -1.553  1.00 87.52  ? 20  A   A "C5'" 1 
ATOM   412  C  "C4'" . A   A 1 20 ? 1.892   -18.523 -0.175  1.00 85.20  ? 20  A   A "C4'" 1 
ATOM   413  O  "O4'" . A   A 1 20 ? 3.334   -18.568 -0.250  1.00 85.36  ? 20  A   A "O4'" 1 
ATOM   414  C  "C3'" . A   A 1 20 ? 1.569   -17.187 0.481   1.00 78.10  ? 20  A   A "C3'" 1 
ATOM   415  O  "O3'" . A   A 1 20 ? 0.357   -17.241 1.212   1.00 78.96  ? 20  A   A "O3'" 1 
ATOM   416  C  "C2'" . A   A 1 20 ? 2.787   -16.898 1.363   1.00 75.53  ? 20  A   A "C2'" 1 
ATOM   417  O  "O2'" . A   A 1 20 ? 2.601   -17.445 2.658   1.00 78.43  ? 20  A   A "O2'" 1 
ATOM   418  C  "C1'" . A   A 1 20 ? 3.908   -17.675 0.672   1.00 81.65  ? 20  A   A "C1'" 1 
ATOM   419  N  N9    . A   A 1 20 ? 4.874   -16.818 -0.052  1.00 80.61  ? 20  A   A N9    1 
ATOM   420  C  C8    . A   A 1 20 ? 4.770   -16.320 -1.328  1.00 81.33  ? 20  A   A C8    1 
ATOM   421  N  N7    . A   A 1 20 ? 5.823   -15.653 -1.737  1.00 77.47  ? 20  A   A N7    1 
ATOM   422  C  C5    . A   A 1 20 ? 6.701   -15.745 -0.676  1.00 75.07  ? 20  A   A C5    1 
ATOM   423  C  C6    . A   A 1 20 ? 8.001   -15.245 -0.487  1.00 76.24  ? 20  A   A C6    1 
ATOM   424  N  N6    . A   A 1 20 ? 8.654   -14.523 -1.407  1.00 76.18  ? 20  A   A N6    1 
ATOM   425  N  N1    . A   A 1 20 ? 8.614   -15.506 0.688   1.00 75.63  ? 20  A   A N1    1 
ATOM   426  C  C2    . A   A 1 20 ? 7.950   -16.217 1.602   1.00 79.41  ? 20  A   A C2    1 
ATOM   427  N  N3    . A   A 1 20 ? 6.724   -16.744 1.534   1.00 80.98  ? 20  A   A N3    1 
ATOM   428  C  C4    . A   A 1 20 ? 6.141   -16.468 0.358   1.00 77.29  ? 20  A   A C4    1 
ATOM   429  P  P     . A   A 1 21 ? -0.793  -16.144 0.982   1.00 79.82  ? 21  A   A P     1 
ATOM   430  O  OP1   . A   A 1 21 ? -2.074  -16.750 1.419   1.00 81.61  ? 21  A   A OP1   1 
ATOM   431  O  OP2   . A   A 1 21 ? -0.669  -15.672 -0.425  1.00 74.83  ? 21  A   A OP2   1 
ATOM   432  O  "O5'" . A   A 1 21 ? -0.379  -14.990 1.997   1.00 76.58  ? 21  A   A "O5'" 1 
ATOM   433  C  "C5'" . A   A 1 21 ? -0.251  -15.266 3.384   1.00 78.55  ? 21  A   A "C5'" 1 
ATOM   434  C  "C4'" . A   A 1 21 ? 0.779   -14.379 4.045   1.00 75.58  ? 21  A   A "C4'" 1 
ATOM   435  O  "O4'" . A   A 1 21 ? 2.097   -14.658 3.514   1.00 76.28  ? 21  A   A "O4'" 1 
ATOM   436  C  "C3'" . A   A 1 21 ? 0.612   -12.891 3.828   1.00 72.66  ? 21  A   A "C3'" 1 
ATOM   437  O  "O3'" . A   A 1 21 ? -0.384  -12.327 4.658   1.00 74.53  ? 21  A   A "O3'" 1 
ATOM   438  C  "C2'" . A   A 1 21 ? 2.011   -12.361 4.111   1.00 71.58  ? 21  A   A "C2'" 1 
ATOM   439  O  "O2'" . A   A 1 21 ? 2.238   -12.269 5.505   1.00 74.49  ? 21  A   A "O2'" 1 
ATOM   440  C  "C1'" . A   A 1 21 ? 2.885   -13.487 3.562   1.00 72.29  ? 21  A   A "C1'" 1 
ATOM   441  N  N9    . A   A 1 21 ? 3.393   -13.186 2.209   1.00 68.85  ? 21  A   A N9    1 
ATOM   442  C  C8    . A   A 1 21 ? 2.718   -13.095 1.018   1.00 71.98  ? 21  A   A C8    1 
ATOM   443  N  N7    . A   A 1 21 ? 3.480   -12.794 -0.005  1.00 69.89  ? 21  A   A N7    1 
ATOM   444  C  C5    . A   A 1 21 ? 4.742   -12.668 0.555   1.00 66.50  ? 21  A   A C5    1 
ATOM   445  C  C6    . A   A 1 21 ? 5.993   -12.366 0.001   1.00 64.44  ? 21  A   A C6    1 
ATOM   446  N  N6    . A   A 1 21 ? 6.203   -12.111 -1.287  1.00 64.23  ? 21  A   A N6    1 
ATOM   447  N  N1    . A   A 1 21 ? 7.044   -12.323 0.833   1.00 65.20  ? 21  A   A N1    1 
ATOM   448  C  C2    . A   A 1 21 ? 6.848   -12.576 2.131   1.00 66.94  ? 21  A   A C2    1 
ATOM   449  N  N3    . A   A 1 21 ? 5.726   -12.873 2.774   1.00 67.28  ? 21  A   A N3    1 
ATOM   450  C  C4    . A   A 1 21 ? 4.699   -12.898 1.912   1.00 66.84  ? 21  A   A C4    1 
ATOM   451  P  P     . C   A 1 22 ? -1.742  -11.764 4.017   1.00 81.85  ? 22  C   A P     1 
ATOM   452  O  OP1   . C   A 1 22 ? -2.528  -11.150 5.126   1.00 74.16  ? 22  C   A OP1   1 
ATOM   453  O  OP2   . C   A 1 22 ? -2.348  -12.870 3.235   1.00 79.54  ? 22  C   A OP2   1 
ATOM   454  O  "O5'" . C   A 1 22 ? -1.221  -10.636 3.026   1.00 80.02  ? 22  C   A "O5'" 1 
ATOM   455  C  "C5'" . C   A 1 22 ? -0.476  -9.529  3.506   1.00 75.08  ? 22  C   A "C5'" 1 
ATOM   456  C  "C4'" . C   A 1 22 ? -0.060  -8.626  2.376   1.00 71.24  ? 22  C   A "C4'" 1 
ATOM   457  O  "O4'" . C   A 1 22 ? 0.868   -9.324  1.506   1.00 68.18  ? 22  C   A "O4'" 1 
ATOM   458  C  "C3'" . C   A 1 22 ? -1.165  -8.205  1.431   1.00 71.32  ? 22  C   A "C3'" 1 
ATOM   459  O  "O3'" . C   A 1 22 ? -1.992  -7.180  1.949   1.00 68.93  ? 22  C   A "O3'" 1 
ATOM   460  C  "C2'" . C   A 1 22 ? -0.392  -7.804  0.189   1.00 70.80  ? 22  C   A "C2'" 1 
ATOM   461  O  "O2'" . C   A 1 22 ? 0.192   -6.523  0.354   1.00 72.98  ? 22  C   A "O2'" 1 
ATOM   462  C  "C1'" . C   A 1 22 ? 0.727   -8.844  0.188   1.00 68.56  ? 22  C   A "C1'" 1 
ATOM   463  N  N1    . C   A 1 22 ? 0.432   -9.975  -0.714  1.00 73.30  ? 22  C   A N1    1 
ATOM   464  C  C2    . C   A 1 22 ? 0.601   -9.730  -2.093  1.00 76.52  ? 22  C   A C2    1 
ATOM   465  O  O2    . C   A 1 22 ? 0.976   -8.605  -2.458  1.00 77.58  ? 22  C   A O2    1 
ATOM   466  N  N3    . C   A 1 22 ? 0.358   -10.694 -3.012  1.00 73.97  ? 22  C   A N3    1 
ATOM   467  C  C4    . C   A 1 22 ? -0.045  -11.883 -2.589  1.00 74.19  ? 22  C   A C4    1 
ATOM   468  N  N4    . C   A 1 22 ? -0.274  -12.795 -3.538  1.00 72.94  ? 22  C   A N4    1 
ATOM   469  C  C5    . C   A 1 22 ? -0.230  -12.165 -1.192  1.00 74.17  ? 22  C   A C5    1 
ATOM   470  C  C6    . C   A 1 22 ? 0.009   -11.200 -0.282  1.00 70.71  ? 22  C   A C6    1 
ATOM   471  P  P     . U   A 1 23 ? -3.552  -7.155  1.565   1.00 67.43  ? 23  U   A P     1 
ATOM   472  O  OP1   . U   A 1 23 ? -4.166  -6.033  2.314   1.00 67.72  ? 23  U   A OP1   1 
ATOM   473  O  OP2   . U   A 1 23 ? -4.070  -8.531  1.778   1.00 70.58  ? 23  U   A OP2   1 
ATOM   474  O  "O5'" . U   A 1 23 ? -3.536  -6.827  0.003   1.00 64.82  ? 23  U   A "O5'" 1 
ATOM   475  C  "C5'" . U   A 1 23 ? -3.285  -5.512  -0.461  1.00 65.73  ? 23  U   A "C5'" 1 
ATOM   476  C  "C4'" . U   A 1 23 ? -3.133  -5.459  -1.962  1.00 68.86  ? 23  U   A "C4'" 1 
ATOM   477  O  "O4'" . U   A 1 23 ? -2.236  -6.508  -2.421  1.00 70.70  ? 23  U   A "O4'" 1 
ATOM   478  C  "C3'" . U   A 1 23 ? -4.391  -5.679  -2.789  1.00 66.66  ? 23  U   A "C3'" 1 
ATOM   479  O  "O3'" . U   A 1 23 ? -5.222  -4.533  -2.833  1.00 66.56  ? 23  U   A "O3'" 1 
ATOM   480  C  "C2'" . U   A 1 23 ? -3.810  -6.049  -4.147  1.00 65.94  ? 23  U   A "C2'" 1 
ATOM   481  O  "O2'" . U   A 1 23 ? -3.355  -4.883  -4.816  1.00 63.54  ? 23  U   A "O2'" 1 
ATOM   482  C  "C1'" . U   A 1 23 ? -2.580  -6.871  -3.744  1.00 66.91  ? 23  U   A "C1'" 1 
ATOM   483  N  N1    . U   A 1 23 ? -2.825  -8.329  -3.790  1.00 73.24  ? 23  U   A N1    1 
ATOM   484  C  C2    . U   A 1 23 ? -2.834  -8.976  -5.025  1.00 72.50  ? 23  U   A C2    1 
ATOM   485  O  O2    . U   A 1 23 ? -2.683  -8.412  -6.095  1.00 68.40  ? 23  U   A O2    1 
ATOM   486  N  N3    . U   A 1 23 ? -3.042  -10.333 -4.963  1.00 72.20  ? 23  U   A N3    1 
ATOM   487  C  C4    . U   A 1 23 ? -3.230  -11.096 -3.823  1.00 73.95  ? 23  U   A C4    1 
ATOM   488  O  O4    . U   A 1 23 ? -3.403  -12.312 -3.936  1.00 76.32  ? 23  U   A O4    1 
ATOM   489  C  C5    . U   A 1 23 ? -3.201  -10.363 -2.592  1.00 70.84  ? 23  U   A C5    1 
ATOM   490  C  C6    . U   A 1 23 ? -2.997  -9.041  -2.620  1.00 71.38  ? 23  U   A C6    1 
ATOM   491  P  P     . G   A 1 24 ? -6.797  -4.658  -2.550  1.00 70.73  ? 24  G   A P     1 
ATOM   492  O  OP1   . G   A 1 24 ? -7.006  -5.934  -1.818  1.00 71.29  ? 24  G   A OP1   1 
ATOM   493  O  OP2   . G   A 1 24 ? -7.499  -4.451  -3.845  1.00 64.86  ? 24  G   A OP2   1 
ATOM   494  O  "O5'" . G   A 1 24 ? -7.079  -3.428  -1.580  1.00 65.29  ? 24  G   A "O5'" 1 
ATOM   495  C  "C5'" . G   A 1 24 ? -6.686  -3.468  -0.217  1.00 60.89  ? 24  G   A "C5'" 1 
ATOM   496  C  "C4'" . G   A 1 24 ? -7.288  -2.324  0.556   1.00 59.13  ? 24  G   A "C4'" 1 
ATOM   497  O  "O4'" . G   A 1 24 ? -6.556  -1.099  0.267   1.00 57.90  ? 24  G   A "O4'" 1 
ATOM   498  C  "C3'" . G   A 1 24 ? -8.736  -1.999  0.222   1.00 58.04  ? 24  G   A "C3'" 1 
ATOM   499  O  "O3'" . G   A 1 24 ? -9.659  -2.812  0.928   1.00 61.80  ? 24  G   A "O3'" 1 
ATOM   500  C  "C2'" . G   A 1 24 ? -8.842  -0.517  0.554   1.00 59.61  ? 24  G   A "C2'" 1 
ATOM   501  O  "O2'" . G   A 1 24 ? -9.017  -0.319  1.944   1.00 58.90  ? 24  G   A "O2'" 1 
ATOM   502  C  "C1'" . G   A 1 24 ? -7.451  -0.012  0.159   1.00 59.05  ? 24  G   A "C1'" 1 
ATOM   503  N  N9    . G   A 1 24 ? -7.429  0.463   -1.235  1.00 56.53  ? 24  G   A N9    1 
ATOM   504  C  C8    . G   A 1 24 ? -6.876  -0.231  -2.273  1.00 56.18  ? 24  G   A C8    1 
ATOM   505  N  N7    . G   A 1 24 ? -7.021  0.381   -3.404  1.00 55.77  ? 24  G   A N7    1 
ATOM   506  C  C5    . G   A 1 24 ? -7.723  1.536   -3.097  1.00 52.16  ? 24  G   A C5    1 
ATOM   507  C  C6    . G   A 1 24 ? -8.152  2.579   -3.950  1.00 55.14  ? 24  G   A C6    1 
ATOM   508  O  O6    . G   A 1 24 ? -7.983  2.674   -5.181  1.00 55.38  ? 24  G   A O6    1 
ATOM   509  N  N1    . G   A 1 24 ? -8.838  3.563   -3.240  1.00 55.65  ? 24  G   A N1    1 
ATOM   510  C  C2    . G   A 1 24 ? -9.074  3.554   -1.890  1.00 55.83  ? 24  G   A C2    1 
ATOM   511  N  N2    . G   A 1 24 ? -9.756  4.608   -1.401  1.00 55.09  ? 24  G   A N2    1 
ATOM   512  N  N3    . G   A 1 24 ? -8.667  2.578   -1.088  1.00 56.11  ? 24  G   A N3    1 
ATOM   513  C  C4    . G   A 1 24 ? -8.000  1.606   -1.758  1.00 54.01  ? 24  G   A C4    1 
ATOM   514  P  P     . C   A 1 25 ? -11.046 -3.273  0.236   1.00 70.76  ? 25  C   A P     1 
ATOM   515  O  OP1   . C   A 1 25 ? -11.621 -4.335  1.089   1.00 70.88  ? 25  C   A OP1   1 
ATOM   516  O  OP2   . C   A 1 25 ? -10.757 -3.580  -1.194  1.00 61.52  ? 25  C   A OP2   1 
ATOM   517  O  "O5'" . C   A 1 25 ? -11.939 -1.963  0.341   1.00 62.95  ? 25  C   A "O5'" 1 
ATOM   518  C  "C5'" . C   A 1 25 ? -12.156 -1.337  1.589   1.00 58.15  ? 25  C   A "C5'" 1 
ATOM   519  C  "C4'" . C   A 1 25 ? -12.694 0.058   1.417   1.00 58.97  ? 25  C   A "C4'" 1 
ATOM   520  O  "O4'" . C   A 1 25 ? -11.716 0.899   0.743   1.00 57.79  ? 25  C   A "O4'" 1 
ATOM   521  C  "C3'" . C   A 1 25 ? -13.930 0.186   0.557   1.00 60.18  ? 25  C   A "C3'" 1 
ATOM   522  O  "O3'" . C   A 1 25 ? -15.114 -0.181  1.244   1.00 60.46  ? 25  C   A "O3'" 1 
ATOM   523  C  "C2'" . C   A 1 25 ? -13.884 1.657   0.152   1.00 59.21  ? 25  C   A "C2'" 1 
ATOM   524  O  "O2'" . C   A 1 25 ? -14.312 2.486   1.226   1.00 59.58  ? 25  C   A "O2'" 1 
ATOM   525  C  "C1'" . C   A 1 25 ? -12.381 1.867   -0.045  1.00 54.20  ? 25  C   A "C1'" 1 
ATOM   526  N  N1    . C   A 1 25 ? -11.979 1.678   -1.450  1.00 55.93  ? 25  C   A N1    1 
ATOM   527  C  C2    . C   A 1 25 ? -12.266 2.658   -2.432  1.00 57.96  ? 25  C   A C2    1 
ATOM   528  O  O2    . C   A 1 25 ? -12.856 3.707   -2.118  1.00 57.36  ? 25  C   A O2    1 
ATOM   529  N  N3    . C   A 1 25 ? -11.886 2.446   -3.720  1.00 53.87  ? 25  C   A N3    1 
ATOM   530  C  C4    . C   A 1 25 ? -11.250 1.307   -4.012  1.00 52.42  ? 25  C   A C4    1 
ATOM   531  N  N4    . C   A 1 25 ? -10.881 1.106   -5.276  1.00 55.25  ? 25  C   A N4    1 
ATOM   532  C  C5    . C   A 1 25 ? -10.955 0.308   -3.043  1.00 50.73  ? 25  C   A C5    1 
ATOM   533  C  C6    . C   A 1 25 ? -11.330 0.526   -1.790  1.00 53.92  ? 25  C   A C6    1 
ATOM   534  P  P     . C   A 1 26 ? -16.286 -1.007  0.494   1.00 68.10  ? 26  C   A P     1 
ATOM   535  O  OP1   . C   A 1 26 ? -17.143 -1.584  1.570   1.00 63.12  ? 26  C   A OP1   1 
ATOM   536  O  OP2   . C   A 1 26 ? -15.635 -1.932  -0.485  1.00 58.49  ? 26  C   A OP2   1 
ATOM   537  O  "O5'" . C   A 1 26 ? -17.083 0.128   -0.296  1.00 57.54  ? 26  C   A "O5'" 1 
ATOM   538  C  "C5'" . C   A 1 26 ? -17.451 1.339   0.346   1.00 56.30  ? 26  C   A "C5'" 1 
ATOM   539  C  "C4'" . C   A 1 26 ? -17.786 2.406   -0.658  1.00 59.88  ? 26  C   A "C4'" 1 
ATOM   540  O  "O4'" . C   A 1 26 ? -16.575 2.854   -1.322  1.00 59.74  ? 26  C   A "O4'" 1 
ATOM   541  C  "C3'" . C   A 1 26 ? -18.677 1.975   -1.806  1.00 61.59  ? 26  C   A "C3'" 1 
ATOM   542  O  "O3'" . C   A 1 26 ? -20.043 1.890   -1.449  1.00 62.48  ? 26  C   A "O3'" 1 
ATOM   543  C  "C2'" . C   A 1 26 ? -18.366 3.019   -2.880  1.00 58.73  ? 26  C   A "C2'" 1 
ATOM   544  O  "O2'" . C   A 1 26 ? -19.027 4.249   -2.614  1.00 56.45  ? 26  C   A "O2'" 1 
ATOM   545  C  "C1'" . C   A 1 26 ? -16.868 3.225   -2.659  1.00 59.64  ? 26  C   A "C1'" 1 
ATOM   546  N  N1    . C   A 1 26 ? -16.054 2.391   -3.573  1.00 59.52  ? 26  C   A N1    1 
ATOM   547  C  C2    . C   A 1 26 ? -15.967 2.801   -4.917  1.00 58.78  ? 26  C   A C2    1 
ATOM   548  O  O2    . C   A 1 26 ? -16.576 3.834   -5.271  1.00 56.93  ? 26  C   A O2    1 
ATOM   549  N  N3    . C   A 1 26 ? -15.234 2.060   -5.794  1.00 56.87  ? 26  C   A N3    1 
ATOM   550  C  C4    . C   A 1 26 ? -14.611 0.965   -5.349  1.00 58.43  ? 26  C   A C4    1 
ATOM   551  N  N4    . C   A 1 26 ? -13.898 0.263   -6.233  1.00 53.50  ? 26  C   A N4    1 
ATOM   552  C  C5    . C   A 1 26 ? -14.687 0.535   -3.977  1.00 57.12  ? 26  C   A C5    1 
ATOM   553  C  C6    . C   A 1 26 ? -15.415 1.264   -3.126  1.00 54.82  ? 26  C   A C6    1 
ATOM   554  P  P     . C   A 1 27 ? -21.001 0.834   -2.198  1.00 67.42  ? 27  C   A P     1 
ATOM   555  O  OP1   . C   A 1 27 ? -22.227 0.700   -1.371  1.00 71.30  ? 27  C   A OP1   1 
ATOM   556  O  OP2   . C   A 1 27 ? -20.185 -0.390  -2.481  1.00 52.44  ? 27  C   A OP2   1 
ATOM   557  O  "O5'" . C   A 1 27 ? -21.352 1.592   -3.552  1.00 60.41  ? 27  C   A "O5'" 1 
ATOM   558  C  "C5'" . C   A 1 27 ? -22.119 2.785   -3.524  1.00 61.42  ? 27  C   A "C5'" 1 
ATOM   559  C  "C4'" . C   A 1 27 ? -22.264 3.395   -4.896  1.00 60.47  ? 27  C   A "C4'" 1 
ATOM   560  O  "O4'" . C   A 1 27 ? -20.963 3.786   -5.401  1.00 57.78  ? 27  C   A "O4'" 1 
ATOM   561  C  "C3'" . C   A 1 27 ? -22.811 2.485   -5.980  1.00 62.52  ? 27  C   A "C3'" 1 
ATOM   562  O  "O3'" . C   A 1 27 ? -24.221 2.330   -5.930  1.00 66.43  ? 27  C   A "O3'" 1 
ATOM   563  C  "C2'" . C   A 1 27 ? -22.316 3.170   -7.241  1.00 62.45  ? 27  C   A "C2'" 1 
ATOM   564  O  "O2'" . C   A 1 27 ? -23.089 4.331   -7.514  1.00 57.32  ? 27  C   A "O2'" 1 
ATOM   565  C  "C1'" . C   A 1 27 ? -20.923 3.608   -6.798  1.00 59.44  ? 27  C   A "C1'" 1 
ATOM   566  N  N1    . C   A 1 27 ? -19.904 2.585   -7.104  1.00 60.61  ? 27  C   A N1    1 
ATOM   567  C  C2    . C   A 1 27 ? -19.456 2.466   -8.418  1.00 58.83  ? 27  C   A C2    1 
ATOM   568  O  O2    . C   A 1 27 ? -19.933 3.243   -9.253  1.00 57.26  ? 27  C   A O2    1 
ATOM   569  N  N3    . C   A 1 27 ? -18.523 1.531   -8.737  1.00 57.86  ? 27  C   A N3    1 
ATOM   570  C  C4    . C   A 1 27 ? -18.036 0.732   -7.784  1.00 57.44  ? 27  C   A C4    1 
ATOM   571  N  N4    . C   A 1 27 ? -17.105 -0.170  -8.112  1.00 54.07  ? 27  C   A N4    1 
ATOM   572  C  C5    . C   A 1 27 ? -18.488 0.825   -6.434  1.00 59.54  ? 27  C   A C5    1 
ATOM   573  C  C6    . C   A 1 27 ? -19.412 1.754   -6.136  1.00 60.73  ? 27  C   A C6    1 
ATOM   574  P  P     . U   A 1 28 ? -24.897 0.913   -6.315  1.00 70.43  ? 28  U   A P     1 
ATOM   575  O  OP1   . U   A 1 28 ? -26.340 1.027   -6.006  1.00 67.38  ? 28  U   A OP1   1 
ATOM   576  O  OP2   . U   A 1 28 ? -24.104 -0.152  -5.641  1.00 62.37  ? 28  U   A OP2   1 
ATOM   577  O  "O5'" . U   A 1 28 ? -24.680 0.832   -7.895  1.00 60.59  ? 28  U   A "O5'" 1 
ATOM   578  C  "C5'" . U   A 1 28 ? -25.141 1.867   -8.743  1.00 58.65  ? 28  U   A "C5'" 1 
ATOM   579  C  "C4'" . U   A 1 28 ? -24.810 1.589   -10.185 1.00 63.25  ? 28  U   A "C4'" 1 
ATOM   580  O  "O4'" . U   A 1 28 ? -23.399 1.833   -10.432 1.00 64.92  ? 28  U   A "O4'" 1 
ATOM   581  C  "C3'" . U   A 1 28 ? -25.014 0.164   -10.656 1.00 60.91  ? 28  U   A "C3'" 1 
ATOM   582  O  "O3'" . U   A 1 28 ? -26.365 -0.140  -10.908 1.00 59.74  ? 28  U   A "O3'" 1 
ATOM   583  C  "C2'" . U   A 1 28 ? -24.139 0.108   -11.896 1.00 60.47  ? 28  U   A "C2'" 1 
ATOM   584  O  "O2'" . U   A 1 28 ? -24.784 0.742   -12.988 1.00 65.45  ? 28  U   A "O2'" 1 
ATOM   585  C  "C1'" . U   A 1 28 ? -22.950 0.972   -11.463 1.00 61.77  ? 28  U   A "C1'" 1 
ATOM   586  N  N1    . U   A 1 28 ? -21.851 0.146   -10.948 1.00 60.49  ? 28  U   A N1    1 
ATOM   587  C  C2    . U   A 1 28 ? -21.050 -0.429  -11.905 1.00 61.82  ? 28  U   A C2    1 
ATOM   588  O  O2    . U   A 1 28 ? -21.217 -0.231  -13.100 1.00 61.17  ? 28  U   A O2    1 
ATOM   589  N  N3    . U   A 1 28 ? -20.043 -1.216  -11.400 1.00 60.83  ? 28  U   A N3    1 
ATOM   590  C  C4    . U   A 1 28 ? -19.783 -1.487  -10.070 1.00 58.43  ? 28  U   A C4    1 
ATOM   591  O  O4    . U   A 1 28 ? -18.831 -2.223  -9.766  1.00 58.37  ? 28  U   A O4    1 
ATOM   592  C  C5    . U   A 1 28 ? -20.678 -0.854  -9.157  1.00 56.17  ? 28  U   A C5    1 
ATOM   593  C  C6    . U   A 1 28 ? -21.654 -0.082  -9.612  1.00 58.05  ? 28  U   A C6    1 
ATOM   594  P  P     . G   A 1 29 ? -26.952 -1.590  -10.544 1.00 68.06  ? 29  G   A P     1 
ATOM   595  O  OP1   . G   A 1 29 ? -28.395 -1.585  -10.940 1.00 66.19  ? 29  G   A OP1   1 
ATOM   596  O  OP2   . G   A 1 29 ? -26.599 -1.866  -9.118  1.00 68.40  ? 29  G   A OP2   1 
ATOM   597  O  "O5'" . G   A 1 29 ? -26.133 -2.563  -11.495 1.00 59.52  ? 29  G   A "O5'" 1 
ATOM   598  C  "C5'" . G   A 1 29 ? -26.275 -2.494  -12.900 1.00 56.85  ? 29  G   A "C5'" 1 
ATOM   599  C  "C4'" . G   A 1 29 ? -25.356 -3.465  -13.579 1.00 55.83  ? 29  G   A "C4'" 1 
ATOM   600  O  "O4'" . G   A 1 29 ? -23.984 -3.014  -13.459 1.00 60.54  ? 29  G   A "O4'" 1 
ATOM   601  C  "C3'" . G   A 1 29 ? -25.306 -4.850  -12.980 1.00 58.41  ? 29  G   A "C3'" 1 
ATOM   602  O  "O3'" . G   A 1 29 ? -26.425 -5.636  -13.297 1.00 61.19  ? 29  G   A "O3'" 1 
ATOM   603  C  "C2'" . G   A 1 29 ? -23.998 -5.388  -13.532 1.00 58.00  ? 29  G   A "C2'" 1 
ATOM   604  O  "O2'" . G   A 1 29 ? -24.142 -5.795  -14.879 1.00 55.37  ? 29  G   A "O2'" 1 
ATOM   605  C  "C1'" . G   A 1 29 ? -23.118 -4.134  -13.472 1.00 58.76  ? 29  G   A "C1'" 1 
ATOM   606  N  N9    . G   A 1 29 ? -22.337 -4.139  -12.238 1.00 61.25  ? 29  G   A N9    1 
ATOM   607  C  C8    . G   A 1 29 ? -22.669 -3.588  -11.029 1.00 60.87  ? 29  G   A C8    1 
ATOM   608  N  N7    . G   A 1 29 ? -21.795 -3.892  -10.108 1.00 60.57  ? 29  G   A N7    1 
ATOM   609  C  C5    . G   A 1 29 ? -20.868 -4.719  -10.746 1.00 61.68  ? 29  G   A C5    1 
ATOM   610  C  C6    . G   A 1 29 ? -19.695 -5.362  -10.265 1.00 63.14  ? 29  G   A C6    1 
ATOM   611  O  O6    . G   A 1 29 ? -19.214 -5.317  -9.127  1.00 70.71  ? 29  G   A O6    1 
ATOM   612  N  N1    . G   A 1 29 ? -19.050 -6.107  -11.248 1.00 61.30  ? 29  G   A N1    1 
ATOM   613  C  C2    . G   A 1 29 ? -19.474 -6.213  -12.547 1.00 60.25  ? 29  G   A C2    1 
ATOM   614  N  N2    . G   A 1 29 ? -18.715 -6.977  -13.350 1.00 59.00  ? 29  G   A N2    1 
ATOM   615  N  N3    . G   A 1 29 ? -20.569 -5.626  -13.008 1.00 60.99  ? 29  G   A N3    1 
ATOM   616  C  C4    . G   A 1 29 ? -21.206 -4.897  -12.062 1.00 62.38  ? 29  G   A C4    1 
ATOM   617  P  P     . A   A 1 30 ? -27.007 -6.663  -12.213 1.00 64.36  ? 30  A   A P     1 
ATOM   618  O  OP1   . A   A 1 30 ? -28.256 -7.240  -12.779 1.00 64.71  ? 30  A   A OP1   1 
ATOM   619  O  OP2   . A   A 1 30 ? -27.075 -5.937  -10.925 1.00 58.28  ? 30  A   A OP2   1 
ATOM   620  O  "O5'" . A   A 1 30 ? -25.877 -7.781  -12.153 1.00 58.46  ? 30  A   A "O5'" 1 
ATOM   621  C  "C5'" . A   A 1 30 ? -25.978 -8.869  -11.254 1.00 57.76  ? 30  A   A "C5'" 1 
ATOM   622  C  "C4'" . A   A 1 30 ? -25.359 -10.102 -11.836 1.00 57.46  ? 30  A   A "C4'" 1 
ATOM   623  O  "O4'" . A   A 1 30 ? -26.146 -10.535 -12.963 1.00 57.29  ? 30  A   A "O4'" 1 
ATOM   624  C  "C3'" . A   A 1 30 ? -23.947 -9.922  -12.372 1.00 61.02  ? 30  A   A "C3'" 1 
ATOM   625  O  "O3'" . A   A 1 30 ? -22.962 -10.158 -11.379 1.00 65.08  ? 30  A   A "O3'" 1 
ATOM   626  C  "C2'" . A   A 1 30 ? -23.869 -10.885 -13.561 1.00 63.52  ? 30  A   A "C2'" 1 
ATOM   627  O  "O2'" . A   A 1 30 ? -23.463 -12.179 -13.153 1.00 60.79  ? 30  A   A "O2'" 1 
ATOM   628  C  "C1'" . A   A 1 30 ? -25.319 -10.958 -14.020 1.00 61.05  ? 30  A   A "C1'" 1 
ATOM   629  N  N9    . A   A 1 30 ? -25.596 -10.109 -15.200 1.00 59.69  ? 30  A   A N9    1 
ATOM   630  C  C8    . A   A 1 30 ? -26.460 -9.029  -15.218 1.00 58.36  ? 30  A   A C8    1 
ATOM   631  N  N7    . A   A 1 30 ? -26.563 -8.470  -16.406 1.00 59.88  ? 30  A   A N7    1 
ATOM   632  C  C5    . A   A 1 30 ? -25.730 -9.241  -17.224 1.00 56.45  ? 30  A   A C5    1 
ATOM   633  C  C6    . A   A 1 30 ? -25.409 -9.169  -18.602 1.00 52.22  ? 30  A   A C6    1 
ATOM   634  N  N6    . A   A 1 30 ? -25.917 -8.244  -19.421 1.00 49.92  ? 30  A   A N6    1 
ATOM   635  N  N1    . A   A 1 30 ? -24.546 -10.075 -19.116 1.00 48.91  ? 30  A   A N1    1 
ATOM   636  C  C2    . A   A 1 30 ? -24.047 -10.990 -18.279 1.00 53.57  ? 30  A   A C2    1 
ATOM   637  N  N3    . A   A 1 30 ? -24.272 -11.151 -16.972 1.00 54.24  ? 30  A   A N3    1 
ATOM   638  C  C4    . A   A 1 30 ? -25.134 -10.251 -16.492 1.00 52.62  ? 30  A   A C4    1 
ATOM   639  P  P     . A   A 1 31 ? -21.774 -9.098  -11.132 1.00 70.29  ? 31  A   A P     1 
ATOM   640  O  OP1   . A   A 1 31 ? -21.284 -9.305  -9.748  1.00 73.96  ? 31  A   A OP1   1 
ATOM   641  O  OP2   . A   A 1 31 ? -22.293 -7.747  -11.501 1.00 62.39  ? 31  A   A OP2   1 
ATOM   642  O  "O5'" . A   A 1 31 ? -20.668 -9.574  -12.177 1.00 55.24  ? 31  A   A "O5'" 1 
ATOM   643  C  "C5'" . A   A 1 31 ? -20.143 -10.889 -12.138 1.00 54.16  ? 31  A   A "C5'" 1 
ATOM   644  C  "C4'" . A   A 1 31 ? -19.773 -11.361 -13.516 1.00 56.61  ? 31  A   A "C4'" 1 
ATOM   645  O  "O4'" . A   A 1 31 ? -20.926 -11.238 -14.373 1.00 60.15  ? 31  A   A "O4'" 1 
ATOM   646  C  "C3'" . A   A 1 31 ? -18.672 -10.568 -14.217 1.00 57.79  ? 31  A   A "C3'" 1 
ATOM   647  O  "O3'" . A   A 1 31 ? -17.387 -11.081 -13.941 1.00 65.17  ? 31  A   A "O3'" 1 
ATOM   648  C  "C2'" . A   A 1 31 ? -19.031 -10.649 -15.701 1.00 62.43  ? 31  A   A "C2'" 1 
ATOM   649  O  "O2'" . A   A 1 31 ? -18.432 -11.784 -16.321 1.00 61.22  ? 31  A   A "O2'" 1 
ATOM   650  C  "C1'" . A   A 1 31 ? -20.544 -10.845 -15.671 1.00 61.03  ? 31  A   A "C1'" 1 
ATOM   651  N  N9    . A   A 1 31 ? -21.279 -9.621  -16.021 1.00 58.31  ? 31  A   A N9    1 
ATOM   652  C  C8    . A   A 1 31 ? -21.914 -8.767  -15.156 1.00 58.32  ? 31  A   A C8    1 
ATOM   653  N  N7    . A   A 1 31 ? -22.523 -7.784  -15.766 1.00 60.06  ? 31  A   A N7    1 
ATOM   654  C  C5    . A   A 1 31 ? -22.266 -8.018  -17.113 1.00 55.98  ? 31  A   A C5    1 
ATOM   655  C  C6    . A   A 1 31 ? -22.648 -7.339  -18.272 1.00 50.91  ? 31  A   A C6    1 
ATOM   656  N  N6    . A   A 1 31 ? -23.382 -6.230  -18.241 1.00 49.73  ? 31  A   A N6    1 
ATOM   657  N  N1    . A   A 1 31 ? -22.240 -7.831  -19.461 1.00 51.05  ? 31  A   A N1    1 
ATOM   658  C  C2    . A   A 1 31 ? -21.492 -8.936  -19.471 1.00 54.07  ? 31  A   A C2    1 
ATOM   659  N  N3    . A   A 1 31 ? -21.081 -9.675  -18.442 1.00 56.97  ? 31  A   A N3    1 
ATOM   660  C  C4    . A   A 1 31 ? -21.503 -9.149  -17.284 1.00 55.36  ? 31  A   A C4    1 
ATOM   661  P  P     . A   A 1 32 ? -16.098 -10.121 -13.966 1.00 65.73  ? 32  A   A P     1 
ATOM   662  O  OP1   . A   A 1 32 ? -14.930 -10.974 -13.613 1.00 59.77  ? 32  A   A OP1   1 
ATOM   663  O  OP2   . A   A 1 32 ? -16.427 -8.938  -13.114 1.00 56.81  ? 32  A   A OP2   1 
ATOM   664  O  "O5'" . A   A 1 32 ? -15.987 -9.676  -15.486 1.00 59.67  ? 32  A   A "O5'" 1 
ATOM   665  C  "C5'" . A   A 1 32 ? -15.032 -10.271 -16.351 1.00 61.31  ? 32  A   A "C5'" 1 
ATOM   666  C  "C4'" . A   A 1 32 ? -15.217 -9.798  -17.768 1.00 65.59  ? 32  A   A "C4'" 1 
ATOM   667  O  "O4'" . A   A 1 32 ? -16.640 -9.771  -18.082 1.00 64.11  ? 32  A   A "O4'" 1 
ATOM   668  C  "C3'" . A   A 1 32 ? -14.743 -8.377  -18.059 1.00 63.82  ? 32  A   A "C3'" 1 
ATOM   669  O  "O3'" . A   A 1 32 ? -13.358 -8.302  -18.345 1.00 67.02  ? 32  A   A "O3'" 1 
ATOM   670  C  "C2'" . A   A 1 32 ? -15.619 -7.972  -19.228 1.00 61.66  ? 32  A   A "C2'" 1 
ATOM   671  O  "O2'" . A   A 1 32 ? -15.151 -8.577  -20.419 1.00 66.25  ? 32  A   A "O2'" 1 
ATOM   672  C  "C1'" . A   A 1 32 ? -16.942 -8.628  -18.848 1.00 62.03  ? 32  A   A "C1'" 1 
ATOM   673  N  N9    . A   A 1 32 ? -17.789 -7.737  -18.037 1.00 58.35  ? 32  A   A N9    1 
ATOM   674  C  C8    . A   A 1 32 ? -17.820 -7.594  -16.674 1.00 60.44  ? 32  A   A C8    1 
ATOM   675  N  N7    . A   A 1 32 ? -18.688 -6.714  -16.242 1.00 57.69  ? 32  A   A N7    1 
ATOM   676  C  C5    . A   A 1 32 ? -19.277 -6.252  -17.398 1.00 54.94  ? 32  A   A C5    1 
ATOM   677  C  C6    . A   A 1 32 ? -20.276 -5.304  -17.637 1.00 51.64  ? 32  A   A C6    1 
ATOM   678  N  N6    . A   A 1 32 ? -20.908 -4.630  -16.689 1.00 53.43  ? 32  A   A N6    1 
ATOM   679  N  N1    . A   A 1 32 ? -20.629 -5.062  -18.911 1.00 50.00  ? 32  A   A N1    1 
ATOM   680  C  C2    . A   A 1 32 ? -20.017 -5.733  -19.894 1.00 55.59  ? 32  A   A C2    1 
ATOM   681  N  N3    . A   A 1 32 ? -19.060 -6.658  -19.799 1.00 59.56  ? 32  A   A N3    1 
ATOM   682  C  C4    . A   A 1 32 ? -18.728 -6.867  -18.508 1.00 58.14  ? 32  A   A C4    1 
ATOM   683  P  P     . A   A 1 33 ? -12.417 -7.249  -17.568 1.00 72.57  ? 33  A   A P     1 
ATOM   684  O  OP1   . A   A 1 33 ? -11.130 -7.196  -18.301 1.00 72.44  ? 33  A   A OP1   1 
ATOM   685  O  OP2   . A   A 1 33 ? -12.417 -7.641  -16.132 1.00 59.34  ? 33  A   A OP2   1 
ATOM   686  O  "O5'" . A   A 1 33 ? -13.186 -5.871  -17.744 1.00 68.19  ? 33  A   A "O5'" 1 
ATOM   687  C  "C5'" . A   A 1 33 ? -13.293 -5.248  -19.013 1.00 61.99  ? 33  A   A "C5'" 1 
ATOM   688  C  "C4'" . A   A 1 33 ? -14.518 -4.368  -19.081 1.00 66.95  ? 33  A   A "C4'" 1 
ATOM   689  O  "O4'" . A   A 1 33 ? -15.615 -4.996  -18.351 1.00 67.85  ? 33  A   A "O4'" 1 
ATOM   690  C  "C3'" . A   A 1 33 ? -14.403 -2.989  -18.442 1.00 63.96  ? 33  A   A "C3'" 1 
ATOM   691  O  "O3'" . A   A 1 33 ? -13.744 -2.048  -19.273 1.00 68.08  ? 33  A   A "O3'" 1 
ATOM   692  C  "C2'" . A   A 1 33 ? -15.861 -2.638  -18.181 1.00 65.80  ? 33  A   A "C2'" 1 
ATOM   693  O  "O2'" . A   A 1 33 ? -16.497 -2.219  -19.382 1.00 66.49  ? 33  A   A "O2'" 1 
ATOM   694  C  "C1'" . A   A 1 33 ? -16.435 -4.000  -17.774 1.00 64.46  ? 33  A   A "C1'" 1 
ATOM   695  N  N9    . A   A 1 33 ? -16.418 -4.173  -16.311 1.00 62.95  ? 33  A   A N9    1 
ATOM   696  C  C8    . A   A 1 33 ? -15.587 -4.964  -15.576 1.00 57.63  ? 33  A   A C8    1 
ATOM   697  N  N7    . A   A 1 33 ? -15.816 -4.858  -14.287 1.00 60.43  ? 33  A   A N7    1 
ATOM   698  C  C5    . A   A 1 33 ? -16.849 -3.936  -14.167 1.00 59.71  ? 33  A   A C5    1 
ATOM   699  C  C6    . A   A 1 33 ? -17.546 -3.397  -13.056 1.00 59.52  ? 33  A   A C6    1 
ATOM   700  N  N6    . A   A 1 33 ? -17.291 -3.721  -11.788 1.00 53.18  ? 33  A   A N6    1 
ATOM   701  N  N1    . A   A 1 33 ? -18.532 -2.493  -13.299 1.00 60.89  ? 33  A   A N1    1 
ATOM   702  C  C2    . A   A 1 33 ? -18.781 -2.156  -14.577 1.00 60.21  ? 33  A   A C2    1 
ATOM   703  N  N3    . A   A 1 33 ? -18.193 -2.597  -15.702 1.00 58.18  ? 33  A   A N3    1 
ATOM   704  C  C4    . A   A 1 33 ? -17.228 -3.499  -15.421 1.00 59.80  ? 33  A   A C4    1 
ATOM   705  P  P     . G   A 1 34 ? -12.797 -0.907  -18.640 1.00 66.67  ? 34  G   A P     1 
ATOM   706  O  OP1   . G   A 1 34 ? -11.886 -0.472  -19.719 1.00 72.32  ? 34  G   A OP1   1 
ATOM   707  O  OP2   . G   A 1 34 ? -12.207 -1.457  -17.384 1.00 66.98  ? 34  G   A OP2   1 
ATOM   708  O  "O5'" . G   A 1 34 ? -13.822 0.256   -18.292 1.00 59.29  ? 34  G   A "O5'" 1 
ATOM   709  C  "C5'" . G   A 1 34 ? -14.899 0.551   -19.161 1.00 64.85  ? 34  G   A "C5'" 1 
ATOM   710  C  "C4'" . G   A 1 34 ? -15.994 1.280   -18.440 1.00 66.15  ? 34  G   A "C4'" 1 
ATOM   711  O  "O4'" . G   A 1 34 ? -16.707 0.373   -17.554 1.00 69.56  ? 34  G   A "O4'" 1 
ATOM   712  C  "C3'" . G   A 1 34 ? -15.548 2.381   -17.507 1.00 67.54  ? 34  G   A "C3'" 1 
ATOM   713  O  "O3'" . G   A 1 34 ? -15.150 3.554   -18.185 1.00 74.90  ? 34  G   A "O3'" 1 
ATOM   714  C  "C2'" . G   A 1 34 ? -16.778 2.555   -16.628 1.00 63.99  ? 34  G   A "C2'" 1 
ATOM   715  O  "O2'" . G   A 1 34 ? -17.810 3.202   -17.347 1.00 64.38  ? 34  G   A "O2'" 1 
ATOM   716  C  "C1'" . G   A 1 34 ? -17.189 1.096   -16.431 1.00 65.76  ? 34  G   A "C1'" 1 
ATOM   717  N  N9    . G   A 1 34 ? -16.599 0.527   -15.200 1.00 65.62  ? 34  G   A N9    1 
ATOM   718  C  C8    . G   A 1 34 ? -15.497 -0.298  -15.074 1.00 62.38  ? 34  G   A C8    1 
ATOM   719  N  N7    . G   A 1 34 ? -15.224 -0.607  -13.833 1.00 58.96  ? 34  G   A N7    1 
ATOM   720  C  C5    . G   A 1 34 ? -16.203 0.055   -13.096 1.00 59.21  ? 34  G   A C5    1 
ATOM   721  C  C6    . G   A 1 34 ? -16.436 0.106   -11.694 1.00 59.97  ? 34  G   A C6    1 
ATOM   722  O  O6    . G   A 1 34 ? -15.794 -0.444  -10.797 1.00 62.69  ? 34  G   A O6    1 
ATOM   723  N  N1    . G   A 1 34 ? -17.532 0.891   -11.352 1.00 55.90  ? 34  G   A N1    1 
ATOM   724  C  C2    . G   A 1 34 ? -18.298 1.546   -12.267 1.00 57.33  ? 34  G   A C2    1 
ATOM   725  N  N2    . G   A 1 34 ? -19.301 2.257   -11.754 1.00 60.90  ? 34  G   A N2    1 
ATOM   726  N  N3    . G   A 1 34 ? -18.107 1.516   -13.575 1.00 59.03  ? 34  G   A N3    1 
ATOM   727  C  C4    . G   A 1 34 ? -17.052 0.759   -13.920 1.00 60.74  ? 34  G   A C4    1 
ATOM   728  P  P     . G   A 1 35 ? -14.183 4.617   -17.460 1.00 78.92  ? 35  G   A P     1 
ATOM   729  O  OP1   . G   A 1 35 ? -13.570 5.454   -18.533 1.00 72.76  ? 35  G   A OP1   1 
ATOM   730  O  OP2   . G   A 1 35 ? -13.291 3.857   -16.533 1.00 64.69  ? 35  G   A OP2   1 
ATOM   731  O  "O5'" . G   A 1 35 ? -15.210 5.487   -16.621 1.00 71.75  ? 35  G   A "O5'" 1 
ATOM   732  C  "C5'" . G   A 1 35 ? -14.903 5.887   -15.305 1.00 66.97  ? 35  G   A "C5'" 1 
ATOM   733  C  "C4'" . G   A 1 35 ? -16.125 6.372   -14.577 1.00 65.77  ? 35  G   A "C4'" 1 
ATOM   734  O  "O4'" . G   A 1 35 ? -16.944 5.234   -14.180 1.00 63.70  ? 35  G   A "O4'" 1 
ATOM   735  C  "C3'" . G   A 1 35 ? -15.831 7.105   -13.284 1.00 67.57  ? 35  G   A "C3'" 1 
ATOM   736  O  "O3'" . G   A 1 35 ? -15.606 8.479   -13.482 1.00 67.94  ? 35  G   A "O3'" 1 
ATOM   737  C  "C2'" . G   A 1 35 ? -17.032 6.784   -12.413 1.00 68.18  ? 35  G   A "C2'" 1 
ATOM   738  O  "O2'" . G   A 1 35 ? -18.157 7.559   -12.804 1.00 63.17  ? 35  G   A "O2'" 1 
ATOM   739  C  "C1'" . G   A 1 35 ? -17.273 5.334   -12.814 1.00 64.17  ? 35  G   A "C1'" 1 
ATOM   740  N  N9    . G   A 1 35 ? -16.385 4.404   -12.072 1.00 60.12  ? 35  G   A N9    1 
ATOM   741  C  C8    . G   A 1 35 ? -15.431 3.616   -12.660 1.00 58.38  ? 35  G   A C8    1 
ATOM   742  N  N7    . G   A 1 35 ? -14.764 2.874   -11.825 1.00 58.43  ? 35  G   A N7    1 
ATOM   743  C  C5    . G   A 1 35 ? -15.295 3.192   -10.588 1.00 58.26  ? 35  G   A C5    1 
ATOM   744  C  C6    . G   A 1 35 ? -14.957 2.695   -9.299  1.00 57.84  ? 35  G   A C6    1 
ATOM   745  O  O6    . G   A 1 35 ? -14.111 1.854   -8.970  1.00 57.58  ? 35  G   A O6    1 
ATOM   746  N  N1    . G   A 1 35 ? -15.736 3.273   -8.312  1.00 57.98  ? 35  G   A N1    1 
ATOM   747  C  C2    . G   A 1 35 ? -16.718 4.206   -8.535  1.00 60.19  ? 35  G   A C2    1 
ATOM   748  N  N2    . G   A 1 35 ? -17.358 4.629   -7.433  1.00 59.44  ? 35  G   A N2    1 
ATOM   749  N  N3    . G   A 1 35 ? -17.047 4.680   -9.734  1.00 60.75  ? 35  G   A N3    1 
ATOM   750  C  C4    . G   A 1 35 ? -16.299 4.134   -10.719 1.00 59.91  ? 35  G   A C4    1 
ATOM   751  P  P     . G   A 1 36 ? -14.174 9.089   -13.137 1.00 76.76  ? 36  G   A P     1 
ATOM   752  O  OP1   . G   A 1 36 ? -14.087 10.396  -13.830 1.00 76.64  ? 36  G   A OP1   1 
ATOM   753  O  OP2   . G   A 1 36 ? -13.163 8.041   -13.450 1.00 73.95  ? 36  G   A OP2   1 
ATOM   754  O  "O5'" . G   A 1 36 ? -14.263 9.304   -11.555 1.00 69.68  ? 36  G   A "O5'" 1 
ATOM   755  C  "C5'" . G   A 1 36 ? -15.352 10.019  -10.991 1.00 69.79  ? 36  G   A "C5'" 1 
ATOM   756  C  "C4'" . G   A 1 36 ? -15.541 9.722   -9.522  1.00 69.61  ? 36  G   A "C4'" 1 
ATOM   757  O  "O4'" . G   A 1 36 ? -15.928 8.333   -9.318  1.00 67.08  ? 36  G   A "O4'" 1 
ATOM   758  C  "C3'" . G   A 1 36 ? -14.328 9.867   -8.631  1.00 68.15  ? 36  G   A "C3'" 1 
ATOM   759  O  "O3'" . G   A 1 36 ? -13.970 11.211  -8.374  1.00 73.64  ? 36  G   A "O3'" 1 
ATOM   760  C  "C2'" . G   A 1 36 ? -14.789 9.118   -7.399  1.00 67.35  ? 36  G   A "C2'" 1 
ATOM   761  O  "O2'" . G   A 1 36 ? -15.772 9.875   -6.713  1.00 67.36  ? 36  G   A "O2'" 1 
ATOM   762  C  "C1'" . G   A 1 36 ? -15.474 7.913   -8.043  1.00 64.83  ? 36  G   A "C1'" 1 
ATOM   763  N  N9    . G   A 1 36 ? -14.524 6.798   -8.218  1.00 64.48  ? 36  G   A N9    1 
ATOM   764  C  C8    . G   A 1 36 ? -13.930 6.368   -9.381  1.00 62.30  ? 36  G   A C8    1 
ATOM   765  N  N7    . G   A 1 36 ? -13.107 5.374   -9.194  1.00 56.21  ? 36  G   A N7    1 
ATOM   766  C  C5    . G   A 1 36 ? -13.150 5.135   -7.834  1.00 57.63  ? 36  G   A C5    1 
ATOM   767  C  C6    . G   A 1 36 ? -12.461 4.168   -7.057  1.00 57.17  ? 36  G   A C6    1 
ATOM   768  O  O6    . G   A 1 36 ? -11.662 3.313   -7.450  1.00 55.50  ? 36  G   A O6    1 
ATOM   769  N  N1    . G   A 1 36 ? -12.771 4.258   -5.699  1.00 57.37  ? 36  G   A N1    1 
ATOM   770  C  C2    . G   A 1 36 ? -13.659 5.172   -5.164  1.00 61.35  ? 36  G   A C2    1 
ATOM   771  N  N2    . G   A 1 36 ? -13.827 5.083   -3.831  1.00 59.87  ? 36  G   A N2    1 
ATOM   772  N  N3    . G   A 1 36 ? -14.325 6.091   -5.879  1.00 59.92  ? 36  G   A N3    1 
ATOM   773  C  C4    . G   A 1 36 ? -14.014 6.013   -7.203  1.00 62.20  ? 36  G   A C4    1 
ATOM   774  P  P     . C   A 1 37 ? -12.440 11.583  -8.034  1.00 73.73  ? 37  C   A P     1 
ATOM   775  O  OP1   . C   A 1 37 ? -12.325 13.058  -8.094  1.00 71.79  ? 37  C   A OP1   1 
ATOM   776  O  OP2   . C   A 1 37 ? -11.583 10.766  -8.933  1.00 73.26  ? 37  C   A OP2   1 
ATOM   777  O  "O5'" . C   A 1 37 ? -12.287 11.085  -6.529  1.00 66.05  ? 37  C   A "O5'" 1 
ATOM   778  C  "C5'" . C   A 1 37 ? -13.258 11.429  -5.554  1.00 65.22  ? 37  C   A "C5'" 1 
ATOM   779  C  "C4'" . C   A 1 37 ? -13.002 10.725  -4.253  1.00 64.97  ? 37  C   A "C4'" 1 
ATOM   780  O  "O4'" . C   A 1 37 ? -13.247 9.303   -4.400  1.00 68.10  ? 37  C   A "O4'" 1 
ATOM   781  C  "C3'" . C   A 1 37 ? -11.578 10.791  -3.745  1.00 67.39  ? 37  C   A "C3'" 1 
ATOM   782  O  "O3'" . C   A 1 37 ? -11.276 12.026  -3.120  1.00 67.06  ? 37  C   A "O3'" 1 
ATOM   783  C  "C2'" . C   A 1 37 ? -11.512 9.589   -2.811  1.00 64.81  ? 37  C   A "C2'" 1 
ATOM   784  O  "O2'" . C   A 1 37 ? -12.173 9.865   -1.592  1.00 62.41  ? 37  C   A "O2'" 1 
ATOM   785  C  "C1'" . C   A 1 37 ? -12.350 8.574   -3.580  1.00 64.50  ? 37  C   A "C1'" 1 
ATOM   786  N  N1    . C   A 1 37 ? -11.517 7.706   -4.440  1.00 62.42  ? 37  C   A N1    1 
ATOM   787  C  C2    . C   A 1 37 ? -10.764 6.674   -3.840  1.00 60.92  ? 37  C   A C2    1 
ATOM   788  O  O2    . C   A 1 37 ? -10.803 6.507   -2.609  1.00 58.26  ? 37  C   A O2    1 
ATOM   789  N  N3    . C   A 1 37 ? -9.999  5.869   -4.624  1.00 59.74  ? 37  C   A N3    1 
ATOM   790  C  C4    . C   A 1 37 ? -9.981  6.059   -5.948  1.00 59.59  ? 37  C   A C4    1 
ATOM   791  N  N4    . C   A 1 37 ? -9.215  5.238   -6.673  1.00 54.73  ? 37  C   A N4    1 
ATOM   792  C  C5    . C   A 1 37 ? -10.743 7.098   -6.581  1.00 59.74  ? 37  C   A C5    1 
ATOM   793  C  C6    . C   A 1 37 ? -11.485 7.894   -5.799  1.00 61.01  ? 37  C   A C6    1 
ATOM   794  P  P     . U   A 1 38 ? -9.748  12.502  -2.963  1.00 75.91  ? 38  U   A P     1 
ATOM   795  O  OP1   . U   A 1 38 ? -9.786  13.885  -2.419  1.00 73.35  ? 38  U   A OP1   1 
ATOM   796  O  OP2   . U   A 1 38 ? -9.060  12.263  -4.271  1.00 61.56  ? 38  U   A OP2   1 
ATOM   797  O  "O5'" . U   A 1 38 ? -9.192  11.499  -1.850  1.00 64.02  ? 38  U   A "O5'" 1 
ATOM   798  C  "C5'" . U   A 1 38 ? -9.660  11.596  -0.515  1.00 63.84  ? 38  U   A "C5'" 1 
ATOM   799  C  "C4'" . U   A 1 38 ? -8.930  10.655  0.407   1.00 65.89  ? 38  U   A "C4'" 1 
ATOM   800  O  "O4'" . U   A 1 38 ? -9.275  9.284   0.090   1.00 67.56  ? 38  U   A "O4'" 1 
ATOM   801  C  "C3'" . U   A 1 38 ? -7.414  10.674  0.334   1.00 64.13  ? 38  U   A "C3'" 1 
ATOM   802  O  "O3'" . U   A 1 38 ? -6.851  11.751  1.047   1.00 60.67  ? 38  U   A "O3'" 1 
ATOM   803  C  "C2'" . U   A 1 38 ? -7.049  9.313   0.910   1.00 65.74  ? 38  U   A "C2'" 1 
ATOM   804  O  "O2'" . U   A 1 38 ? -7.160  9.324   2.327   1.00 67.24  ? 38  U   A "O2'" 1 
ATOM   805  C  "C1'" . U   A 1 38 ? -8.170  8.442   0.351   1.00 66.09  ? 38  U   A "C1'" 1 
ATOM   806  N  N1    . U   A 1 38 ? -7.775  7.767   -0.907  1.00 61.03  ? 38  U   A N1    1 
ATOM   807  C  C2    . U   A 1 38 ? -7.152  6.554   -0.710  1.00 57.06  ? 38  U   A C2    1 
ATOM   808  O  O2    . U   A 1 38 ? -6.947  6.099   0.398   1.00 57.20  ? 38  U   A O2    1 
ATOM   809  N  N3    . U   A 1 38 ? -6.785  5.895   -1.845  1.00 56.91  ? 38  U   A N3    1 
ATOM   810  C  C4    . U   A 1 38 ? -6.979  6.328   -3.137  1.00 58.00  ? 38  U   A C4    1 
ATOM   811  O  O4    . U   A 1 38 ? -6.577  5.593   -4.043  1.00 56.04  ? 38  U   A O4    1 
ATOM   812  C  C5    . U   A 1 38 ? -7.635  7.607   -3.260  1.00 59.47  ? 38  U   A C5    1 
ATOM   813  C  C6    . U   A 1 38 ? -8.009  8.282   -2.165  1.00 58.61  ? 38  U   A C6    1 
ATOM   814  P  P     . G   A 1 39 ? -5.375  12.268  0.693   1.00 74.09  ? 39  G   A P     1 
ATOM   815  O  OP1   . G   A 1 39 ? -5.103  13.441  1.579   1.00 63.93  ? 39  G   A OP1   1 
ATOM   816  O  OP2   . G   A 1 39 ? -5.310  12.454  -0.795  1.00 63.58  ? 39  G   A OP2   1 
ATOM   817  O  "O5'" . G   A 1 39 ? -4.459  11.040  1.121   1.00 62.76  ? 39  G   A "O5'" 1 
ATOM   818  C  "C5'" . G   A 1 39 ? -4.304  10.685  2.482   1.00 59.15  ? 39  G   A "C5'" 1 
ATOM   819  C  "C4'" . G   A 1 39 ? -3.412  9.488   2.626   1.00 58.17  ? 39  G   A "C4'" 1 
ATOM   820  O  "O4'" . G   A 1 39 ? -4.054  8.328   2.034   1.00 58.45  ? 39  G   A "O4'" 1 
ATOM   821  C  "C3'" . G   A 1 39 ? -2.064  9.573   1.916   1.00 58.15  ? 39  G   A "C3'" 1 
ATOM   822  O  "O3'" . G   A 1 39 ? -1.096  10.301  2.660   1.00 55.42  ? 39  G   A "O3'" 1 
ATOM   823  C  "C2'" . G   A 1 39 ? -1.703  8.105   1.733   1.00 56.06  ? 39  G   A "C2'" 1 
ATOM   824  O  "O2'" . G   A 1 39 ? -1.175  7.571   2.934   1.00 57.77  ? 39  G   A "O2'" 1 
ATOM   825  C  "C1'" . G   A 1 39 ? -3.082  7.475   1.473   1.00 56.90  ? 39  G   A "C1'" 1 
ATOM   826  N  N9    . G   A 1 39 ? -3.332  7.366   0.033   1.00 53.54  ? 39  G   A N9    1 
ATOM   827  C  C8    . G   A 1 39 ? -3.903  8.298   -0.791  1.00 54.32  ? 39  G   A C8    1 
ATOM   828  N  N7    . G   A 1 39 ? -3.906  7.929   -2.037  1.00 51.76  ? 39  G   A N7    1 
ATOM   829  C  C5    . G   A 1 39 ? -3.265  6.700   -2.020  1.00 53.40  ? 39  G   A C5    1 
ATOM   830  C  C6    . G   A 1 39 ? -2.959  5.823   -3.075  1.00 52.58  ? 39  G   A C6    1 
ATOM   831  O  O6    . G   A 1 39 ? -3.225  5.971   -4.271  1.00 52.67  ? 39  G   A O6    1 
ATOM   832  N  N1    . G   A 1 39 ? -2.298  4.686   -2.621  1.00 50.78  ? 39  G   A N1    1 
ATOM   833  C  C2    . G   A 1 39 ? -1.981  4.402   -1.321  1.00 50.85  ? 39  G   A C2    1 
ATOM   834  N  N2    . G   A 1 39 ? -1.343  3.237   -1.104  1.00 50.54  ? 39  G   A N2    1 
ATOM   835  N  N3    . G   A 1 39 ? -2.250  5.220   -0.321  1.00 54.70  ? 39  G   A N3    1 
ATOM   836  C  C4    . G   A 1 39 ? -2.895  6.335   -0.749  1.00 54.19  ? 39  G   A C4    1 
ATOM   837  P  P     . A   A 1 40 ? -0.010  11.220  1.914   1.00 53.14  ? 40  A   A P     1 
ATOM   838  O  OP1   . A   A 1 40 ? 0.786   11.890  2.971   1.00 57.99  ? 40  A   A OP1   1 
ATOM   839  O  OP2   . A   A 1 40 ? -0.748  12.043  0.928   1.00 51.62  ? 40  A   A OP2   1 
ATOM   840  O  "O5'" . A   A 1 40 ? 0.906   10.180  1.156   1.00 55.26  ? 40  A   A "O5'" 1 
ATOM   841  C  "C5'" . A   A 1 40 ? 1.673   9.215   1.859   1.00 49.41  ? 40  A   A "C5'" 1 
ATOM   842  C  "C4'" . A   A 1 40 ? 2.014   8.073   0.953   1.00 51.09  ? 40  A   A "C4'" 1 
ATOM   843  O  "O4'" . A   A 1 40 ? 2.638   8.597   -0.253  1.00 50.88  ? 40  A   A "O4'" 1 
ATOM   844  C  "C3'" . A   A 1 40 ? 2.965   7.013   1.518   1.00 49.54  ? 40  A   A "C3'" 1 
ATOM   845  O  "O3'" . A   A 1 40 ? 2.464   5.716   1.206   1.00 50.95  ? 40  A   A "O3'" 1 
ATOM   846  C  "C2'" . A   A 1 40 ? 4.244   7.234   0.722   1.00 52.06  ? 40  A   A "C2'" 1 
ATOM   847  O  "O2'" . A   A 1 40 ? 5.002   6.066   0.515   1.00 49.74  ? 40  A   A "O2'" 1 
ATOM   848  C  "C1'" . A   A 1 40 ? 3.699   7.763   -0.597  1.00 51.50  ? 40  A   A "C1'" 1 
ATOM   849  N  N9    . A   A 1 40 ? 4.677   8.509   -1.371  1.00 52.66  ? 40  A   A N9    1 
ATOM   850  C  C8    . A   A 1 40 ? 5.529   9.487   -0.946  1.00 55.13  ? 40  A   A C8    1 
ATOM   851  N  N7    . A   A 1 40 ? 6.345   9.901   -1.884  1.00 54.18  ? 40  A   A N7    1 
ATOM   852  C  C5    . A   A 1 40 ? 6.024   9.119   -2.964  1.00 50.27  ? 40  A   A C5    1 
ATOM   853  C  C6    . A   A 1 40 ? 6.537   9.069   -4.251  1.00 52.41  ? 40  A   A C6    1 
ATOM   854  N  N6    . A   A 1 40 ? 7.514   9.870   -4.651  1.00 55.49  ? 40  A   A N6    1 
ATOM   855  N  N1    . A   A 1 40 ? 6.006   8.175   -5.118  1.00 53.62  ? 40  A   A N1    1 
ATOM   856  C  C2    . A   A 1 40 ? 5.007   7.386   -4.687  1.00 54.20  ? 40  A   A C2    1 
ATOM   857  N  N3    . A   A 1 40 ? 4.438   7.342   -3.478  1.00 53.62  ? 40  A   A N3    1 
ATOM   858  C  C4    . A   A 1 40 ? 5.004   8.248   -2.664  1.00 52.16  ? 40  A   A C4    1 
ATOM   859  P  P     . U   A 1 41 ? 1.605   4.894   2.274   1.00 49.53  ? 41  U   A P     1 
ATOM   860  O  OP1   . U   A 1 41 ? 1.414   3.526   1.721   1.00 50.58  ? 41  U   A OP1   1 
ATOM   861  O  OP2   . U   A 1 41 ? 0.412   5.702   2.589   1.00 58.18  ? 41  U   A OP2   1 
ATOM   862  O  "O5'" . U   A 1 41 ? 2.562   4.850   3.523   1.00 49.64  ? 41  U   A "O5'" 1 
ATOM   863  C  "C5'" . U   A 1 41 ? 3.864   4.314   3.409   1.00 55.40  ? 41  U   A "C5'" 1 
ATOM   864  C  "C4'" . U   A 1 41 ? 4.429   3.974   4.758   1.00 58.30  ? 41  U   A "C4'" 1 
ATOM   865  O  "O4'" . U   A 1 41 ? 4.466   5.155   5.592   1.00 56.24  ? 41  U   A "O4'" 1 
ATOM   866  C  "C3'" . U   A 1 41 ? 3.635   2.976   5.572   1.00 55.56  ? 41  U   A "C3'" 1 
ATOM   867  O  "O3'" . U   A 1 41 ? 3.877   1.648   5.163   1.00 53.24  ? 41  U   A "O3'" 1 
ATOM   868  C  "C2'" . U   A 1 41 ? 4.109   3.272   6.980   1.00 60.44  ? 41  U   A "C2'" 1 
ATOM   869  O  "O2'" . U   A 1 41 ? 5.396   2.707   7.193   1.00 61.73  ? 41  U   A "O2'" 1 
ATOM   870  C  "C1'" . U   A 1 41 ? 4.258   4.795   6.932   1.00 60.64  ? 41  U   A "C1'" 1 
ATOM   871  N  N1    . U   A 1 41 ? 3.052   5.498   7.422   1.00 67.44  ? 41  U   A N1    1 
ATOM   872  C  C2    . U   A 1 41 ? 2.849   5.612   8.790   1.00 70.90  ? 41  U   A C2    1 
ATOM   873  O  O2    . U   A 1 41 ? 3.597   5.153   9.636   1.00 71.02  ? 41  U   A O2    1 
ATOM   874  N  N3    . U   A 1 41 ? 1.705   6.278   9.139   1.00 73.13  ? 41  U   A N3    1 
ATOM   875  C  C4    . U   A 1 41 ? 0.764   6.840   8.306   1.00 71.46  ? 41  U   A C4    1 
ATOM   876  O  O4    . U   A 1 41 ? -0.210  7.407   8.799   1.00 74.40  ? 41  U   A O4    1 
ATOM   877  C  C5    . U   A 1 41 ? 1.043   6.694   6.912   1.00 68.74  ? 41  U   A C5    1 
ATOM   878  C  C6    . U   A 1 41 ? 2.155   6.049   6.534   1.00 67.53  ? 41  U   A C6    1 
ATOM   879  P  P     . G   A 1 42 ? 2.661   0.675   4.799   1.00 56.58  ? 42  G   A P     1 
ATOM   880  O  OP1   . G   A 1 42 ? 3.249   -0.522  4.138   1.00 53.69  ? 42  G   A OP1   1 
ATOM   881  O  OP2   . G   A 1 42 ? 1.642   1.494   4.067   1.00 54.71  ? 42  G   A OP2   1 
ATOM   882  O  "O5'" . G   A 1 42 ? 2.095   0.273   6.231   1.00 67.74  ? 42  G   A "O5'" 1 
ATOM   883  C  "C5'" . G   A 1 42 ? 0.756   -0.179  6.405   1.00 60.09  ? 42  G   A "C5'" 1 
ATOM   884  C  "C4'" . G   A 1 42 ? 0.521   -0.542  7.837   1.00 60.53  ? 42  G   A "C4'" 1 
ATOM   885  O  "O4'" . G   A 1 42 ? 1.344   -1.688  8.167   1.00 63.80  ? 42  G   A "O4'" 1 
ATOM   886  C  "C3'" . G   A 1 42 ? 0.904   0.546   8.840   1.00 68.17  ? 42  G   A "C3'" 1 
ATOM   887  O  "O3'" . G   A 1 42 ? -0.189  1.392   9.161   1.00 62.78  ? 42  G   A "O3'" 1 
ATOM   888  C  "C2'" . G   A 1 42 ? 1.443   -0.220  10.041  1.00 72.96  ? 42  G   A "C2'" 1 
ATOM   889  O  "O2'" . G   A 1 42 ? 0.383   -0.564  10.920  1.00 73.37  ? 42  G   A "O2'" 1 
ATOM   890  C  "C1'" . G   A 1 42 ? 1.987   -1.504  9.405   1.00 71.95  ? 42  G   A "C1'" 1 
ATOM   891  N  N9    . G   A 1 42 ? 3.445   -1.455  9.165   1.00 71.85  ? 42  G   A N9    1 
ATOM   892  C  C8    . G   A 1 42 ? 3.987   -1.530  7.915   1.00 68.48  ? 42  G   A C8    1 
ATOM   893  N  N7    . G   A 1 42 ? 5.286   -1.494  7.907   1.00 69.23  ? 42  G   A N7    1 
ATOM   894  C  C5    . G   A 1 42 ? 5.649   -1.404  9.235   1.00 73.62  ? 42  G   A C5    1 
ATOM   895  C  C6    . G   A 1 42 ? 6.946   -1.337  9.813   1.00 76.79  ? 42  G   A C6    1 
ATOM   896  O  O6    . G   A 1 42 ? 8.064   -1.342  9.269   1.00 74.98  ? 42  G   A O6    1 
ATOM   897  N  N1    . G   A 1 42 ? 6.858   -1.256  11.190  1.00 80.48  ? 42  G   A N1    1 
ATOM   898  C  C2    . G   A 1 42 ? 5.699   -1.249  11.914  1.00 80.86  ? 42  G   A C2    1 
ATOM   899  N  N2    . G   A 1 42 ? 5.867   -1.169  13.243  1.00 84.68  ? 42  G   A N2    1 
ATOM   900  N  N3    . G   A 1 42 ? 4.487   -1.315  11.381  1.00 78.02  ? 42  G   A N3    1 
ATOM   901  C  C4    . G   A 1 42 ? 4.524   -1.388  10.037  1.00 74.86  ? 42  G   A C4    1 
ATOM   902  P  P     . G   A 1 43 ? -0.036  2.992   9.115   1.00 73.36  ? 43  G   A P     1 
ATOM   903  O  OP1   . G   A 1 43 ? -1.415  3.552   9.162   1.00 76.95  ? 43  G   A OP1   1 
ATOM   904  O  OP2   . G   A 1 43 ? 0.833   3.333   7.954   1.00 66.28  ? 43  G   A OP2   1 
ATOM   905  O  "O5'" . G   A 1 43 ? 0.727   3.310   10.477  1.00 71.97  ? 43  G   A "O5'" 1 
ATOM   906  C  "C5'" . G   A 1 43 ? 0.125   2.993   11.721  1.00 77.50  ? 43  G   A "C5'" 1 
ATOM   907  C  "C4'" . G   A 1 43 ? 1.080   3.171   12.868  1.00 78.68  ? 43  G   A "C4'" 1 
ATOM   908  O  "O4'" . G   A 1 43 ? 2.042   2.084   12.891  1.00 75.48  ? 43  G   A "O4'" 1 
ATOM   909  C  "C3'" . G   A 1 43 ? 1.922   4.436   12.842  1.00 81.29  ? 43  G   A "C3'" 1 
ATOM   910  O  "O3'" . G   A 1 43 ? 1.213   5.566   13.333  1.00 78.55  ? 43  G   A "O3'" 1 
ATOM   911  C  "C2'" . G   A 1 43 ? 3.129   4.050   13.692  1.00 81.49  ? 43  G   A "C2'" 1 
ATOM   912  O  "O2'" . G   A 1 43 ? 2.828   4.192   15.069  1.00 86.72  ? 43  G   A "O2'" 1 
ATOM   913  C  "C1'" . G   A 1 43 ? 3.281   2.551   13.378  1.00 81.53  ? 43  G   A "C1'" 1 
ATOM   914  N  N9    . G   A 1 43 ? 4.317   2.290   12.354  1.00 84.08  ? 43  G   A N9    1 
ATOM   915  C  C8    . G   A 1 43 ? 4.094   2.111   11.006  1.00 79.88  ? 43  G   A C8    1 
ATOM   916  N  N7    . G   A 1 43 ? 5.179   1.892   10.319  1.00 76.71  ? 43  G   A N7    1 
ATOM   917  C  C5    . G   A 1 43 ? 6.185   1.915   11.265  1.00 81.40  ? 43  G   A C5    1 
ATOM   918  C  C6    . G   A 1 43 ? 7.583   1.733   11.103  1.00 84.55  ? 43  G   A C6    1 
ATOM   919  O  O6    . G   A 1 43 ? 8.214   1.525   10.059  1.00 83.98  ? 43  G   A O6    1 
ATOM   920  N  N1    . G   A 1 43 ? 8.260   1.838   12.313  1.00 87.30  ? 43  G   A N1    1 
ATOM   921  C  C2    . G   A 1 43 ? 7.664   2.084   13.525  1.00 88.35  ? 43  G   A C2    1 
ATOM   922  N  N2    . G   A 1 43 ? 8.500   2.138   14.574  1.00 87.82  ? 43  G   A N2    1 
ATOM   923  N  N3    . G   A 1 43 ? 6.354   2.254   13.688  1.00 87.75  ? 43  G   A N3    1 
ATOM   924  C  C4    . G   A 1 43 ? 5.676   2.156   12.526  1.00 82.89  ? 43  G   A C4    1 
ATOM   925  P  P     . C   A 1 44 ? 1.667   7.065   12.938  1.00 85.36  ? 44  C   A P     1 
ATOM   926  O  OP1   . C   A 1 44 ? 0.688   7.995   13.564  1.00 85.55  ? 44  C   A OP1   1 
ATOM   927  O  OP2   . C   A 1 44 ? 1.836   7.106   11.473  1.00 85.74  ? 44  C   A OP2   1 
ATOM   928  O  "O5'" . C   A 1 44 ? 3.088   7.207   13.645  1.00 86.14  ? 44  C   A "O5'" 1 
ATOM   929  C  "C5'" . C   A 1 44 ? 3.191   7.399   15.049  1.00 86.99  ? 44  C   A "C5'" 1 
ATOM   930  C  "C4'" . C   A 1 44 ? 4.617   7.624   15.465  1.00 86.40  ? 44  C   A "C4'" 1 
ATOM   931  O  "O4'" . C   A 1 44 ? 5.368   6.382   15.338  1.00 86.03  ? 44  C   A "O4'" 1 
ATOM   932  C  "C3'" . C   A 1 44 ? 5.399   8.618   14.621  1.00 86.37  ? 44  C   A "C3'" 1 
ATOM   933  O  "O3'" . C   A 1 44 ? 5.144   9.966   14.963  1.00 77.62  ? 44  C   A "O3'" 1 
ATOM   934  C  "C2'" . C   A 1 44 ? 6.841   8.185   14.845  1.00 89.29  ? 44  C   A "C2'" 1 
ATOM   935  O  "O2'" . C   A 1 44 ? 7.320   8.656   16.095  1.00 85.32  ? 44  C   A "O2'" 1 
ATOM   936  C  "C1'" . C   A 1 44 ? 6.690   6.658   14.918  1.00 88.71  ? 44  C   A "C1'" 1 
ATOM   937  N  N1    . C   A 1 44 ? 6.917   6.018   13.588  1.00 89.94  ? 44  C   A N1    1 
ATOM   938  C  C2    . C   A 1 44 ? 8.240   5.776   13.200  1.00 90.95  ? 44  C   A C2    1 
ATOM   939  O  O2    . C   A 1 44 ? 9.146   6.074   13.987  1.00 93.09  ? 44  C   A O2    1 
ATOM   940  N  N3    . C   A 1 44 ? 8.513   5.225   11.987  1.00 92.22  ? 44  C   A N3    1 
ATOM   941  C  C4    . C   A 1 44 ? 7.523   4.919   11.144  1.00 88.95  ? 44  C   A C4    1 
ATOM   942  N  N4    . C   A 1 44 ? 7.865   4.380   9.965   1.00 80.43  ? 44  C   A N4    1 
ATOM   943  C  C5    . C   A 1 44 ? 6.154   5.165   11.499  1.00 86.89  ? 44  C   A C5    1 
ATOM   944  C  C6    . C   A 1 44 ? 5.904   5.710   12.707  1.00 87.99  ? 44  C   A C6    1 
ATOM   945  P  P     . C   A 1 45 ? 5.374   11.131  13.877  1.00 94.92  ? 45  C   A P     1 
ATOM   946  O  OP1   . C   A 1 45 ? 4.842   12.387  14.460  1.00 96.17  ? 45  C   A OP1   1 
ATOM   947  O  OP2   . C   A 1 45 ? 4.805   10.652  12.594  1.00 94.29  ? 45  C   A OP2   1 
ATOM   948  O  "O5'" . C   A 1 45 ? 6.966   11.216  13.767  1.00 92.86  ? 45  C   A "O5'" 1 
ATOM   949  C  "C5'" . C   A 1 45 ? 7.663   12.402  14.139  1.00 91.36  ? 45  C   A "C5'" 1 
ATOM   950  C  "C4'" . C   A 1 45 ? 9.079   12.416  13.607  1.00 88.70  ? 45  C   A "C4'" 1 
ATOM   951  O  "O4'" . C   A 1 45 ? 9.626   11.062  13.608  1.00 91.43  ? 45  C   A "O4'" 1 
ATOM   952  C  "C3'" . C   A 1 45 ? 9.245   12.867  12.165  1.00 89.99  ? 45  C   A "C3'" 1 
ATOM   953  O  "O3'" . C   A 1 45 ? 9.214   14.269  11.993  1.00 83.09  ? 45  C   A "O3'" 1 
ATOM   954  C  "C2'" . C   A 1 45 ? 10.569  12.236  11.778  1.00 90.24  ? 45  C   A "C2'" 1 
ATOM   955  O  "O2'" . C   A 1 45 ? 11.656  12.946  12.353  1.00 86.64  ? 45  C   A "O2'" 1 
ATOM   956  C  "C1'" . C   A 1 45 ? 10.452  10.880  12.467  1.00 92.94  ? 45  C   A "C1'" 1 
ATOM   957  N  N1    . C   A 1 45 ? 9.816   9.868   11.568  1.00 92.17  ? 45  C   A N1    1 
ATOM   958  C  C2    . C   A 1 45 ? 10.413  9.573   10.314  1.00 89.75  ? 45  C   A C2    1 
ATOM   959  O  O2    . C   A 1 45 ? 11.472  10.136  9.964   1.00 85.47  ? 45  C   A O2    1 
ATOM   960  N  N3    . C   A 1 45 ? 9.825   8.660   9.488   1.00 88.65  ? 45  C   A N3    1 
ATOM   961  C  C4    . C   A 1 45 ? 8.692   8.048   9.857   1.00 91.00  ? 45  C   A C4    1 
ATOM   962  N  N4    . C   A 1 45 ? 8.150   7.158   9.012   1.00 86.09  ? 45  C   A N4    1 
ATOM   963  C  C5    . C   A 1 45 ? 8.067   8.331   11.117  1.00 90.16  ? 45  C   A C5    1 
ATOM   964  C  C6    . C   A 1 45 ? 8.652   9.232   11.925  1.00 90.89  ? 45  C   A C6    1 
ATOM   965  P  P     . U   A 1 46 ? 8.789   14.877  10.566  1.00 94.49  ? 46  U   A P     1 
ATOM   966  O  OP1   . U   A 1 46 ? 8.747   16.356  10.706  1.00 95.06  ? 46  U   A OP1   1 
ATOM   967  O  OP2   . U   A 1 46 ? 7.551   14.164  10.148  1.00 96.80  ? 46  U   A OP2   1 
ATOM   968  O  "O5'" . U   A 1 46 ? 9.996   14.456  9.613   1.00 86.00  ? 46  U   A "O5'" 1 
ATOM   969  C  "C5'" . U   A 1 46 ? 11.302  14.959  9.814   1.00 83.24  ? 46  U   A "C5'" 1 
ATOM   970  C  "C4'" . U   A 1 46 ? 12.285  14.306  8.881   1.00 79.85  ? 46  U   A "C4'" 1 
ATOM   971  O  "O4'" . U   A 1 46 ? 12.204  12.863  9.006   1.00 80.21  ? 46  U   A "O4'" 1 
ATOM   972  C  "C3'" . U   A 1 46 ? 12.056  14.551  7.405   1.00 78.47  ? 46  U   A "C3'" 1 
ATOM   973  O  "O3'" . U   A 1 46 ? 12.528  15.802  6.969   1.00 75.72  ? 46  U   A "O3'" 1 
ATOM   974  C  "C2'" . U   A 1 46 ? 12.768  13.376  6.754   1.00 80.27  ? 46  U   A "C2'" 1 
ATOM   975  O  "O2'" . U   A 1 46 ? 14.168  13.598  6.699   1.00 80.14  ? 46  U   A "O2'" 1 
ATOM   976  C  "C1'" . U   A 1 46 ? 12.491  12.259  7.754   1.00 82.83  ? 46  U   A "C1'" 1 
ATOM   977  N  N1    . U   A 1 46 ? 11.338  11.426  7.335   1.00 82.99  ? 46  U   A N1    1 
ATOM   978  C  C2    . U   A 1 46 ? 11.602  10.359  6.490   1.00 80.37  ? 46  U   A C2    1 
ATOM   979  O  O2    . U   A 1 46 ? 12.727  10.088  6.105   1.00 79.33  ? 46  U   A O2    1 
ATOM   980  N  N3    . U   A 1 46 ? 10.505  9.611   6.121   1.00 81.08  ? 46  U   A N3    1 
ATOM   981  C  C4    . U   A 1 46 ? 9.195   9.835   6.491   1.00 79.50  ? 46  U   A C4    1 
ATOM   982  O  O4    . U   A 1 46 ? 8.301   9.093   6.091   1.00 79.08  ? 46  U   A O4    1 
ATOM   983  C  C5    . U   A 1 46 ? 9.009   10.961  7.345   1.00 83.40  ? 46  U   A C5    1 
ATOM   984  C  C6    . U   A 1 46 ? 10.050  11.703  7.721   1.00 83.80  ? 46  U   A C6    1 
ATOM   985  P  P     . C   A 1 47 ? 11.832  16.510  5.716   1.00 82.79  ? 47  C   A P     1 
ATOM   986  O  OP1   . C   A 1 47 ? 12.235  17.943  5.725   1.00 82.00  ? 47  C   A OP1   1 
ATOM   987  O  OP2   . C   A 1 47 ? 10.393  16.175  5.792   1.00 85.29  ? 47  C   A OP2   1 
ATOM   988  O  "O5'" . C   A 1 47 ? 12.499  15.774  4.476   1.00 76.60  ? 47  C   A "O5'" 1 
ATOM   989  C  "C5'" . C   A 1 47 ? 13.886  15.510  4.453   1.00 74.62  ? 47  C   A "C5'" 1 
ATOM   990  C  "C4'" . C   A 1 47 ? 14.237  14.566  3.344   1.00 75.20  ? 47  C   A "C4'" 1 
ATOM   991  O  "O4'" . C   A 1 47 ? 13.885  13.205  3.708   1.00 74.90  ? 47  C   A "O4'" 1 
ATOM   992  C  "C3'" . C   A 1 47 ? 13.488  14.788  2.055   1.00 75.40  ? 47  C   A "C3'" 1 
ATOM   993  O  "O3'" . C   A 1 47 ? 13.974  15.878  1.313   1.00 75.34  ? 47  C   A "O3'" 1 
ATOM   994  C  "C2'" . C   A 1 47 ? 13.629  13.443  1.355   1.00 74.30  ? 47  C   A "C2'" 1 
ATOM   995  O  "O2'" . C   A 1 47 ? 14.921  13.299  0.780   1.00 71.18  ? 47  C   A "O2'" 1 
ATOM   996  C  "C1'" . C   A 1 47 ? 13.511  12.487  2.543   1.00 73.39  ? 47  C   A "C1'" 1 
ATOM   997  N  N1    . C   A 1 47 ? 12.122  11.988  2.715   1.00 71.86  ? 47  C   A N1    1 
ATOM   998  C  C2    . C   A 1 47 ? 11.547  11.153  1.746   1.00 68.86  ? 47  C   A C2    1 
ATOM   999  O  O2    . C   A 1 47 ? 12.206  10.842  0.741   1.00 66.59  ? 47  C   A O2    1 
ATOM   1000 N  N3    . C   A 1 47 ? 10.276  10.707  1.908   1.00 67.69  ? 47  C   A N3    1 
ATOM   1001 C  C4    . C   A 1 47 ? 9.594   11.062  2.994   1.00 70.45  ? 47  C   A C4    1 
ATOM   1002 N  N4    . C   A 1 47 ? 8.352   10.609  3.153   1.00 67.03  ? 47  C   A N4    1 
ATOM   1003 C  C5    . C   A 1 47 ? 10.159  11.904  3.991   1.00 76.11  ? 47  C   A C5    1 
ATOM   1004 C  C6    . C   A 1 47 ? 11.409  12.340  3.813   1.00 73.67  ? 47  C   A C6    1 
ATOM   1005 P  P     . U   A 1 48 ? 12.942  16.783  0.505   1.00 80.78  ? 48  U   A P     1 
ATOM   1006 O  OP1   . U   A 1 48 ? 13.648  18.044  0.139   1.00 76.55  ? 48  U   A OP1   1 
ATOM   1007 O  OP2   . U   A 1 48 ? 11.709  16.856  1.335   1.00 76.37  ? 48  U   A OP2   1 
ATOM   1008 O  "O5'" . U   A 1 48 ? 12.671  15.919  -0.801  1.00 75.15  ? 48  U   A "O5'" 1 
ATOM   1009 C  "C5'" . U   A 1 48 ? 13.750  15.398  -1.563  1.00 72.25  ? 48  U   A "C5'" 1 
ATOM   1010 C  "C4'" . U   A 1 48 ? 13.262  14.426  -2.598  1.00 69.59  ? 48  U   A "C4'" 1 
ATOM   1011 O  "O4'" . U   A 1 48 ? 12.894  13.175  -1.956  1.00 69.00  ? 48  U   A "O4'" 1 
ATOM   1012 C  "C3'" . U   A 1 48 ? 11.994  14.830  -3.317  1.00 69.47  ? 48  U   A "C3'" 1 
ATOM   1013 O  "O3'" . U   A 1 48 ? 12.190  15.777  -4.334  1.00 69.76  ? 48  U   A "O3'" 1 
ATOM   1014 C  "C2'" . U   A 1 48 ? 11.453  13.502  -3.803  1.00 68.44  ? 48  U   A "C2'" 1 
ATOM   1015 O  "O2'" . U   A 1 48 ? 12.216  13.019  -4.907  1.00 67.26  ? 48  U   A "O2'" 1 
ATOM   1016 C  "C1'" . U   A 1 48 ? 11.751  12.634  -2.593  1.00 65.03  ? 48  U   A "C1'" 1 
ATOM   1017 N  N1    . U   A 1 48 ? 10.630  12.637  -1.630  1.00 65.68  ? 48  U   A N1    1 
ATOM   1018 C  C2    . U   A 1 48 ? 9.610   11.746  -1.913  1.00 61.81  ? 48  U   A C2    1 
ATOM   1019 O  O2    . U   A 1 48 ? 9.624   11.032  -2.901  1.00 59.76  ? 48  U   A O2    1 
ATOM   1020 N  N3    . U   A 1 48 ? 8.579   11.716  -1.005  1.00 61.10  ? 48  U   A N3    1 
ATOM   1021 C  C4    . U   A 1 48 ? 8.465   12.479  0.136   1.00 63.91  ? 48  U   A C4    1 
ATOM   1022 O  O4    . U   A 1 48 ? 7.464   12.326  0.831   1.00 61.95  ? 48  U   A O4    1 
ATOM   1023 C  C5    . U   A 1 48 ? 9.557   13.381  0.369   1.00 64.92  ? 48  U   A C5    1 
ATOM   1024 C  C6    . U   A 1 48 ? 10.581  13.432  -0.503  1.00 66.75  ? 48  U   A C6    1 
ATOM   1025 P  P     . A   A 1 49 ? 11.064  16.889  -4.561  1.00 78.07  ? 49  A   A P     1 
ATOM   1026 O  OP1   . A   A 1 49 ? 11.636  17.915  -5.470  1.00 82.28  ? 49  A   A OP1   1 
ATOM   1027 O  OP2   . A   A 1 49 ? 10.589  17.294  -3.198  1.00 65.43  ? 49  A   A OP2   1 
ATOM   1028 O  "O5'" . A   A 1 49 ? 9.918   16.090  -5.317  1.00 71.79  ? 49  A   A "O5'" 1 
ATOM   1029 C  "C5'" . A   A 1 49 ? 10.090  15.672  -6.656  1.00 68.49  ? 49  A   A "C5'" 1 
ATOM   1030 C  "C4'" . A   A 1 49 ? 8.963   14.776  -7.094  1.00 73.27  ? 49  A   A "C4'" 1 
ATOM   1031 O  "O4'" . A   A 1 49 ? 8.816   13.668  -6.159  1.00 72.29  ? 49  A   A "O4'" 1 
ATOM   1032 C  "C3'" . A   A 1 49 ? 7.575   15.395  -7.112  1.00 73.30  ? 49  A   A "C3'" 1 
ATOM   1033 O  "O3'" . A   A 1 49 ? 7.346   16.247  -8.227  1.00 79.04  ? 49  A   A "O3'" 1 
ATOM   1034 C  "C2'" . A   A 1 49 ? 6.690   14.157  -7.091  1.00 67.44  ? 49  A   A "C2'" 1 
ATOM   1035 O  "O2'" . A   A 1 49 ? 6.717   13.514  -8.356  1.00 62.27  ? 49  A   A "O2'" 1 
ATOM   1036 C  "C1'" . A   A 1 49 ? 7.452   13.280  -6.105  1.00 66.17  ? 49  A   A "C1'" 1 
ATOM   1037 N  N9    . A   A 1 49 ? 6.961   13.435  -4.725  1.00 58.87  ? 49  A   A N9    1 
ATOM   1038 C  C8    . A   A 1 49 ? 7.490   14.158  -3.694  1.00 62.92  ? 49  A   A C8    1 
ATOM   1039 N  N7    . A   A 1 49 ? 6.813   14.061  -2.565  1.00 61.23  ? 49  A   A N7    1 
ATOM   1040 C  C5    . A   A 1 49 ? 5.770   13.210  -2.883  1.00 59.30  ? 49  A   A C5    1 
ATOM   1041 C  C6    . A   A 1 49 ? 4.699   12.710  -2.121  1.00 56.24  ? 49  A   A C6    1 
ATOM   1042 N  N6    . A   A 1 49 ? 4.487   12.998  -0.832  1.00 55.24  ? 49  A   A N6    1 
ATOM   1043 N  N1    . A   A 1 49 ? 3.835   11.891  -2.753  1.00 55.79  ? 49  A   A N1    1 
ATOM   1044 C  C2    . A   A 1 49 ? 4.039   11.596  -4.048  1.00 58.42  ? 49  A   A C2    1 
ATOM   1045 N  N3    . A   A 1 49 ? 5.004   11.998  -4.872  1.00 58.95  ? 49  A   A N3    1 
ATOM   1046 C  C4    . A   A 1 49 ? 5.848   12.820  -4.213  1.00 60.23  ? 49  A   A C4    1 
ATOM   1047 P  P     . C   A 1 50 ? 6.574   17.657  -8.033  1.00 83.30  ? 50  C   A P     1 
ATOM   1048 O  OP1   . C   A 1 50 ? 6.839   18.462  -9.254  1.00 81.02  ? 50  C   A OP1   1 
ATOM   1049 O  OP2   . C   A 1 50 ? 6.982   18.208  -6.707  1.00 63.39  ? 50  C   A OP2   1 
ATOM   1050 O  "O5'" . C   A 1 50 ? 5.033   17.227  -7.985  1.00 76.12  ? 50  C   A "O5'" 1 
ATOM   1051 C  "C5'" . C   A 1 50 ? 4.534   16.155  -8.788  1.00 73.74  ? 50  C   A "C5'" 1 
ATOM   1052 C  "C4'" . C   A 1 50 ? 3.103   15.811  -8.439  1.00 74.14  ? 50  C   A "C4'" 1 
ATOM   1053 O  "O4'" . C   A 1 50 ? 3.063   15.106  -7.164  1.00 71.28  ? 50  C   A "O4'" 1 
ATOM   1054 C  "C3'" . C   A 1 50 ? 2.169   17.011  -8.304  1.00 78.44  ? 50  C   A "C3'" 1 
ATOM   1055 O  "O3'" . C   A 1 50 ? 0.925   16.720  -8.914  1.00 81.01  ? 50  C   A "O3'" 1 
ATOM   1056 C  "C2'" . C   A 1 50 ? 1.976   17.170  -6.801  1.00 74.97  ? 50  C   A "C2'" 1 
ATOM   1057 O  "O2'" . C   A 1 50 ? 0.729   17.724  -6.419  1.00 72.97  ? 50  C   A "O2'" 1 
ATOM   1058 C  "C1'" . C   A 1 50 ? 2.146   15.738  -6.285  1.00 68.37  ? 50  C   A "C1'" 1 
ATOM   1059 N  N1    . C   A 1 50 ? 2.707   15.702  -4.924  1.00 65.69  ? 50  C   A N1    1 
ATOM   1060 C  C2    . C   A 1 50 ? 2.142   14.980  -3.866  1.00 64.21  ? 50  C   A C2    1 
ATOM   1061 O  O2    . C   A 1 50 ? 1.165   14.244  -4.048  1.00 63.50  ? 50  C   A O2    1 
ATOM   1062 N  N3    . C   A 1 50 ? 2.729   15.081  -2.649  1.00 65.51  ? 50  C   A N3    1 
ATOM   1063 C  C4    . C   A 1 50 ? 3.804   15.875  -2.476  1.00 60.30  ? 50  C   A C4    1 
ATOM   1064 N  N4    . C   A 1 50 ? 4.353   15.948  -1.269  1.00 61.11  ? 50  C   A N4    1 
ATOM   1065 C  C5    . C   A 1 50 ? 4.374   16.630  -3.519  1.00 57.15  ? 50  C   A C5    1 
ATOM   1066 C  C6    . C   A 1 50 ? 3.787   16.518  -4.707  1.00 63.94  ? 50  C   A C6    1 
ATOM   1067 P  P     . U   A 1 51 ? 0.674   17.169  -10.429 1.00 88.00  ? 51  U   A P     1 
ATOM   1068 O  OP1   . U   A 1 51 ? -0.555  16.455  -10.889 1.00 74.76  ? 51  U   A OP1   1 
ATOM   1069 O  OP2   . U   A 1 51 ? 1.957   16.957  -11.170 1.00 74.11  ? 51  U   A OP2   1 
ATOM   1070 O  "O5'" . U   A 1 51 ? 0.394   18.741  -10.290 1.00 84.12  ? 51  U   A "O5'" 1 
ATOM   1071 C  "C5'" . U   A 1 51 ? -0.206  19.302  -9.116  1.00 78.60  ? 51  U   A "C5'" 1 
ATOM   1072 C  "C4'" . U   A 1 51 ? -1.149  20.426  -9.464  1.00 76.44  ? 51  U   A "C4'" 1 
ATOM   1073 O  "O4'" . U   A 1 51 ? -0.557  21.227  -10.530 1.00 78.17  ? 51  U   A "O4'" 1 
ATOM   1074 C  "C3'" . U   A 1 51 ? -2.504  19.976  -9.994  1.00 75.10  ? 51  U   A "C3'" 1 
ATOM   1075 O  "O3'" . U   A 1 51 ? -3.477  20.972  -9.690  1.00 77.18  ? 51  U   A "O3'" 1 
ATOM   1076 C  "C2'" . U   A 1 51 ? -2.257  19.944  -11.497 1.00 74.61  ? 51  U   A "C2'" 1 
ATOM   1077 O  "O2'" . U   A 1 51 ? -3.413  19.992  -12.299 1.00 74.55  ? 51  U   A "O2'" 1 
ATOM   1078 C  "C1'" . U   A 1 51 ? -1.390  21.182  -11.676 1.00 76.46  ? 51  U   A "C1'" 1 
ATOM   1079 N  N1    . U   A 1 51 ? -0.536  21.131  -12.888 1.00 78.84  ? 51  U   A N1    1 
ATOM   1080 C  C2    . U   A 1 51 ? -0.942  21.857  -14.005 1.00 76.66  ? 51  U   A C2    1 
ATOM   1081 O  O2    . U   A 1 51 ? -1.940  22.554  -14.035 1.00 77.87  ? 51  U   A O2    1 
ATOM   1082 N  N3    . U   A 1 51 ? -0.137  21.758  -15.105 1.00 73.85  ? 51  U   A N3    1 
ATOM   1083 C  C4    . U   A 1 51 ? 1.004   21.001  -15.204 1.00 75.72  ? 51  U   A C4    1 
ATOM   1084 O  O4    . U   A 1 51 ? 1.621   21.011  -16.267 1.00 78.44  ? 51  U   A O4    1 
ATOM   1085 C  C5    . U   A 1 51 ? 1.361   20.273  -14.023 1.00 74.83  ? 51  U   A C5    1 
ATOM   1086 C  C6    . U   A 1 51 ? 0.599   20.354  -12.930 1.00 75.83  ? 51  U   A C6    1 
ATOM   1087 P  P     . G   A 1 52 ? -4.279  20.927  -8.296  1.00 81.09  ? 52  G   A P     1 
ATOM   1088 O  OP1   . G   A 1 52 ? -4.759  19.529  -8.119  1.00 72.14  ? 52  G   A OP1   1 
ATOM   1089 O  OP2   . G   A 1 52 ? -5.281  22.022  -8.338  1.00 77.59  ? 52  G   A OP2   1 
ATOM   1090 O  "O5'" . G   A 1 52 ? -3.147  21.268  -7.212  1.00 75.08  ? 52  G   A "O5'" 1 
ATOM   1091 C  "C5'" . G   A 1 52 ? -3.007  22.588  -6.677  1.00 74.93  ? 52  G   A "C5'" 1 
ATOM   1092 C  "C4'" . G   A 1 52 ? -1.886  22.669  -5.655  1.00 79.10  ? 52  G   A "C4'" 1 
ATOM   1093 O  "O4'" . G   A 1 52 ? -0.833  21.747  -6.021  1.00 79.10  ? 52  G   A "O4'" 1 
ATOM   1094 C  "C3'" . G   A 1 52 ? -1.192  24.029  -5.519  1.00 83.15  ? 52  G   A "C3'" 1 
ATOM   1095 O  "O3'" . G   A 1 52 ? -1.846  24.898  -4.603  1.00 74.87  ? 52  G   A "O3'" 1 
ATOM   1096 C  "C2'" . G   A 1 52 ? 0.234   23.676  -5.099  1.00 81.96  ? 52  G   A "C2'" 1 
ATOM   1097 O  "O2'" . G   A 1 52 ? 0.325   23.570  -3.684  1.00 81.88  ? 52  G   A "O2'" 1 
ATOM   1098 C  "C1'" . G   A 1 52 ? 0.430   22.283  -5.710  1.00 75.36  ? 52  G   A "C1'" 1 
ATOM   1099 N  N9    . G   A 1 52 ? 1.234   22.295  -6.945  1.00 78.11  ? 52  G   A N9    1 
ATOM   1100 C  C8    . G   A 1 52 ? 2.386   21.571  -7.137  1.00 82.24  ? 52  G   A C8    1 
ATOM   1101 N  N7    . G   A 1 52 ? 2.907   21.699  -8.329  1.00 80.04  ? 52  G   A N7    1 
ATOM   1102 C  C5    . G   A 1 52 ? 2.027   22.538  -8.981  1.00 77.39  ? 52  G   A C5    1 
ATOM   1103 C  C6    . G   A 1 52 ? 2.081   23.018  -10.311 1.00 77.61  ? 52  G   A C6    1 
ATOM   1104 O  O6    . G   A 1 52 ? 2.939   22.783  -11.170 1.00 79.16  ? 52  G   A O6    1 
ATOM   1105 N  N1    . G   A 1 52 ? 0.998   23.847  -10.597 1.00 76.72  ? 52  G   A N1    1 
ATOM   1106 C  C2    . G   A 1 52 ? 0.000   24.157  -9.694  1.00 78.14  ? 52  G   A C2    1 
ATOM   1107 N  N2    . G   A 1 52 ? -0.962  24.971  -10.149 1.00 76.35  ? 52  G   A N2    1 
ATOM   1108 N  N3    . G   A 1 52 ? -0.060  23.716  -8.443  1.00 75.11  ? 52  G   A N3    1 
ATOM   1109 C  C4    . G   A 1 52 ? 0.982   22.912  -8.151  1.00 78.17  ? 52  G   A C4    1 
HETATM 1110 MN MN    . MN  B 2 .  ? 1.396   1.421   1.910   1.00 48.95  ? 101 MN  A MN    1 
HETATM 1111 MN MN    . MN  C 2 .  ? 4.382   -0.717  2.274   1.00 49.86  ? 102 MN  A MN    1 
HETATM 1112 MN MN    . MN  D 2 .  ? 4.448   1.413   -0.248  1.00 43.83  ? 103 MN  A MN    1 
HETATM 1113 MN MN    . MN  E 2 .  ? 15.283  -11.407 9.455   1.00 98.97  ? 104 MN  A MN    1 
HETATM 1114 MN MN    . MN  F 2 .  ? -0.235  12.300  -1.058  1.00 63.27  ? 105 MN  A MN    1 
HETATM 1115 MN MN    . MN  G 2 .  ? -6.167  0.007   -5.893  1.00 84.19  ? 106 MN  A MN    1 
HETATM 1116 MN MN    . MN  H 2 .  ? -12.574 1.956   -12.839 1.00 91.14  ? 107 MN  A MN    1 
HETATM 1117 MN MN    . MN  I 2 .  ? -21.501 -5.257  -7.287  1.00 111.11 ? 108 MN  A MN    1 
HETATM 1118 MN MN    . MN  J 2 .  ? -25.184 -4.048  -8.375  1.00 102.87 ? 109 MN  A MN    1 
HETATM 1119 K  K     . K   K 3 .  ? 3.615   -2.196  -1.374  1.00 67.56  ? 110 K   A K     1 
HETATM 1120 F  F     . F   L 4 .  ? 3.549   1.185   1.812   1.00 46.21  ? 111 F   A F     1 
HETATM 1121 O  O     . HOH M 5 .  ? 3.197   3.221   -0.389  1.00 48.43  ? 201 HOH A O     1 
HETATM 1122 O  O     . HOH M 5 .  ? 5.459   -2.469  2.974   1.00 46.79  ? 202 HOH A O     1 
HETATM 1123 O  O     . HOH M 5 .  ? 6.135   2.302   0.887   1.00 39.44  ? 203 HOH A O     1 
HETATM 1124 O  O     . HOH M 5 .  ? -0.802  1.456   2.160   1.00 49.24  ? 204 HOH A O     1 
HETATM 1125 O  O     . HOH M 5 .  ? -0.074  12.464  -3.301  1.00 45.45  ? 205 HOH A O     1 
HETATM 1126 O  O     . HOH M 5 .  ? -1.383  10.373  -1.384  1.00 52.10  ? 206 HOH A O     1 
HETATM 1127 O  O     . HOH M 5 .  ? 16.925  -14.935 10.520  1.00 62.29  ? 207 HOH A O     1 
HETATM 1128 O  O     . HOH M 5 .  ? 11.759  -20.639 8.291   1.00 49.11  ? 208 HOH A O     1 
HETATM 1129 O  O     . HOH M 5 .  ? -2.372  12.889  -1.370  1.00 63.61  ? 209 HOH A O     1 
HETATM 1130 O  O     . HOH M 5 .  ? 1.442   10.857  -1.012  1.00 56.86  ? 210 HOH A O     1 
HETATM 1131 O  O     . HOH M 5 .  ? 5.331   -0.643  0.155   1.00 42.40  ? 211 HOH A O     1 
HETATM 1132 O  O     . HOH M 5 .  ? 10.772  3.083   4.460   1.00 71.35  ? 212 HOH A O     1 
HETATM 1133 O  O     . HOH M 5 .  ? 6.260   0.258   2.686   1.00 51.71  ? 213 HOH A O     1 
HETATM 1134 O  O     . HOH M 5 .  ? 16.933  -10.882 12.529  1.00 59.17  ? 214 HOH A O     1 
HETATM 1135 O  O     . HOH M 5 .  ? 13.337  -10.636 8.610   1.00 65.64  ? 215 HOH A O     1 
HETATM 1136 O  O     . HOH M 5 .  ? 18.094  -12.575 10.566  1.00 61.82  ? 216 HOH A O     1 
HETATM 1137 O  O     . HOH M 5 .  ? 7.139   -1.320  -0.279  1.00 58.66  ? 217 HOH A O     1 
HETATM 1138 O  O     . HOH M 5 .  ? 15.762  -12.511 11.419  1.00 71.64  ? 218 HOH A O     1 
HETATM 1139 O  O     . HOH M 5 .  ? 5.546   20.985  -11.131 1.00 67.82  ? 219 HOH A O     1 
# 
loop_
_pdbx_poly_seq_scheme.asym_id 
_pdbx_poly_seq_scheme.entity_id 
_pdbx_poly_seq_scheme.seq_id 
_pdbx_poly_seq_scheme.mon_id 
_pdbx_poly_seq_scheme.ndb_seq_num 
_pdbx_poly_seq_scheme.pdb_seq_num 
_pdbx_poly_seq_scheme.auth_seq_num 
_pdbx_poly_seq_scheme.pdb_mon_id 
_pdbx_poly_seq_scheme.auth_mon_id 
_pdbx_poly_seq_scheme.pdb_strand_id 
_pdbx_poly_seq_scheme.pdb_ins_code 
_pdbx_poly_seq_scheme.hetero 
A 1 1  G 1  1  1  G G A . n 
A 1 2  G 2  2  2  G G A . n 
A 1 3  G 3  3  3  G G A . n 
A 1 4  C 4  4  4  C C A . n 
A 1 5  G 5  5  5  G G A . n 
A 1 6  A 6  6  6  A A A . n 
A 1 7  U 7  7  7  U U A . n 
A 1 8  G 8  8  8  G G A . n 
A 1 9  A 9  9  9  A A A . n 
A 1 10 G 10 10 10 G G A . n 
A 1 11 G 11 11 11 G G A . n 
A 1 12 C 12 12 12 C C A . n 
A 1 13 C 13 13 13 C C A . n 
A 1 14 C 14 14 14 C C A . n 
A 1 15 G 15 15 15 G G A . n 
A 1 16 C 16 16 16 C C A . n 
A 1 17 C 17 17 17 C C A . n 
A 1 18 C 18 18 18 C C A . n 
A 1 19 A 19 19 19 A A A . n 
A 1 20 A 20 20 20 A A A . n 
A 1 21 A 21 21 21 A A A . n 
A 1 22 C 22 22 22 C C A . n 
A 1 23 U 23 23 23 U U A . n 
A 1 24 G 24 24 24 G G A . n 
A 1 25 C 25 25 25 C C A . n 
A 1 26 C 26 26 26 C C A . n 
A 1 27 C 27 27 27 C C A . n 
A 1 28 U 28 28 28 U U A . n 
A 1 29 G 29 29 29 G G A . n 
A 1 30 A 30 30 30 A A A . n 
A 1 31 A 31 31 31 A A A . n 
A 1 32 A 32 32 32 A A A . n 
A 1 33 A 33 33 33 A A A . n 
A 1 34 G 34 34 34 G G A . n 
A 1 35 G 35 35 35 G G A . n 
A 1 36 G 36 36 36 G G A . n 
A 1 37 C 37 37 37 C C A . n 
A 1 38 U 38 38 38 U U A . n 
A 1 39 G 39 39 39 G G A . n 
A 1 40 A 40 40 40 A A A . n 
A 1 41 U 41 41 41 U U A . n 
A 1 42 G 42 42 42 G G A . n 
A 1 43 G 43 43 43 G G A . n 
A 1 44 C 44 44 44 C C A . n 
A 1 45 C 45 45 45 C C A . n 
A 1 46 U 46 46 46 U U A . n 
A 1 47 C 47 47 47 C C A . n 
A 1 48 U 48 48 48 U U A . n 
A 1 49 A 49 49 49 A A A . n 
A 1 50 C 50 50 50 C C A . n 
A 1 51 U 51 51 51 U U A . n 
A 1 52 G 52 52 52 G G A . n 
# 
loop_
_pdbx_nonpoly_scheme.asym_id 
_pdbx_nonpoly_scheme.entity_id 
_pdbx_nonpoly_scheme.mon_id 
_pdbx_nonpoly_scheme.ndb_seq_num 
_pdbx_nonpoly_scheme.pdb_seq_num 
_pdbx_nonpoly_scheme.auth_seq_num 
_pdbx_nonpoly_scheme.pdb_mon_id 
_pdbx_nonpoly_scheme.auth_mon_id 
_pdbx_nonpoly_scheme.pdb_strand_id 
_pdbx_nonpoly_scheme.pdb_ins_code 
B 2 MN  1  101 1  MN  MN  A . 
C 2 MN  1  102 2  MN  MN  A . 
D 2 MN  1  103 3  MN  MN  A . 
E 2 MN  1  104 4  MN  MN  A . 
F 2 MN  1  105 5  MN  MN  A . 
G 2 MN  1  106 6  MN  MN  A . 
H 2 MN  1  107 7  MN  MN  A . 
I 2 MN  1  108 8  MN  MN  A . 
J 2 MN  1  109 9  MN  MN  A . 
K 3 K   1  110 1  K   K   A . 
L 4 F   1  111 1  F   F   A . 
M 5 HOH 1  201 1  HOH HOH A . 
M 5 HOH 2  202 2  HOH HOH A . 
M 5 HOH 3  203 4  HOH HOH A . 
M 5 HOH 4  204 5  HOH HOH A . 
M 5 HOH 5  205 6  HOH HOH A . 
M 5 HOH 6  206 7  HOH HOH A . 
M 5 HOH 7  207 8  HOH HOH A . 
M 5 HOH 8  208 9  HOH HOH A . 
M 5 HOH 9  209 12 HOH HOH A . 
M 5 HOH 10 210 13 HOH HOH A . 
M 5 HOH 11 211 20 HOH HOH A . 
M 5 HOH 12 212 21 HOH HOH A . 
M 5 HOH 13 213 25 HOH HOH A . 
M 5 HOH 14 214 26 HOH HOH A . 
M 5 HOH 15 215 27 HOH HOH A . 
M 5 HOH 16 216 29 HOH HOH A . 
M 5 HOH 17 217 31 HOH HOH A . 
M 5 HOH 18 218 32 HOH HOH A . 
M 5 HOH 19 219 33 HOH HOH A . 
# 
_pdbx_struct_assembly.id                   1 
_pdbx_struct_assembly.details              author_and_software_defined_assembly 
_pdbx_struct_assembly.method_details       PISA 
_pdbx_struct_assembly.oligomeric_details   monomeric 
_pdbx_struct_assembly.oligomeric_count     1 
# 
_pdbx_struct_assembly_gen.assembly_id       1 
_pdbx_struct_assembly_gen.oper_expression   1 
_pdbx_struct_assembly_gen.asym_id_list      A,B,C,D,E,F,G,H,I,J,K,L,M 
# 
_pdbx_struct_oper_list.id                   1 
_pdbx_struct_oper_list.type                 'identity operation' 
_pdbx_struct_oper_list.name                 1_555 
_pdbx_struct_oper_list.symmetry_operation   x,y,z 
_pdbx_struct_oper_list.matrix[1][1]         1.0000000000 
_pdbx_struct_oper_list.matrix[1][2]         0.0000000000 
_pdbx_struct_oper_list.matrix[1][3]         0.0000000000 
_pdbx_struct_oper_list.vector[1]            0.0000000000 
_pdbx_struct_oper_list.matrix[2][1]         0.0000000000 
_pdbx_struct_oper_list.matrix[2][2]         1.0000000000 
_pdbx_struct_oper_list.matrix[2][3]         0.0000000000 
_pdbx_struct_oper_list.vector[2]            0.0000000000 
_pdbx_struct_oper_list.matrix[3][1]         0.0000000000 
_pdbx_struct_oper_list.matrix[3][2]         0.0000000000 
_pdbx_struct_oper_list.matrix[3][3]         1.0000000000 
_pdbx_struct_oper_list.vector[3]            0.0000000000 
# 
loop_
_pdbx_struct_conn_angle.id 
_pdbx_struct_conn_angle.ptnr1_label_atom_id 
_pdbx_struct_conn_angle.ptnr1_label_alt_id 
_pdbx_struct_conn_angle.ptnr1_label_asym_id 
_pdbx_struct_conn_angle.ptnr1_label_comp_id 
_pdbx_struct_conn_angle.ptnr1_label_seq_id 
_pdbx_struct_conn_angle.ptnr1_auth_atom_id 
_pdbx_struct_conn_angle.ptnr1_auth_asym_id 
_pdbx_struct_conn_angle.ptnr1_auth_comp_id 
_pdbx_struct_conn_angle.ptnr1_auth_seq_id 
_pdbx_struct_conn_angle.ptnr1_PDB_ins_code 
_pdbx_struct_conn_angle.ptnr1_symmetry 
_pdbx_struct_conn_angle.ptnr2_label_atom_id 
_pdbx_struct_conn_angle.ptnr2_label_alt_id 
_pdbx_struct_conn_angle.ptnr2_label_asym_id 
_pdbx_struct_conn_angle.ptnr2_label_comp_id 
_pdbx_struct_conn_angle.ptnr2_label_seq_id 
_pdbx_struct_conn_angle.ptnr2_auth_atom_id 
_pdbx_struct_conn_angle.ptnr2_auth_asym_id 
_pdbx_struct_conn_angle.ptnr2_auth_comp_id 
_pdbx_struct_conn_angle.ptnr2_auth_seq_id 
_pdbx_struct_conn_angle.ptnr2_PDB_ins_code 
_pdbx_struct_conn_angle.ptnr2_symmetry 
_pdbx_struct_conn_angle.ptnr3_label_atom_id 
_pdbx_struct_conn_angle.ptnr3_label_alt_id 
_pdbx_struct_conn_angle.ptnr3_label_asym_id 
_pdbx_struct_conn_angle.ptnr3_label_comp_id 
_pdbx_struct_conn_angle.ptnr3_label_seq_id 
_pdbx_struct_conn_angle.ptnr3_auth_atom_id 
_pdbx_struct_conn_angle.ptnr3_auth_asym_id 
_pdbx_struct_conn_angle.ptnr3_auth_comp_id 
_pdbx_struct_conn_angle.ptnr3_auth_seq_id 
_pdbx_struct_conn_angle.ptnr3_PDB_ins_code 
_pdbx_struct_conn_angle.ptnr3_symmetry 
_pdbx_struct_conn_angle.value 
_pdbx_struct_conn_angle.value_esd 
1  N7    ? A G   2  ? A G   2   ? 1_555 MN ? E MN . ? A MN 104 ? 1_555 O     ? M HOH .  ? A HOH 215 ? 1_555 67.4  ? 
2  N7    ? A G   2  ? A G   2   ? 1_555 MN ? E MN . ? A MN 104 ? 1_555 O     ? M HOH .  ? A HOH 218 ? 1_555 125.1 ? 
3  O     ? M HOH .  ? A HOH 215 ? 1_555 MN ? E MN . ? A MN 104 ? 1_555 O     ? M HOH .  ? A HOH 218 ? 1_555 131.5 ? 
4  OP1   ? A G   5  ? A G   5   ? 1_555 K  ? K K  . ? A K  110 ? 1_555 OP1   ? A A   6  ? A A   6   ? 1_555 76.7  ? 
5  OP1   ? A G   5  ? A G   5   ? 1_555 K  ? K K  . ? A K  110 ? 1_555 "O3'" ? A A   6  ? A A   6   ? 1_555 133.0 ? 
6  OP1   ? A A   6  ? A A   6   ? 1_555 K  ? K K  . ? A K  110 ? 1_555 "O3'" ? A A   6  ? A A   6   ? 1_555 75.0  ? 
7  OP1   ? A G   5  ? A G   5   ? 1_555 K  ? K K  . ? A K  110 ? 1_555 OP1   ? A U   7  ? A U   7   ? 1_555 154.0 ? 
8  OP1   ? A A   6  ? A A   6   ? 1_555 K  ? K K  . ? A K  110 ? 1_555 OP1   ? A U   7  ? A U   7   ? 1_555 80.1  ? 
9  "O3'" ? A A   6  ? A A   6   ? 1_555 K  ? K K  . ? A K  110 ? 1_555 OP1   ? A U   7  ? A U   7   ? 1_555 48.7  ? 
10 OP1   ? A G   5  ? A G   5   ? 1_555 K  ? K K  . ? A K  110 ? 1_555 O     ? M HOH .  ? A HOH 211 ? 1_555 95.2  ? 
11 OP1   ? A A   6  ? A A   6   ? 1_555 K  ? K K  . ? A K  110 ? 1_555 O     ? M HOH .  ? A HOH 211 ? 1_555 65.3  ? 
12 "O3'" ? A A   6  ? A A   6   ? 1_555 K  ? K K  . ? A K  110 ? 1_555 O     ? M HOH .  ? A HOH 211 ? 1_555 105.9 ? 
13 OP1   ? A U   7  ? A U   7   ? 1_555 K  ? K K  . ? A K  110 ? 1_555 O     ? M HOH .  ? A HOH 211 ? 1_555 64.2  ? 
14 OP2   ? A A   6  ? A A   6   ? 1_555 MN ? B MN . ? A MN 101 ? 1_555 OP2   ? A U   7  ? A U   7   ? 1_555 90.6  ? 
15 OP2   ? A A   6  ? A A   6   ? 1_555 MN ? B MN . ? A MN 101 ? 1_555 OP1   ? A U   41 ? A U   41  ? 1_555 164.5 ? 
16 OP2   ? A U   7  ? A U   7   ? 1_555 MN ? B MN . ? A MN 101 ? 1_555 OP1   ? A U   41 ? A U   41  ? 1_555 85.4  ? 
17 OP2   ? A A   6  ? A A   6   ? 1_555 MN ? B MN . ? A MN 101 ? 1_555 OP2   ? A G   42 ? A G   42  ? 1_555 89.8  ? 
18 OP2   ? A U   7  ? A U   7   ? 1_555 MN ? B MN . ? A MN 101 ? 1_555 OP2   ? A G   42 ? A G   42  ? 1_555 175.5 ? 
19 OP1   ? A U   41 ? A U   41  ? 1_555 MN ? B MN . ? A MN 101 ? 1_555 OP2   ? A G   42 ? A G   42  ? 1_555 93.1  ? 
20 OP2   ? A A   6  ? A A   6   ? 1_555 MN ? B MN . ? A MN 101 ? 1_555 F     ? L F   .  ? A F   111 ? 1_555 99.9  ? 
21 OP2   ? A U   7  ? A U   7   ? 1_555 MN ? B MN . ? A MN 101 ? 1_555 F     ? L F   .  ? A F   111 ? 1_555 98.0  ? 
22 OP1   ? A U   41 ? A U   41  ? 1_555 MN ? B MN . ? A MN 101 ? 1_555 F     ? L F   .  ? A F   111 ? 1_555 95.5  ? 
23 OP2   ? A G   42 ? A G   42  ? 1_555 MN ? B MN . ? A MN 101 ? 1_555 F     ? L F   .  ? A F   111 ? 1_555 86.3  ? 
24 OP2   ? A A   6  ? A A   6   ? 1_555 MN ? B MN . ? A MN 101 ? 1_555 O     ? M HOH .  ? A HOH 204 ? 1_555 74.6  ? 
25 OP2   ? A U   7  ? A U   7   ? 1_555 MN ? B MN . ? A MN 101 ? 1_555 O     ? M HOH .  ? A HOH 204 ? 1_555 85.8  ? 
26 OP1   ? A U   41 ? A U   41  ? 1_555 MN ? B MN . ? A MN 101 ? 1_555 O     ? M HOH .  ? A HOH 204 ? 1_555 90.1  ? 
27 OP2   ? A G   42 ? A G   42  ? 1_555 MN ? B MN . ? A MN 101 ? 1_555 O     ? M HOH .  ? A HOH 204 ? 1_555 90.0  ? 
28 F     ? L F   .  ? A F   111 ? 1_555 MN ? B MN . ? A MN 101 ? 1_555 O     ? M HOH .  ? A HOH 204 ? 1_555 173.4 ? 
29 OP1   ? A A   6  ? A A   6   ? 1_555 MN ? C MN . ? A MN 102 ? 1_555 OP1   ? A G   42 ? A G   42  ? 1_555 86.5  ? 
30 OP1   ? A A   6  ? A A   6   ? 1_555 MN ? C MN . ? A MN 102 ? 1_555 F     ? L F   .  ? A F   111 ? 1_555 101.2 ? 
31 OP1   ? A G   42 ? A G   42  ? 1_555 MN ? C MN . ? A MN 102 ? 1_555 F     ? L F   .  ? A F   111 ? 1_555 84.4  ? 
32 OP1   ? A A   6  ? A A   6   ? 1_555 MN ? C MN . ? A MN 102 ? 1_555 O     ? M HOH .  ? A HOH 202 ? 1_555 88.1  ? 
33 OP1   ? A G   42 ? A G   42  ? 1_555 MN ? C MN . ? A MN 102 ? 1_555 O     ? M HOH .  ? A HOH 202 ? 1_555 93.1  ? 
34 F     ? L F   .  ? A F   111 ? 1_555 MN ? C MN . ? A MN 102 ? 1_555 O     ? M HOH .  ? A HOH 202 ? 1_555 170.1 ? 
35 OP1   ? A A   6  ? A A   6   ? 1_555 MN ? C MN . ? A MN 102 ? 1_555 O     ? M HOH .  ? A HOH 211 ? 1_555 92.1  ? 
36 OP1   ? A G   42 ? A G   42  ? 1_555 MN ? C MN . ? A MN 102 ? 1_555 O     ? M HOH .  ? A HOH 211 ? 1_555 170.0 ? 
37 F     ? L F   .  ? A F   111 ? 1_555 MN ? C MN . ? A MN 102 ? 1_555 O     ? M HOH .  ? A HOH 211 ? 1_555 86.2  ? 
38 O     ? M HOH .  ? A HOH 202 ? 1_555 MN ? C MN . ? A MN 102 ? 1_555 O     ? M HOH .  ? A HOH 211 ? 1_555 96.7  ? 
39 OP1   ? A A   6  ? A A   6   ? 1_555 MN ? C MN . ? A MN 102 ? 1_555 O     ? M HOH .  ? A HOH 213 ? 1_555 166.1 ? 
40 OP1   ? A G   42 ? A G   42  ? 1_555 MN ? C MN . ? A MN 102 ? 1_555 O     ? M HOH .  ? A HOH 213 ? 1_555 104.3 ? 
41 F     ? L F   .  ? A F   111 ? 1_555 MN ? C MN . ? A MN 102 ? 1_555 O     ? M HOH .  ? A HOH 213 ? 1_555 88.8  ? 
42 O     ? M HOH .  ? A HOH 202 ? 1_555 MN ? C MN . ? A MN 102 ? 1_555 O     ? M HOH .  ? A HOH 213 ? 1_555 82.6  ? 
43 O     ? M HOH .  ? A HOH 211 ? 1_555 MN ? C MN . ? A MN 102 ? 1_555 O     ? M HOH .  ? A HOH 213 ? 1_555 78.7  ? 
44 OP1   ? A U   7  ? A U   7   ? 1_555 MN ? D MN . ? A MN 103 ? 1_555 OP2   ? A G   8  ? A G   8   ? 1_555 100.0 ? 
45 OP1   ? A U   7  ? A U   7   ? 1_555 MN ? D MN . ? A MN 103 ? 1_555 F     ? L F   .  ? A F   111 ? 1_555 96.1  ? 
46 OP2   ? A G   8  ? A G   8   ? 1_555 MN ? D MN . ? A MN 103 ? 1_555 F     ? L F   .  ? A F   111 ? 1_555 160.5 ? 
47 OP1   ? A U   7  ? A U   7   ? 1_555 MN ? D MN . ? A MN 103 ? 1_555 O     ? M HOH .  ? A HOH 201 ? 1_555 88.9  ? 
48 OP2   ? A G   8  ? A G   8   ? 1_555 MN ? D MN . ? A MN 103 ? 1_555 O     ? M HOH .  ? A HOH 201 ? 1_555 84.3  ? 
49 F     ? L F   .  ? A F   111 ? 1_555 MN ? D MN . ? A MN 103 ? 1_555 O     ? M HOH .  ? A HOH 201 ? 1_555 85.1  ? 
50 OP1   ? A U   7  ? A U   7   ? 1_555 MN ? D MN . ? A MN 103 ? 1_555 O     ? M HOH .  ? A HOH 203 ? 1_555 173.2 ? 
51 OP2   ? A G   8  ? A G   8   ? 1_555 MN ? D MN . ? A MN 103 ? 1_555 O     ? M HOH .  ? A HOH 203 ? 1_555 82.3  ? 
52 F     ? L F   .  ? A F   111 ? 1_555 MN ? D MN . ? A MN 103 ? 1_555 O     ? M HOH .  ? A HOH 203 ? 1_555 82.9  ? 
53 O     ? M HOH .  ? A HOH 201 ? 1_555 MN ? D MN . ? A MN 103 ? 1_555 O     ? M HOH .  ? A HOH 203 ? 1_555 97.8  ? 
54 OP1   ? A U   7  ? A U   7   ? 1_555 MN ? D MN . ? A MN 103 ? 1_555 O     ? M HOH .  ? A HOH 211 ? 1_555 84.5  ? 
55 OP2   ? A G   8  ? A G   8   ? 1_555 MN ? D MN . ? A MN 103 ? 1_555 O     ? M HOH .  ? A HOH 211 ? 1_555 107.9 ? 
56 F     ? L F   .  ? A F   111 ? 1_555 MN ? D MN . ? A MN 103 ? 1_555 O     ? M HOH .  ? A HOH 211 ? 1_555 84.4  ? 
57 O     ? M HOH .  ? A HOH 201 ? 1_555 MN ? D MN . ? A MN 103 ? 1_555 O     ? M HOH .  ? A HOH 211 ? 1_555 166.9 ? 
58 O     ? M HOH .  ? A HOH 203 ? 1_555 MN ? D MN . ? A MN 103 ? 1_555 O     ? M HOH .  ? A HOH 211 ? 1_555 88.7  ? 
59 OP2   ? A A   40 ? A A   40  ? 1_555 MN ? F MN . ? A MN 105 ? 1_555 O     ? M HOH .  ? A HOH 205 ? 1_555 169.3 ? 
60 OP2   ? A A   40 ? A A   40  ? 1_555 MN ? F MN . ? A MN 105 ? 1_555 O     ? M HOH .  ? A HOH 206 ? 1_555 84.7  ? 
61 O     ? M HOH .  ? A HOH 205 ? 1_555 MN ? F MN . ? A MN 105 ? 1_555 O     ? M HOH .  ? A HOH 206 ? 1_555 87.4  ? 
62 OP2   ? A A   40 ? A A   40  ? 1_555 MN ? F MN . ? A MN 105 ? 1_555 O     ? M HOH .  ? A HOH 209 ? 1_555 86.0  ? 
63 O     ? M HOH .  ? A HOH 205 ? 1_555 MN ? F MN . ? A MN 105 ? 1_555 O     ? M HOH .  ? A HOH 209 ? 1_555 84.9  ? 
64 O     ? M HOH .  ? A HOH 206 ? 1_555 MN ? F MN . ? A MN 105 ? 1_555 O     ? M HOH .  ? A HOH 209 ? 1_555 73.7  ? 
65 OP2   ? A A   40 ? A A   40  ? 1_555 MN ? F MN . ? A MN 105 ? 1_555 O     ? M HOH .  ? A HOH 210 ? 1_555 95.0  ? 
66 O     ? M HOH .  ? A HOH 205 ? 1_555 MN ? F MN . ? A MN 105 ? 1_555 O     ? M HOH .  ? A HOH 210 ? 1_555 90.8  ? 
67 O     ? M HOH .  ? A HOH 206 ? 1_555 MN ? F MN . ? A MN 105 ? 1_555 O     ? M HOH .  ? A HOH 210 ? 1_555 80.4  ? 
68 O     ? M HOH .  ? A HOH 209 ? 1_555 MN ? F MN . ? A MN 105 ? 1_555 O     ? M HOH .  ? A HOH 210 ? 1_555 153.9 ? 
# 
loop_
_pdbx_audit_revision_history.ordinal 
_pdbx_audit_revision_history.data_content_type 
_pdbx_audit_revision_history.major_revision 
_pdbx_audit_revision_history.minor_revision 
_pdbx_audit_revision_history.revision_date 
1 'Structure model' 1 0 2012-05-09 
2 'Structure model' 1 1 2012-06-20 
3 'Structure model' 1 2 2013-02-13 
4 'Structure model' 1 3 2023-09-13 
# 
_pdbx_audit_revision_details.ordinal             1 
_pdbx_audit_revision_details.revision_ordinal    1 
_pdbx_audit_revision_details.data_content_type   'Structure model' 
_pdbx_audit_revision_details.provider            repository 
_pdbx_audit_revision_details.type                'Initial release' 
_pdbx_audit_revision_details.description         ? 
_pdbx_audit_revision_details.details             ? 
# 
loop_
_pdbx_audit_revision_group.ordinal 
_pdbx_audit_revision_group.revision_ordinal 
_pdbx_audit_revision_group.data_content_type 
_pdbx_audit_revision_group.group 
1 2 'Structure model' 'Database references'    
2 3 'Structure model' 'Structure summary'      
3 4 'Structure model' 'Data collection'        
4 4 'Structure model' 'Database references'    
5 4 'Structure model' 'Derived calculations'   
6 4 'Structure model' 'Refinement description' 
# 
loop_
_pdbx_audit_revision_category.ordinal 
_pdbx_audit_revision_category.revision_ordinal 
_pdbx_audit_revision_category.data_content_type 
_pdbx_audit_revision_category.category 
1 4 'Structure model' chem_comp_atom                
2 4 'Structure model' chem_comp_bond                
3 4 'Structure model' database_2                    
4 4 'Structure model' pdbx_initial_refinement_model 
5 4 'Structure model' pdbx_struct_conn_angle        
6 4 'Structure model' struct_conn                   
7 4 'Structure model' struct_site                   
# 
loop_
_pdbx_audit_revision_item.ordinal 
_pdbx_audit_revision_item.revision_ordinal 
_pdbx_audit_revision_item.data_content_type 
_pdbx_audit_revision_item.item 
1  4 'Structure model' '_database_2.pdbx_DOI'                        
2  4 'Structure model' '_database_2.pdbx_database_accession'         
3  4 'Structure model' '_pdbx_struct_conn_angle.ptnr1_auth_comp_id'  
4  4 'Structure model' '_pdbx_struct_conn_angle.ptnr1_auth_seq_id'   
5  4 'Structure model' '_pdbx_struct_conn_angle.ptnr1_label_asym_id' 
6  4 'Structure model' '_pdbx_struct_conn_angle.ptnr1_label_atom_id' 
7  4 'Structure model' '_pdbx_struct_conn_angle.ptnr1_label_comp_id' 
8  4 'Structure model' '_pdbx_struct_conn_angle.ptnr1_label_seq_id'  
9  4 'Structure model' '_pdbx_struct_conn_angle.ptnr2_auth_comp_id'  
10 4 'Structure model' '_pdbx_struct_conn_angle.ptnr2_auth_seq_id'   
11 4 'Structure model' '_pdbx_struct_conn_angle.ptnr2_label_asym_id' 
12 4 'Structure model' '_pdbx_struct_conn_angle.ptnr2_label_atom_id' 
13 4 'Structure model' '_pdbx_struct_conn_angle.ptnr2_label_comp_id' 
14 4 'Structure model' '_pdbx_struct_conn_angle.ptnr3_auth_comp_id'  
15 4 'Structure model' '_pdbx_struct_conn_angle.ptnr3_auth_seq_id'   
16 4 'Structure model' '_pdbx_struct_conn_angle.ptnr3_label_asym_id' 
17 4 'Structure model' '_pdbx_struct_conn_angle.ptnr3_label_atom_id' 
18 4 'Structure model' '_pdbx_struct_conn_angle.ptnr3_label_comp_id' 
19 4 'Structure model' '_pdbx_struct_conn_angle.ptnr3_label_seq_id'  
20 4 'Structure model' '_pdbx_struct_conn_angle.value'               
21 4 'Structure model' '_struct_conn.pdbx_dist_value'                
22 4 'Structure model' '_struct_conn.ptnr1_auth_comp_id'             
23 4 'Structure model' '_struct_conn.ptnr1_auth_seq_id'              
24 4 'Structure model' '_struct_conn.ptnr1_label_asym_id'            
25 4 'Structure model' '_struct_conn.ptnr1_label_atom_id'            
26 4 'Structure model' '_struct_conn.ptnr1_label_comp_id'            
27 4 'Structure model' '_struct_conn.ptnr1_label_seq_id'             
28 4 'Structure model' '_struct_conn.ptnr2_auth_comp_id'             
29 4 'Structure model' '_struct_conn.ptnr2_auth_seq_id'              
30 4 'Structure model' '_struct_conn.ptnr2_label_asym_id'            
31 4 'Structure model' '_struct_conn.ptnr2_label_atom_id'            
32 4 'Structure model' '_struct_conn.ptnr2_label_comp_id'            
33 4 'Structure model' '_struct_site.pdbx_auth_asym_id'              
34 4 'Structure model' '_struct_site.pdbx_auth_comp_id'              
35 4 'Structure model' '_struct_site.pdbx_auth_seq_id'               
# 
loop_
_software.name 
_software.classification 
_software.version 
_software.citation_id 
_software.pdbx_ordinal 
ADSC     'data collection' Quantum                      ? 1 
PHENIX   'model building'  .                            ? 2 
PHENIX   refinement        '(phenix.refine: 1.7.3_928)' ? 3 
HKL-2000 'data reduction'  .                            ? 4 
HKL-2000 'data scaling'    .                            ? 5 
PHENIX   phasing           .                            ? 6 
# 
_pdbx_validate_close_contact.id               1 
_pdbx_validate_close_contact.PDB_model_num    1 
_pdbx_validate_close_contact.auth_atom_id_1   O 
_pdbx_validate_close_contact.auth_asym_id_1   A 
_pdbx_validate_close_contact.auth_comp_id_1   HOH 
_pdbx_validate_close_contact.auth_seq_id_1    211 
_pdbx_validate_close_contact.PDB_ins_code_1   ? 
_pdbx_validate_close_contact.label_alt_id_1   ? 
_pdbx_validate_close_contact.auth_atom_id_2   O 
_pdbx_validate_close_contact.auth_asym_id_2   A 
_pdbx_validate_close_contact.auth_comp_id_2   HOH 
_pdbx_validate_close_contact.auth_seq_id_2    217 
_pdbx_validate_close_contact.PDB_ins_code_2   ? 
_pdbx_validate_close_contact.label_alt_id_2   ? 
_pdbx_validate_close_contact.dist             1.98 
# 
_pdbx_unobs_or_zero_occ_atoms.id               1 
_pdbx_unobs_or_zero_occ_atoms.PDB_model_num    1 
_pdbx_unobs_or_zero_occ_atoms.polymer_flag     Y 
_pdbx_unobs_or_zero_occ_atoms.occupancy_flag   1 
_pdbx_unobs_or_zero_occ_atoms.auth_asym_id     A 
_pdbx_unobs_or_zero_occ_atoms.auth_comp_id     G 
_pdbx_unobs_or_zero_occ_atoms.auth_seq_id      1 
_pdbx_unobs_or_zero_occ_atoms.PDB_ins_code     ? 
_pdbx_unobs_or_zero_occ_atoms.auth_atom_id     "O5'" 
_pdbx_unobs_or_zero_occ_atoms.label_alt_id     ? 
_pdbx_unobs_or_zero_occ_atoms.label_asym_id    A 
_pdbx_unobs_or_zero_occ_atoms.label_comp_id    G 
_pdbx_unobs_or_zero_occ_atoms.label_seq_id     1 
_pdbx_unobs_or_zero_occ_atoms.label_atom_id    "O5'" 
# 
loop_
_chem_comp_atom.comp_id 
_chem_comp_atom.atom_id 
_chem_comp_atom.type_symbol 
_chem_comp_atom.pdbx_aromatic_flag 
_chem_comp_atom.pdbx_stereo_config 
_chem_comp_atom.pdbx_ordinal 
A   OP3    O  N N 1   
A   P      P  N N 2   
A   OP1    O  N N 3   
A   OP2    O  N N 4   
A   "O5'"  O  N N 5   
A   "C5'"  C  N N 6   
A   "C4'"  C  N R 7   
A   "O4'"  O  N N 8   
A   "C3'"  C  N S 9   
A   "O3'"  O  N N 10  
A   "C2'"  C  N R 11  
A   "O2'"  O  N N 12  
A   "C1'"  C  N R 13  
A   N9     N  Y N 14  
A   C8     C  Y N 15  
A   N7     N  Y N 16  
A   C5     C  Y N 17  
A   C6     C  Y N 18  
A   N6     N  N N 19  
A   N1     N  Y N 20  
A   C2     C  Y N 21  
A   N3     N  Y N 22  
A   C4     C  Y N 23  
A   HOP3   H  N N 24  
A   HOP2   H  N N 25  
A   "H5'"  H  N N 26  
A   "H5''" H  N N 27  
A   "H4'"  H  N N 28  
A   "H3'"  H  N N 29  
A   "HO3'" H  N N 30  
A   "H2'"  H  N N 31  
A   "HO2'" H  N N 32  
A   "H1'"  H  N N 33  
A   H8     H  N N 34  
A   H61    H  N N 35  
A   H62    H  N N 36  
A   H2     H  N N 37  
C   OP3    O  N N 38  
C   P      P  N N 39  
C   OP1    O  N N 40  
C   OP2    O  N N 41  
C   "O5'"  O  N N 42  
C   "C5'"  C  N N 43  
C   "C4'"  C  N R 44  
C   "O4'"  O  N N 45  
C   "C3'"  C  N S 46  
C   "O3'"  O  N N 47  
C   "C2'"  C  N R 48  
C   "O2'"  O  N N 49  
C   "C1'"  C  N R 50  
C   N1     N  N N 51  
C   C2     C  N N 52  
C   O2     O  N N 53  
C   N3     N  N N 54  
C   C4     C  N N 55  
C   N4     N  N N 56  
C   C5     C  N N 57  
C   C6     C  N N 58  
C   HOP3   H  N N 59  
C   HOP2   H  N N 60  
C   "H5'"  H  N N 61  
C   "H5''" H  N N 62  
C   "H4'"  H  N N 63  
C   "H3'"  H  N N 64  
C   "HO3'" H  N N 65  
C   "H2'"  H  N N 66  
C   "HO2'" H  N N 67  
C   "H1'"  H  N N 68  
C   H41    H  N N 69  
C   H42    H  N N 70  
C   H5     H  N N 71  
C   H6     H  N N 72  
F   F      F  N N 73  
G   OP3    O  N N 74  
G   P      P  N N 75  
G   OP1    O  N N 76  
G   OP2    O  N N 77  
G   "O5'"  O  N N 78  
G   "C5'"  C  N N 79  
G   "C4'"  C  N R 80  
G   "O4'"  O  N N 81  
G   "C3'"  C  N S 82  
G   "O3'"  O  N N 83  
G   "C2'"  C  N R 84  
G   "O2'"  O  N N 85  
G   "C1'"  C  N R 86  
G   N9     N  Y N 87  
G   C8     C  Y N 88  
G   N7     N  Y N 89  
G   C5     C  Y N 90  
G   C6     C  N N 91  
G   O6     O  N N 92  
G   N1     N  N N 93  
G   C2     C  N N 94  
G   N2     N  N N 95  
G   N3     N  N N 96  
G   C4     C  Y N 97  
G   HOP3   H  N N 98  
G   HOP2   H  N N 99  
G   "H5'"  H  N N 100 
G   "H5''" H  N N 101 
G   "H4'"  H  N N 102 
G   "H3'"  H  N N 103 
G   "HO3'" H  N N 104 
G   "H2'"  H  N N 105 
G   "HO2'" H  N N 106 
G   "H1'"  H  N N 107 
G   H8     H  N N 108 
G   H1     H  N N 109 
G   H21    H  N N 110 
G   H22    H  N N 111 
HOH O      O  N N 112 
HOH H1     H  N N 113 
HOH H2     H  N N 114 
K   K      K  N N 115 
MN  MN     MN N N 116 
U   OP3    O  N N 117 
U   P      P  N N 118 
U   OP1    O  N N 119 
U   OP2    O  N N 120 
U   "O5'"  O  N N 121 
U   "C5'"  C  N N 122 
U   "C4'"  C  N R 123 
U   "O4'"  O  N N 124 
U   "C3'"  C  N S 125 
U   "O3'"  O  N N 126 
U   "C2'"  C  N R 127 
U   "O2'"  O  N N 128 
U   "C1'"  C  N R 129 
U   N1     N  N N 130 
U   C2     C  N N 131 
U   O2     O  N N 132 
U   N3     N  N N 133 
U   C4     C  N N 134 
U   O4     O  N N 135 
U   C5     C  N N 136 
U   C6     C  N N 137 
U   HOP3   H  N N 138 
U   HOP2   H  N N 139 
U   "H5'"  H  N N 140 
U   "H5''" H  N N 141 
U   "H4'"  H  N N 142 
U   "H3'"  H  N N 143 
U   "HO3'" H  N N 144 
U   "H2'"  H  N N 145 
U   "HO2'" H  N N 146 
U   "H1'"  H  N N 147 
U   H3     H  N N 148 
U   H5     H  N N 149 
U   H6     H  N N 150 
# 
loop_
_chem_comp_bond.comp_id 
_chem_comp_bond.atom_id_1 
_chem_comp_bond.atom_id_2 
_chem_comp_bond.value_order 
_chem_comp_bond.pdbx_aromatic_flag 
_chem_comp_bond.pdbx_stereo_config 
_chem_comp_bond.pdbx_ordinal 
A   OP3   P      sing N N 1   
A   OP3   HOP3   sing N N 2   
A   P     OP1    doub N N 3   
A   P     OP2    sing N N 4   
A   P     "O5'"  sing N N 5   
A   OP2   HOP2   sing N N 6   
A   "O5'" "C5'"  sing N N 7   
A   "C5'" "C4'"  sing N N 8   
A   "C5'" "H5'"  sing N N 9   
A   "C5'" "H5''" sing N N 10  
A   "C4'" "O4'"  sing N N 11  
A   "C4'" "C3'"  sing N N 12  
A   "C4'" "H4'"  sing N N 13  
A   "O4'" "C1'"  sing N N 14  
A   "C3'" "O3'"  sing N N 15  
A   "C3'" "C2'"  sing N N 16  
A   "C3'" "H3'"  sing N N 17  
A   "O3'" "HO3'" sing N N 18  
A   "C2'" "O2'"  sing N N 19  
A   "C2'" "C1'"  sing N N 20  
A   "C2'" "H2'"  sing N N 21  
A   "O2'" "HO2'" sing N N 22  
A   "C1'" N9     sing N N 23  
A   "C1'" "H1'"  sing N N 24  
A   N9    C8     sing Y N 25  
A   N9    C4     sing Y N 26  
A   C8    N7     doub Y N 27  
A   C8    H8     sing N N 28  
A   N7    C5     sing Y N 29  
A   C5    C6     sing Y N 30  
A   C5    C4     doub Y N 31  
A   C6    N6     sing N N 32  
A   C6    N1     doub Y N 33  
A   N6    H61    sing N N 34  
A   N6    H62    sing N N 35  
A   N1    C2     sing Y N 36  
A   C2    N3     doub Y N 37  
A   C2    H2     sing N N 38  
A   N3    C4     sing Y N 39  
C   OP3   P      sing N N 40  
C   OP3   HOP3   sing N N 41  
C   P     OP1    doub N N 42  
C   P     OP2    sing N N 43  
C   P     "O5'"  sing N N 44  
C   OP2   HOP2   sing N N 45  
C   "O5'" "C5'"  sing N N 46  
C   "C5'" "C4'"  sing N N 47  
C   "C5'" "H5'"  sing N N 48  
C   "C5'" "H5''" sing N N 49  
C   "C4'" "O4'"  sing N N 50  
C   "C4'" "C3'"  sing N N 51  
C   "C4'" "H4'"  sing N N 52  
C   "O4'" "C1'"  sing N N 53  
C   "C3'" "O3'"  sing N N 54  
C   "C3'" "C2'"  sing N N 55  
C   "C3'" "H3'"  sing N N 56  
C   "O3'" "HO3'" sing N N 57  
C   "C2'" "O2'"  sing N N 58  
C   "C2'" "C1'"  sing N N 59  
C   "C2'" "H2'"  sing N N 60  
C   "O2'" "HO2'" sing N N 61  
C   "C1'" N1     sing N N 62  
C   "C1'" "H1'"  sing N N 63  
C   N1    C2     sing N N 64  
C   N1    C6     sing N N 65  
C   C2    O2     doub N N 66  
C   C2    N3     sing N N 67  
C   N3    C4     doub N N 68  
C   C4    N4     sing N N 69  
C   C4    C5     sing N N 70  
C   N4    H41    sing N N 71  
C   N4    H42    sing N N 72  
C   C5    C6     doub N N 73  
C   C5    H5     sing N N 74  
C   C6    H6     sing N N 75  
G   OP3   P      sing N N 76  
G   OP3   HOP3   sing N N 77  
G   P     OP1    doub N N 78  
G   P     OP2    sing N N 79  
G   P     "O5'"  sing N N 80  
G   OP2   HOP2   sing N N 81  
G   "O5'" "C5'"  sing N N 82  
G   "C5'" "C4'"  sing N N 83  
G   "C5'" "H5'"  sing N N 84  
G   "C5'" "H5''" sing N N 85  
G   "C4'" "O4'"  sing N N 86  
G   "C4'" "C3'"  sing N N 87  
G   "C4'" "H4'"  sing N N 88  
G   "O4'" "C1'"  sing N N 89  
G   "C3'" "O3'"  sing N N 90  
G   "C3'" "C2'"  sing N N 91  
G   "C3'" "H3'"  sing N N 92  
G   "O3'" "HO3'" sing N N 93  
G   "C2'" "O2'"  sing N N 94  
G   "C2'" "C1'"  sing N N 95  
G   "C2'" "H2'"  sing N N 96  
G   "O2'" "HO2'" sing N N 97  
G   "C1'" N9     sing N N 98  
G   "C1'" "H1'"  sing N N 99  
G   N9    C8     sing Y N 100 
G   N9    C4     sing Y N 101 
G   C8    N7     doub Y N 102 
G   C8    H8     sing N N 103 
G   N7    C5     sing Y N 104 
G   C5    C6     sing N N 105 
G   C5    C4     doub Y N 106 
G   C6    O6     doub N N 107 
G   C6    N1     sing N N 108 
G   N1    C2     sing N N 109 
G   N1    H1     sing N N 110 
G   C2    N2     sing N N 111 
G   C2    N3     doub N N 112 
G   N2    H21    sing N N 113 
G   N2    H22    sing N N 114 
G   N3    C4     sing N N 115 
HOH O     H1     sing N N 116 
HOH O     H2     sing N N 117 
U   OP3   P      sing N N 118 
U   OP3   HOP3   sing N N 119 
U   P     OP1    doub N N 120 
U   P     OP2    sing N N 121 
U   P     "O5'"  sing N N 122 
U   OP2   HOP2   sing N N 123 
U   "O5'" "C5'"  sing N N 124 
U   "C5'" "C4'"  sing N N 125 
U   "C5'" "H5'"  sing N N 126 
U   "C5'" "H5''" sing N N 127 
U   "C4'" "O4'"  sing N N 128 
U   "C4'" "C3'"  sing N N 129 
U   "C4'" "H4'"  sing N N 130 
U   "O4'" "C1'"  sing N N 131 
U   "C3'" "O3'"  sing N N 132 
U   "C3'" "C2'"  sing N N 133 
U   "C3'" "H3'"  sing N N 134 
U   "O3'" "HO3'" sing N N 135 
U   "C2'" "O2'"  sing N N 136 
U   "C2'" "C1'"  sing N N 137 
U   "C2'" "H2'"  sing N N 138 
U   "O2'" "HO2'" sing N N 139 
U   "C1'" N1     sing N N 140 
U   "C1'" "H1'"  sing N N 141 
U   N1    C2     sing N N 142 
U   N1    C6     sing N N 143 
U   C2    O2     doub N N 144 
U   C2    N3     sing N N 145 
U   N3    C4     sing N N 146 
U   N3    H3     sing N N 147 
U   C4    O4     doub N N 148 
U   C4    C5     sing N N 149 
U   C5    C6     doub N N 150 
U   C5    H5     sing N N 151 
U   C6    H6     sing N N 152 
# 
loop_
_ndb_struct_conf_na.entry_id 
_ndb_struct_conf_na.feature 
3VRS 'double helix'         
3VRS 'a-form double helix'  
3VRS tetraloop              
3VRS 'mismatched base pair' 
# 
loop_
_ndb_struct_na_base_pair.model_number 
_ndb_struct_na_base_pair.i_label_asym_id 
_ndb_struct_na_base_pair.i_label_comp_id 
_ndb_struct_na_base_pair.i_label_seq_id 
_ndb_struct_na_base_pair.i_symmetry 
_ndb_struct_na_base_pair.j_label_asym_id 
_ndb_struct_na_base_pair.j_label_comp_id 
_ndb_struct_na_base_pair.j_label_seq_id 
_ndb_struct_na_base_pair.j_symmetry 
_ndb_struct_na_base_pair.shear 
_ndb_struct_na_base_pair.stretch 
_ndb_struct_na_base_pair.stagger 
_ndb_struct_na_base_pair.buckle 
_ndb_struct_na_base_pair.propeller 
_ndb_struct_na_base_pair.opening 
_ndb_struct_na_base_pair.pair_number 
_ndb_struct_na_base_pair.pair_name 
_ndb_struct_na_base_pair.i_auth_asym_id 
_ndb_struct_na_base_pair.i_auth_seq_id 
_ndb_struct_na_base_pair.i_PDB_ins_code 
_ndb_struct_na_base_pair.j_auth_asym_id 
_ndb_struct_na_base_pair.j_auth_seq_id 
_ndb_struct_na_base_pair.j_PDB_ins_code 
_ndb_struct_na_base_pair.hbond_type_28 
_ndb_struct_na_base_pair.hbond_type_12 
1 A G 2  1_555 A C 17 1_555 0.045  -0.200 0.791  12.785  -1.271  -2.614  1  A_G2:C17_A  A 2  ? A 17 ? 19 1 
1 A G 3  1_555 A C 16 1_555 -0.674 -0.121 0.286  3.065   -14.897 2.779   2  A_G3:C16_A  A 3  ? A 16 ? 19 1 
1 A C 4  1_555 A G 15 1_555 0.405  -0.205 0.522  0.755   -9.723  -0.710  3  A_C4:G15_A  A 4  ? A 15 ? 19 1 
1 A G 5  1_555 A C 14 1_555 -0.198 -0.046 0.170  -3.191  3.229   3.709   4  A_G5:C14_A  A 5  ? A 14 ? 19 1 
1 A G 42 1_555 A C 13 1_555 -0.374 0.025  -0.271 -5.144  -8.699  5.701   5  A_G42:C13_A A 42 ? A 13 ? 19 1 
1 A G 43 1_555 A C 12 1_555 -0.087 -0.045 0.284  14.478  3.956   3.095   6  A_G43:C12_A A 43 ? A 12 ? 19 1 
1 A C 44 1_555 A G 11 1_555 0.020  -0.065 -0.221 9.446   1.544   1.106   7  A_C44:G11_A A 44 ? A 11 ? 19 1 
1 A C 45 1_555 A G 10 1_555 0.343  0.272  1.190  -15.354 11.504  10.134  8  A_C45:G10_A A 45 ? A 10 ? ?  1 
1 A U 46 1_555 A A 9  1_555 0.380  -0.229 -0.526 15.001  -15.497 3.294   9  A_U46:A9_A  A 46 ? A 9  ? 20 1 
1 A C 47 1_555 A G 8  1_555 0.396  -0.108 0.532  -4.387  -3.400  6.361   10 A_C47:G8_A  A 47 ? A 8  ? 19 1 
1 A U 48 1_555 A A 40 1_555 4.372  -2.305 -0.592 -16.470 -4.478  -91.089 11 A_U48:A40_A A 48 ? A 40 ? 24 4 
1 A A 6  1_555 A U 38 1_555 0.116  1.378  0.357  -8.234  -2.093  164.368 12 A_A6:U38_A  A 6  ? A 38 ? 21 2 
1 A G 24 1_555 A C 37 1_555 -0.235 -0.014 0.310  9.918   -0.657  6.283   13 A_G24:C37_A A 24 ? A 37 ? 19 1 
1 A C 25 1_555 A G 36 1_555 0.089  -0.053 -0.125 11.149  -8.882  6.868   14 A_C25:G36_A A 25 ? A 36 ? 19 1 
1 A C 26 1_555 A G 35 1_555 0.781  -0.197 0.012  8.042   -12.290 7.870   15 A_C26:G35_A A 26 ? A 35 ? 19 1 
1 A C 27 1_555 A G 34 1_555 -0.313 -0.073 -0.060 2.201   -12.817 2.467   16 A_C27:G34_A A 27 ? A 34 ? 19 1 
1 A U 28 1_555 A A 33 1_555 -0.036 -0.155 -0.187 3.121   3.592   3.183   17 A_U28:A33_A A 28 ? A 33 ? 20 1 
1 A G 29 1_555 A A 32 1_555 6.920  -5.038 0.892  11.954  8.026   -13.535 18 A_G29:A32_A A 29 ? A 32 ? ?  ? 
# 
loop_
_ndb_struct_na_base_pair_step.model_number 
_ndb_struct_na_base_pair_step.i_label_asym_id_1 
_ndb_struct_na_base_pair_step.i_label_comp_id_1 
_ndb_struct_na_base_pair_step.i_label_seq_id_1 
_ndb_struct_na_base_pair_step.i_symmetry_1 
_ndb_struct_na_base_pair_step.j_label_asym_id_1 
_ndb_struct_na_base_pair_step.j_label_comp_id_1 
_ndb_struct_na_base_pair_step.j_label_seq_id_1 
_ndb_struct_na_base_pair_step.j_symmetry_1 
_ndb_struct_na_base_pair_step.i_label_asym_id_2 
_ndb_struct_na_base_pair_step.i_label_comp_id_2 
_ndb_struct_na_base_pair_step.i_label_seq_id_2 
_ndb_struct_na_base_pair_step.i_symmetry_2 
_ndb_struct_na_base_pair_step.j_label_asym_id_2 
_ndb_struct_na_base_pair_step.j_label_comp_id_2 
_ndb_struct_na_base_pair_step.j_label_seq_id_2 
_ndb_struct_na_base_pair_step.j_symmetry_2 
_ndb_struct_na_base_pair_step.shift 
_ndb_struct_na_base_pair_step.slide 
_ndb_struct_na_base_pair_step.rise 
_ndb_struct_na_base_pair_step.tilt 
_ndb_struct_na_base_pair_step.roll 
_ndb_struct_na_base_pair_step.twist 
_ndb_struct_na_base_pair_step.x_displacement 
_ndb_struct_na_base_pair_step.y_displacement 
_ndb_struct_na_base_pair_step.helical_rise 
_ndb_struct_na_base_pair_step.inclination 
_ndb_struct_na_base_pair_step.tip 
_ndb_struct_na_base_pair_step.helical_twist 
_ndb_struct_na_base_pair_step.step_number 
_ndb_struct_na_base_pair_step.step_name 
_ndb_struct_na_base_pair_step.i_auth_asym_id_1 
_ndb_struct_na_base_pair_step.i_auth_seq_id_1 
_ndb_struct_na_base_pair_step.i_PDB_ins_code_1 
_ndb_struct_na_base_pair_step.j_auth_asym_id_1 
_ndb_struct_na_base_pair_step.j_auth_seq_id_1 
_ndb_struct_na_base_pair_step.j_PDB_ins_code_1 
_ndb_struct_na_base_pair_step.i_auth_asym_id_2 
_ndb_struct_na_base_pair_step.i_auth_seq_id_2 
_ndb_struct_na_base_pair_step.i_PDB_ins_code_2 
_ndb_struct_na_base_pair_step.j_auth_asym_id_2 
_ndb_struct_na_base_pair_step.j_auth_seq_id_2 
_ndb_struct_na_base_pair_step.j_PDB_ins_code_2 
1 A G 2  1_555 A C 17 1_555 A G 3  1_555 A C 16 1_555 0.716  -1.956 3.264  5.499   4.494    32.062  -4.215 -0.345 3.047  8.013  
-9.806  32.818   1  AA_G2G3:C16C17_AA   A 2  ? A 17 ? A 3  ? A 16 ? 
1 A G 3  1_555 A C 16 1_555 A C 4  1_555 A G 15 1_555 0.066  -1.788 3.203  -0.827  1.556    38.864  -2.868 -0.196 3.130  2.337  
1.243   38.902   2  AA_G3C4:G15C16_AA   A 3  ? A 16 ? A 4  ? A 15 ? 
1 A C 4  1_555 A G 15 1_555 A G 5  1_555 A C 14 1_555 -0.148 -1.765 3.090  4.421   8.827    30.470  -4.588 0.963  2.451  16.267 
-8.147  31.993   3  AA_C4G5:C14G15_AA   A 4  ? A 15 ? A 5  ? A 14 ? 
1 A G 5  1_555 A C 14 1_555 A G 42 1_555 A C 13 1_555 0.192  -1.918 3.194  6.202   3.308    30.562  -4.144 0.758  2.956  6.174  
-11.574 31.341   4  AA_G5G42:C13C14_AA  A 5  ? A 14 ? A 42 ? A 13 ? 
1 A G 42 1_555 A C 13 1_555 A G 43 1_555 A C 12 1_555 -0.530 -1.329 2.570  -5.181  0.533    33.430  -2.352 0.246  2.600  0.920  
8.939   33.822   5  AA_G42G43:C12C13_AA A 42 ? A 13 ? A 43 ? A 12 ? 
1 A G 43 1_555 A C 12 1_555 A C 44 1_555 A G 11 1_555 -0.094 -1.520 3.276  2.374   13.102   33.857  -4.123 0.456  2.523  21.494 
-3.895  36.309   6  AA_G43C44:G11C12_AA A 43 ? A 12 ? A 44 ? A 11 ? 
1 A C 44 1_555 A G 11 1_555 A C 45 1_555 A G 10 1_555 0.415  -1.878 3.681  -7.395  25.522   38.346  -4.473 -1.132 2.013  34.305 
9.940   46.366   7  AA_C44C45:G10G11_AA A 44 ? A 11 ? A 45 ? A 10 ? 
1 A C 45 1_555 A G 10 1_555 A U 46 1_555 A A 9  1_555 -0.015 -1.966 2.378  13.062  -4.232   29.405  -2.951 1.799  2.409  -7.822 
-24.143 32.388   8  AA_C45U46:A9G10_AA  A 45 ? A 10 ? A 46 ? A 9  ? 
1 A U 46 1_555 A A 9  1_555 A C 47 1_555 A G 8  1_555 -0.243 -2.180 3.644  -11.859 10.195   29.357  -5.575 -1.619 2.664  18.551 
21.578  33.182   9  AA_U46C47:G8A9_AA   A 46 ? A 9  ? A 47 ? A 8  ? 
1 A C 47 1_555 A G 8  1_555 A U 48 1_555 A A 40 1_555 -2.815 -2.021 3.262  11.268  5.507    81.815  -1.658 2.392  2.809  4.183  
-8.559  82.604   10 AA_C47U48:A40G8_AA  A 47 ? A 8  ? A 48 ? A 40 ? 
1 A A 6  1_555 A U 38 1_555 A G 24 1_555 A C 37 1_555 -0.486 -4.007 -0.895 109.980 -132.831 -32.448 0.904  -1.157 -2.916 68.509 
56.724  -172.753 11 AA_A6G24:C37U38_AA  A 6  ? A 38 ? A 24 ? A 37 ? 
1 A G 24 1_555 A C 37 1_555 A C 25 1_555 A G 36 1_555 -0.032 -1.892 3.212  1.519   1.350    30.531  -3.844 0.351  3.122  2.560  
-2.881  30.596   12 AA_G24C25:G36C37_AA A 24 ? A 37 ? A 25 ? A 36 ? 
1 A C 25 1_555 A G 36 1_555 A C 26 1_555 A G 35 1_555 -0.078 -1.880 3.273  -2.655  6.400    31.819  -4.412 -0.299 2.848  11.503 
4.771   32.545   13 AA_C25C26:G35G36_AA A 25 ? A 36 ? A 26 ? A 35 ? 
1 A C 26 1_555 A G 35 1_555 A C 27 1_555 A G 34 1_555 -0.750 -2.116 3.247  -0.767  7.194    28.676  -5.549 1.320  2.667  14.241 
1.519   29.556   14 AA_C26C27:G34G35_AA A 26 ? A 35 ? A 27 ? A 34 ? 
1 A C 27 1_555 A G 34 1_555 A U 28 1_555 A A 33 1_555 0.003  -2.053 3.338  -2.272  4.728    28.632  -5.091 -0.489 2.959  9.460  
4.546   29.099   15 AA_C27U28:A33G34_AA A 27 ? A 34 ? A 28 ? A 33 ? 
1 A U 28 1_555 A A 33 1_555 A G 29 1_555 A A 32 1_555 -1.937 -1.180 3.002  -1.860  11.528   52.364  -1.957 2.045  2.767  12.882 
2.079   53.560   16 AA_U28G29:A32A33_AA A 28 ? A 33 ? A 29 ? A 32 ? 
# 
loop_
_pdbx_entity_nonpoly.entity_id 
_pdbx_entity_nonpoly.name 
_pdbx_entity_nonpoly.comp_id 
2 'MANGANESE (II) ION' MN  
3 'POTASSIUM ION'      K   
4 'FLUORIDE ION'       F   
5 water                HOH 
# 
_pdbx_initial_refinement_model.id               1 
_pdbx_initial_refinement_model.entity_id_list   ? 
_pdbx_initial_refinement_model.type             'experimental model' 
_pdbx_initial_refinement_model.source_name      PDB 
_pdbx_initial_refinement_model.accession_code   4ENB 
_pdbx_initial_refinement_model.details          'PDB ENTRY 4ENB' 
# 
